data_1NA5
# 
_entry.id   1NA5 
# 
_audit_conform.dict_name       mmcif_pdbx.dic 
_audit_conform.dict_version    5.376 
_audit_conform.dict_location   http://mmcif.pdb.org/dictionaries/ascii/mmcif_pdbx.dic 
# 
loop_
_database_2.database_id 
_database_2.database_code 
_database_2.pdbx_database_accession 
_database_2.pdbx_DOI 
PDB   1NA5         pdb_00001na5 10.2210/pdb1na5/pdb 
RCSB  RCSB017709   ?            ?                   
WWPDB D_1000017709 ?            ?                   
# 
_pdbx_database_status.status_code                     REL 
_pdbx_database_status.entry_id                        1NA5 
_pdbx_database_status.recvd_initial_deposition_date   2002-11-26 
_pdbx_database_status.deposit_site                    RCSB 
_pdbx_database_status.process_site                    RCSB 
_pdbx_database_status.status_code_sf                  REL 
_pdbx_database_status.SG_entry                        . 
_pdbx_database_status.pdb_format_compatible           Y 
_pdbx_database_status.status_code_mr                  ? 
_pdbx_database_status.status_code_cs                  ? 
_pdbx_database_status.status_code_nmr_data            ? 
_pdbx_database_status.methods_development_category    ? 
# 
loop_
_audit_author.name 
_audit_author.pdbx_ordinal 
'McCleverty, C.J.' 1 
'Liddington, R.C.' 2 
# 
_citation.id                        primary 
_citation.title                     
'Engineered allosteric mutants of the integrin alphaMbeta2 I domain: structural and functional studies' 
_citation.journal_abbrev            Biochem.J. 
_citation.journal_volume            372 
_citation.page_first                121 
_citation.page_last                 127 
_citation.year                      2003 
_citation.journal_id_ASTM           BIJOAK 
_citation.country                   UK 
_citation.journal_id_ISSN           0264-6021 
_citation.journal_id_CSD            0043 
_citation.book_publisher            ? 
_citation.pdbx_database_id_PubMed   12611591 
_citation.pdbx_database_id_DOI      10.1042/BJ20021273 
# 
loop_
_citation_author.citation_id 
_citation_author.name 
_citation_author.ordinal 
_citation_author.identifier_ORCID 
primary 'McCleverty, C.J.' 1 ? 
primary 'Liddington, R.C.' 2 ? 
# 
_cell.entry_id           1NA5 
_cell.length_a           38.370 
_cell.length_b           50.930 
_cell.length_c           102.380 
_cell.angle_alpha        90.00 
_cell.angle_beta         90.00 
_cell.angle_gamma        90.00 
_cell.Z_PDB              4 
_cell.pdbx_unique_axis   ? 
# 
_symmetry.entry_id                         1NA5 
_symmetry.space_group_name_H-M             'P 21 21 21' 
_symmetry.pdbx_full_space_group_name_H-M   ? 
_symmetry.cell_setting                     ? 
_symmetry.Int_Tables_number                19 
# 
loop_
_entity.id 
_entity.type 
_entity.src_method 
_entity.pdbx_description 
_entity.formula_weight 
_entity.pdbx_number_of_molecules 
_entity.pdbx_ec 
_entity.pdbx_mutation 
_entity.pdbx_fragment 
_entity.details 
1 polymer man 'Integrin alpha-M' 22461.680 1   ? ? 'Alpha M I domain' ? 
2 water   nat water              18.015    178 ? ? ?                  ? 
# 
_entity_name_com.entity_id   1 
_entity_name_com.name        
;Cell surface glycoprotein MAC-1 alpha subunit, CR-3 alpha chain, CD11b, Leukocyte adhesion receptor MO1, Neutrophil adherence receptor
;
# 
_entity_poly.entity_id                      1 
_entity_poly.type                           'polypeptide(L)' 
_entity_poly.nstd_linkage                   no 
_entity_poly.nstd_monomer                   no 
_entity_poly.pdbx_seq_one_letter_code       
;CPQEDSDIAFLIDGSGSIIPHDFRRMKEFVSTVMEQLKKSKTLFSLMQYSEEFRIHFTFKEFQNNPNPRSLVKPITQLLG
RTHTATGIRKVVRELFNITNGARKNAFKILVVITDGEKFGDPLGYEDVIPEADREGVIRYVIGVGDAFRSEKSRQELNTI
ASKPPRDHVFQVNNFEALKTIQNQLREKIFAIGSPGI
;
_entity_poly.pdbx_seq_one_letter_code_can   
;CPQEDSDIAFLIDGSGSIIPHDFRRMKEFVSTVMEQLKKSKTLFSLMQYSEEFRIHFTFKEFQNNPNPRSLVKPITQLLG
RTHTATGIRKVVRELFNITNGARKNAFKILVVITDGEKFGDPLGYEDVIPEADREGVIRYVIGVGDAFRSEKSRQELNTI
ASKPPRDHVFQVNNFEALKTIQNQLREKIFAIGSPGI
;
_entity_poly.pdbx_strand_id                 A 
_entity_poly.pdbx_target_identifier         ? 
# 
loop_
_entity_poly_seq.entity_id 
_entity_poly_seq.num 
_entity_poly_seq.mon_id 
_entity_poly_seq.hetero 
1 1   CYS n 
1 2   PRO n 
1 3   GLN n 
1 4   GLU n 
1 5   ASP n 
1 6   SER n 
1 7   ASP n 
1 8   ILE n 
1 9   ALA n 
1 10  PHE n 
1 11  LEU n 
1 12  ILE n 
1 13  ASP n 
1 14  GLY n 
1 15  SER n 
1 16  GLY n 
1 17  SER n 
1 18  ILE n 
1 19  ILE n 
1 20  PRO n 
1 21  HIS n 
1 22  ASP n 
1 23  PHE n 
1 24  ARG n 
1 25  ARG n 
1 26  MET n 
1 27  LYS n 
1 28  GLU n 
1 29  PHE n 
1 30  VAL n 
1 31  SER n 
1 32  THR n 
1 33  VAL n 
1 34  MET n 
1 35  GLU n 
1 36  GLN n 
1 37  LEU n 
1 38  LYS n 
1 39  LYS n 
1 40  SER n 
1 41  LYS n 
1 42  THR n 
1 43  LEU n 
1 44  PHE n 
1 45  SER n 
1 46  LEU n 
1 47  MET n 
1 48  GLN n 
1 49  TYR n 
1 50  SER n 
1 51  GLU n 
1 52  GLU n 
1 53  PHE n 
1 54  ARG n 
1 55  ILE n 
1 56  HIS n 
1 57  PHE n 
1 58  THR n 
1 59  PHE n 
1 60  LYS n 
1 61  GLU n 
1 62  PHE n 
1 63  GLN n 
1 64  ASN n 
1 65  ASN n 
1 66  PRO n 
1 67  ASN n 
1 68  PRO n 
1 69  ARG n 
1 70  SER n 
1 71  LEU n 
1 72  VAL n 
1 73  LYS n 
1 74  PRO n 
1 75  ILE n 
1 76  THR n 
1 77  GLN n 
1 78  LEU n 
1 79  LEU n 
1 80  GLY n 
1 81  ARG n 
1 82  THR n 
1 83  HIS n 
1 84  THR n 
1 85  ALA n 
1 86  THR n 
1 87  GLY n 
1 88  ILE n 
1 89  ARG n 
1 90  LYS n 
1 91  VAL n 
1 92  VAL n 
1 93  ARG n 
1 94  GLU n 
1 95  LEU n 
1 96  PHE n 
1 97  ASN n 
1 98  ILE n 
1 99  THR n 
1 100 ASN n 
1 101 GLY n 
1 102 ALA n 
1 103 ARG n 
1 104 LYS n 
1 105 ASN n 
1 106 ALA n 
1 107 PHE n 
1 108 LYS n 
1 109 ILE n 
1 110 LEU n 
1 111 VAL n 
1 112 VAL n 
1 113 ILE n 
1 114 THR n 
1 115 ASP n 
1 116 GLY n 
1 117 GLU n 
1 118 LYS n 
1 119 PHE n 
1 120 GLY n 
1 121 ASP n 
1 122 PRO n 
1 123 LEU n 
1 124 GLY n 
1 125 TYR n 
1 126 GLU n 
1 127 ASP n 
1 128 VAL n 
1 129 ILE n 
1 130 PRO n 
1 131 GLU n 
1 132 ALA n 
1 133 ASP n 
1 134 ARG n 
1 135 GLU n 
1 136 GLY n 
1 137 VAL n 
1 138 ILE n 
1 139 ARG n 
1 140 TYR n 
1 141 VAL n 
1 142 ILE n 
1 143 GLY n 
1 144 VAL n 
1 145 GLY n 
1 146 ASP n 
1 147 ALA n 
1 148 PHE n 
1 149 ARG n 
1 150 SER n 
1 151 GLU n 
1 152 LYS n 
1 153 SER n 
1 154 ARG n 
1 155 GLN n 
1 156 GLU n 
1 157 LEU n 
1 158 ASN n 
1 159 THR n 
1 160 ILE n 
1 161 ALA n 
1 162 SER n 
1 163 LYS n 
1 164 PRO n 
1 165 PRO n 
1 166 ARG n 
1 167 ASP n 
1 168 HIS n 
1 169 VAL n 
1 170 PHE n 
1 171 GLN n 
1 172 VAL n 
1 173 ASN n 
1 174 ASN n 
1 175 PHE n 
1 176 GLU n 
1 177 ALA n 
1 178 LEU n 
1 179 LYS n 
1 180 THR n 
1 181 ILE n 
1 182 GLN n 
1 183 ASN n 
1 184 GLN n 
1 185 LEU n 
1 186 ARG n 
1 187 GLU n 
1 188 LYS n 
1 189 ILE n 
1 190 PHE n 
1 191 ALA n 
1 192 ILE n 
1 193 GLY n 
1 194 SER n 
1 195 PRO n 
1 196 GLY n 
1 197 ILE n 
# 
_entity_src_gen.entity_id                          1 
_entity_src_gen.pdbx_src_id                        1 
_entity_src_gen.pdbx_alt_source_flag               sample 
_entity_src_gen.pdbx_seq_type                      ? 
_entity_src_gen.pdbx_beg_seq_num                   ? 
_entity_src_gen.pdbx_end_seq_num                   ? 
_entity_src_gen.gene_src_common_name               human 
_entity_src_gen.gene_src_genus                     Homo 
_entity_src_gen.pdbx_gene_src_gene                 'ITGAM OR CR3A OR CD11B' 
_entity_src_gen.gene_src_species                   ? 
_entity_src_gen.gene_src_strain                    ? 
_entity_src_gen.gene_src_tissue                    ? 
_entity_src_gen.gene_src_tissue_fraction           ? 
_entity_src_gen.gene_src_details                   ? 
_entity_src_gen.pdbx_gene_src_fragment             ? 
_entity_src_gen.pdbx_gene_src_scientific_name      'Homo sapiens' 
_entity_src_gen.pdbx_gene_src_ncbi_taxonomy_id     9606 
_entity_src_gen.pdbx_gene_src_variant              ? 
_entity_src_gen.pdbx_gene_src_cell_line            ? 
_entity_src_gen.pdbx_gene_src_atcc                 ? 
_entity_src_gen.pdbx_gene_src_organ                ? 
_entity_src_gen.pdbx_gene_src_organelle            ? 
_entity_src_gen.pdbx_gene_src_cell                 ? 
_entity_src_gen.pdbx_gene_src_cellular_location    ? 
_entity_src_gen.host_org_common_name               ? 
_entity_src_gen.pdbx_host_org_scientific_name      'Escherichia coli' 
_entity_src_gen.pdbx_host_org_ncbi_taxonomy_id     562 
_entity_src_gen.host_org_genus                     Escherichia 
_entity_src_gen.pdbx_host_org_gene                 ? 
_entity_src_gen.pdbx_host_org_organ                ? 
_entity_src_gen.host_org_species                   ? 
_entity_src_gen.pdbx_host_org_tissue               ? 
_entity_src_gen.pdbx_host_org_tissue_fraction      ? 
_entity_src_gen.pdbx_host_org_strain               ? 
_entity_src_gen.pdbx_host_org_variant              ? 
_entity_src_gen.pdbx_host_org_cell_line            ? 
_entity_src_gen.pdbx_host_org_atcc                 ? 
_entity_src_gen.pdbx_host_org_culture_collection   ? 
_entity_src_gen.pdbx_host_org_cell                 ? 
_entity_src_gen.pdbx_host_org_organelle            ? 
_entity_src_gen.pdbx_host_org_cellular_location    ? 
_entity_src_gen.pdbx_host_org_vector_type          plasmid 
_entity_src_gen.pdbx_host_org_vector               ? 
_entity_src_gen.host_org_details                   ? 
_entity_src_gen.expression_system_id               ? 
_entity_src_gen.plasmid_name                       pGEX-2T 
_entity_src_gen.plasmid_details                    ? 
_entity_src_gen.pdbx_description                   ? 
# 
_struct_ref.id                         1 
_struct_ref.db_name                    UNP 
_struct_ref.db_code                    ITAM_HUMAN 
_struct_ref.pdbx_db_accession          P11215 
_struct_ref.entity_id                  1 
_struct_ref.pdbx_seq_one_letter_code   
;CPQEDSDIAFLIDGSGSIIPHDFRRMKEFVSTVMEQLKKSKTLFSLMQYSEEFRIHFTFKEFQNNPNPRSLVKPITQLLG
RTHTATGIRKVVRELFNITNGARKNAFKILVVITDGEKFGDPLGYEDVIPEADREGVIRYVIGVGDAFRSEKSRQELNTI
ASKPPRDHVFQVNNFEALKTIQNQLREKIFAI
;
_struct_ref.pdbx_align_begin           144 
_struct_ref.pdbx_db_isoform            ? 
# 
_struct_ref_seq.align_id                      1 
_struct_ref_seq.ref_id                        1 
_struct_ref_seq.pdbx_PDB_id_code              1NA5 
_struct_ref_seq.pdbx_strand_id                A 
_struct_ref_seq.seq_align_beg                 1 
_struct_ref_seq.pdbx_seq_align_beg_ins_code   ? 
_struct_ref_seq.seq_align_end                 192 
_struct_ref_seq.pdbx_seq_align_end_ins_code   ? 
_struct_ref_seq.pdbx_db_accession             P11215 
_struct_ref_seq.db_align_beg                  144 
_struct_ref_seq.pdbx_db_align_beg_ins_code    ? 
_struct_ref_seq.db_align_end                  335 
_struct_ref_seq.pdbx_db_align_end_ins_code    ? 
_struct_ref_seq.pdbx_auth_seq_align_beg       128 
_struct_ref_seq.pdbx_auth_seq_align_end       319 
# 
loop_
_struct_ref_seq_dif.align_id 
_struct_ref_seq_dif.pdbx_pdb_id_code 
_struct_ref_seq_dif.mon_id 
_struct_ref_seq_dif.pdbx_pdb_strand_id 
_struct_ref_seq_dif.seq_num 
_struct_ref_seq_dif.pdbx_pdb_ins_code 
_struct_ref_seq_dif.pdbx_seq_db_name 
_struct_ref_seq_dif.pdbx_seq_db_accession_code 
_struct_ref_seq_dif.db_mon_id 
_struct_ref_seq_dif.pdbx_seq_db_seq_num 
_struct_ref_seq_dif.details 
_struct_ref_seq_dif.pdbx_auth_seq_num 
_struct_ref_seq_dif.pdbx_ordinal 
1 1NA5 GLY A 193 ? UNP P11215 ? ? 'cloning artifact' 320 1 
1 1NA5 SER A 194 ? UNP P11215 ? ? 'cloning artifact' 321 2 
1 1NA5 PRO A 195 ? UNP P11215 ? ? 'cloning artifact' 322 3 
1 1NA5 GLY A 196 ? UNP P11215 ? ? 'cloning artifact' 323 4 
1 1NA5 ILE A 197 ? UNP P11215 ? ? 'cloning artifact' 324 5 
# 
loop_
_chem_comp.id 
_chem_comp.type 
_chem_comp.mon_nstd_flag 
_chem_comp.name 
_chem_comp.pdbx_synonyms 
_chem_comp.formula 
_chem_comp.formula_weight 
ALA 'L-peptide linking' y ALANINE         ? 'C3 H7 N O2'     89.093  
ARG 'L-peptide linking' y ARGININE        ? 'C6 H15 N4 O2 1' 175.209 
ASN 'L-peptide linking' y ASPARAGINE      ? 'C4 H8 N2 O3'    132.118 
ASP 'L-peptide linking' y 'ASPARTIC ACID' ? 'C4 H7 N O4'     133.103 
CYS 'L-peptide linking' y CYSTEINE        ? 'C3 H7 N O2 S'   121.158 
GLN 'L-peptide linking' y GLUTAMINE       ? 'C5 H10 N2 O3'   146.144 
GLU 'L-peptide linking' y 'GLUTAMIC ACID' ? 'C5 H9 N O4'     147.129 
GLY 'peptide linking'   y GLYCINE         ? 'C2 H5 N O2'     75.067  
HIS 'L-peptide linking' y HISTIDINE       ? 'C6 H10 N3 O2 1' 156.162 
HOH non-polymer         . WATER           ? 'H2 O'           18.015  
ILE 'L-peptide linking' y ISOLEUCINE      ? 'C6 H13 N O2'    131.173 
LEU 'L-peptide linking' y LEUCINE         ? 'C6 H13 N O2'    131.173 
LYS 'L-peptide linking' y LYSINE          ? 'C6 H15 N2 O2 1' 147.195 
MET 'L-peptide linking' y METHIONINE      ? 'C5 H11 N O2 S'  149.211 
PHE 'L-peptide linking' y PHENYLALANINE   ? 'C9 H11 N O2'    165.189 
PRO 'L-peptide linking' y PROLINE         ? 'C5 H9 N O2'     115.130 
SER 'L-peptide linking' y SERINE          ? 'C3 H7 N O3'     105.093 
THR 'L-peptide linking' y THREONINE       ? 'C4 H9 N O3'     119.119 
TYR 'L-peptide linking' y TYROSINE        ? 'C9 H11 N O3'    181.189 
VAL 'L-peptide linking' y VALINE          ? 'C5 H11 N O2'    117.146 
# 
_exptl.entry_id          1NA5 
_exptl.method            'X-RAY DIFFRACTION' 
_exptl.crystals_number   1 
# 
_exptl_crystal.id                    1 
_exptl_crystal.density_meas          ? 
_exptl_crystal.density_Matthews      2.05 
_exptl_crystal.density_percent_sol   39.38 
_exptl_crystal.description           ? 
# 
_exptl_crystal_grow.crystal_id      1 
_exptl_crystal_grow.method          'VAPOR DIFFUSION, SITTING DROP' 
_exptl_crystal_grow.temp            298 
_exptl_crystal_grow.temp_details    ? 
_exptl_crystal_grow.pH              4.2 
_exptl_crystal_grow.pdbx_details    
'PEG 8000, sodium chloride, potassium citrate, pH 4.2, VAPOR DIFFUSION, SITTING DROP, temperature 298K' 
_exptl_crystal_grow.pdbx_pH_range   . 
# 
_diffrn.id                     1 
_diffrn.ambient_temp           100 
_diffrn.ambient_temp_details   ? 
_diffrn.crystal_id             1 
# 
_diffrn_detector.diffrn_id              1 
_diffrn_detector.detector               CCD 
_diffrn_detector.type                   'ADSC QUANTUM 4' 
_diffrn_detector.pdbx_collection_date   2001-05-02 
_diffrn_detector.details                ? 
# 
_diffrn_radiation.diffrn_id                        1 
_diffrn_radiation.wavelength_id                    1 
_diffrn_radiation.pdbx_monochromatic_or_laue_m_l   M 
_diffrn_radiation.monochromator                    ? 
_diffrn_radiation.pdbx_diffrn_protocol             'SINGLE WAVELENGTH' 
_diffrn_radiation.pdbx_scattering_type             x-ray 
# 
_diffrn_radiation_wavelength.id           1 
_diffrn_radiation_wavelength.wavelength   0.976 
_diffrn_radiation_wavelength.wt           1.0 
# 
_diffrn_source.diffrn_id                   1 
_diffrn_source.source                      SYNCHROTRON 
_diffrn_source.type                        'SSRL BEAMLINE BL9-1' 
_diffrn_source.pdbx_synchrotron_site       SSRL 
_diffrn_source.pdbx_synchrotron_beamline   BL9-1 
_diffrn_source.pdbx_wavelength             ? 
_diffrn_source.pdbx_wavelength_list        0.976 
# 
_reflns.entry_id                     1NA5 
_reflns.observed_criterion_sigma_I   -3.00 
_reflns.observed_criterion_sigma_F   0 
_reflns.d_resolution_low             20.00 
_reflns.d_resolution_high            1.50 
_reflns.number_obs                   31466 
_reflns.number_all                   35988 
_reflns.percent_possible_obs         98.4 
_reflns.pdbx_Rmerge_I_obs            ? 
_reflns.pdbx_Rsym_value              ? 
_reflns.pdbx_netI_over_sigmaI        ? 
_reflns.B_iso_Wilson_estimate        15.6 
_reflns.pdbx_redundancy              ? 
_reflns.R_free_details               ? 
_reflns.limit_h_max                  ? 
_reflns.limit_h_min                  ? 
_reflns.limit_k_max                  ? 
_reflns.limit_k_min                  ? 
_reflns.limit_l_max                  ? 
_reflns.limit_l_min                  ? 
_reflns.observed_criterion_F_max     ? 
_reflns.observed_criterion_F_min     ? 
_reflns.pdbx_diffrn_id               1 
_reflns.pdbx_ordinal                 1 
# 
_reflns_shell.d_res_high             1.50 
_reflns_shell.d_res_low              1.56 
_reflns_shell.percent_possible_all   99.3 
_reflns_shell.Rmerge_I_obs           ? 
_reflns_shell.pdbx_Rsym_value        ? 
_reflns_shell.meanI_over_sigI_obs    ? 
_reflns_shell.pdbx_redundancy        ? 
_reflns_shell.percent_possible_obs   ? 
_reflns_shell.number_unique_all      ? 
_reflns_shell.pdbx_diffrn_id         ? 
_reflns_shell.pdbx_ordinal           1 
# 
_refine.entry_id                                 1NA5 
_refine.ls_number_reflns_obs                     31466 
_refine.ls_number_reflns_all                     31466 
_refine.pdbx_ls_sigma_I                          ? 
_refine.pdbx_ls_sigma_F                          0 
_refine.pdbx_data_cutoff_high_absF               713495.02 
_refine.pdbx_data_cutoff_low_absF                0.000000 
_refine.ls_d_res_low                             20.00 
_refine.ls_d_res_high                            1.50 
_refine.ls_percent_reflns_obs                    95.6 
_refine.ls_R_factor_obs                          0.209 
_refine.ls_R_factor_all                          ? 
_refine.ls_R_factor_R_work                       0.209 
_refine.ls_R_factor_R_free                       0.228 
_refine.ls_R_factor_R_free_error                 0.006 
_refine.ls_R_factor_R_free_error_details         ? 
_refine.ls_percent_reflns_R_free                 5.0 
_refine.ls_number_reflns_R_free                  1558 
_refine.ls_number_parameters                     ? 
_refine.ls_number_restraints                     ? 
_refine.occupancy_min                            ? 
_refine.occupancy_max                            ? 
_refine.correlation_coeff_Fo_to_Fc               ? 
_refine.correlation_coeff_Fo_to_Fc_free          ? 
_refine.B_iso_mean                               17.7 
_refine.aniso_B[1][1]                            2.51 
_refine.aniso_B[2][2]                            1.39 
_refine.aniso_B[3][3]                            -3.90 
_refine.aniso_B[1][2]                            0.00 
_refine.aniso_B[1][3]                            0.00 
_refine.aniso_B[2][3]                            0.00 
_refine.solvent_model_details                    'FLAT MODEL' 
_refine.solvent_model_param_ksol                 0.446952 
_refine.solvent_model_param_bsol                 73.7649 
_refine.pdbx_solvent_vdw_probe_radii             ? 
_refine.pdbx_solvent_ion_probe_radii             ? 
_refine.pdbx_solvent_shrinkage_radii             ? 
_refine.pdbx_ls_cross_valid_method               THROUGHOUT 
_refine.details                                  ? 
_refine.pdbx_starting_model                      'PDB ENTRY 1JLM' 
_refine.pdbx_method_to_determine_struct          'MOLECULAR REPLACEMENT' 
_refine.pdbx_isotropic_thermal_model             RESTRAINED 
_refine.pdbx_stereochemistry_target_values       'Engh & Huber' 
_refine.pdbx_stereochem_target_val_spec_case     ? 
_refine.pdbx_R_Free_selection_details            RANDOM 
_refine.pdbx_overall_ESU_R_Free                  ? 
_refine.overall_SU_B                             ? 
_refine.ls_redundancy_reflns_obs                 ? 
_refine.B_iso_min                                ? 
_refine.B_iso_max                                ? 
_refine.overall_SU_R_Cruickshank_DPI             ? 
_refine.overall_SU_R_free                        ? 
_refine.overall_SU_ML                            ? 
_refine.pdbx_overall_ESU_R                       ? 
_refine.pdbx_data_cutoff_high_rms_absF           713495.02 
_refine.pdbx_refine_id                           'X-RAY DIFFRACTION' 
_refine.pdbx_diffrn_id                           1 
_refine.pdbx_TLS_residual_ADP_flag               ? 
_refine.pdbx_overall_phase_error                 ? 
_refine.pdbx_overall_SU_R_free_Cruickshank_DPI   ? 
_refine.pdbx_overall_SU_R_Blow_DPI               ? 
_refine.pdbx_overall_SU_R_free_Blow_DPI          ? 
# 
_refine_analyze.entry_id                        1NA5 
_refine_analyze.Luzzati_coordinate_error_obs    0.17 
_refine_analyze.Luzzati_sigma_a_obs             0.11 
_refine_analyze.Luzzati_d_res_low_obs           5.00 
_refine_analyze.Luzzati_coordinate_error_free   0.20 
_refine_analyze.Luzzati_sigma_a_free            0.14 
_refine_analyze.Luzzati_d_res_low_free          ? 
_refine_analyze.number_disordered_residues      ? 
_refine_analyze.occupancy_sum_hydrogen          ? 
_refine_analyze.occupancy_sum_non_hydrogen      ? 
_refine_analyze.pdbx_Luzzati_d_res_high_obs     ? 
_refine_analyze.pdbx_refine_id                  'X-RAY DIFFRACTION' 
# 
_refine_hist.pdbx_refine_id                   'X-RAY DIFFRACTION' 
_refine_hist.cycle_id                         LAST 
_refine_hist.pdbx_number_atoms_protein        1569 
_refine_hist.pdbx_number_atoms_nucleic_acid   0 
_refine_hist.pdbx_number_atoms_ligand         0 
_refine_hist.number_atoms_solvent             178 
_refine_hist.number_atoms_total               1747 
_refine_hist.d_res_high                       1.50 
_refine_hist.d_res_low                        20.00 
# 
loop_
_refine_ls_restr.type 
_refine_ls_restr.dev_ideal 
_refine_ls_restr.dev_ideal_target 
_refine_ls_restr.weight 
_refine_ls_restr.number 
_refine_ls_restr.pdbx_refine_id 
_refine_ls_restr.pdbx_restraint_function 
c_bond_d           0.010 ?    ? ? 'X-RAY DIFFRACTION' ? 
c_angle_deg        1.4   ?    ? ? 'X-RAY DIFFRACTION' ? 
c_dihedral_angle_d 22.6  ?    ? ? 'X-RAY DIFFRACTION' ? 
c_improper_angle_d 1.20  ?    ? ? 'X-RAY DIFFRACTION' ? 
c_mcbond_it        1.23  1.50 ? ? 'X-RAY DIFFRACTION' ? 
c_mcangle_it       1.97  2.00 ? ? 'X-RAY DIFFRACTION' ? 
c_scbond_it        2.05  2.00 ? ? 'X-RAY DIFFRACTION' ? 
c_scangle_it       3.08  2.50 ? ? 'X-RAY DIFFRACTION' ? 
# 
_refine_ls_shell.pdbx_total_number_of_bins_used   6 
_refine_ls_shell.d_res_high                       1.50 
_refine_ls_shell.d_res_low                        1.59 
_refine_ls_shell.number_reflns_R_work             4694 
_refine_ls_shell.R_factor_R_work                  0.236 
_refine_ls_shell.percent_reflns_obs               91.3 
_refine_ls_shell.R_factor_R_free                  0.254 
_refine_ls_shell.R_factor_R_free_error            0.016 
_refine_ls_shell.percent_reflns_R_free            4.8 
_refine_ls_shell.number_reflns_R_free             238 
_refine_ls_shell.number_reflns_obs                ? 
_refine_ls_shell.redundancy_reflns_obs            ? 
_refine_ls_shell.number_reflns_all                ? 
_refine_ls_shell.pdbx_refine_id                   'X-RAY DIFFRACTION' 
_refine_ls_shell.R_factor_all                     ? 
# 
loop_
_pdbx_xplor_file.serial_no 
_pdbx_xplor_file.param_file 
_pdbx_xplor_file.topol_file 
_pdbx_xplor_file.pdbx_refine_id 
1 PROTEIN_REP.PARAM PROTEIN.TOP 'X-RAY DIFFRACTION' 
2 WATER.PARAM       WATER.TOP   'X-RAY DIFFRACTION' 
# 
_struct.entry_id                  1NA5 
_struct.title                     'INTEGRIN ALPHA M I DOMAIN' 
_struct.pdbx_model_details        ? 
_struct.pdbx_CASP_flag            ? 
_struct.pdbx_model_type_details   ? 
# 
_struct_keywords.entry_id        1NA5 
_struct_keywords.pdbx_keywords   'CELL ADHESION' 
_struct_keywords.text            'Rossmann fold, CELL ADHESION' 
# 
loop_
_struct_asym.id 
_struct_asym.pdbx_blank_PDB_chainid_flag 
_struct_asym.pdbx_modified 
_struct_asym.entity_id 
_struct_asym.details 
A N N 1 ? 
B N N 2 ? 
# 
loop_
_struct_conf.conf_type_id 
_struct_conf.id 
_struct_conf.pdbx_PDB_helix_id 
_struct_conf.beg_label_comp_id 
_struct_conf.beg_label_asym_id 
_struct_conf.beg_label_seq_id 
_struct_conf.pdbx_beg_PDB_ins_code 
_struct_conf.end_label_comp_id 
_struct_conf.end_label_asym_id 
_struct_conf.end_label_seq_id 
_struct_conf.pdbx_end_PDB_ins_code 
_struct_conf.beg_auth_comp_id 
_struct_conf.beg_auth_asym_id 
_struct_conf.beg_auth_seq_id 
_struct_conf.end_auth_comp_id 
_struct_conf.end_auth_asym_id 
_struct_conf.end_auth_seq_id 
_struct_conf.pdbx_PDB_helix_class 
_struct_conf.details 
_struct_conf.pdbx_PDB_helix_length 
HELX_P HELX_P1  1  ILE A 19  ? LYS A 38  ? ILE A 146 LYS A 165 1 ? 20 
HELX_P HELX_P2  2  THR A 58  ? ASN A 65  ? THR A 185 ASN A 192 1 ? 8  
HELX_P HELX_P3  3  ASN A 67  ? LYS A 73  ? ASN A 194 LYS A 200 1 ? 7  
HELX_P HELX_P4  4  HIS A 83  ? LEU A 95  ? HIS A 210 LEU A 222 1 ? 13 
HELX_P HELX_P5  5  ASN A 97  ? GLY A 101 ? ASN A 224 GLY A 228 5 ? 5  
HELX_P HELX_P6  6  GLY A 124 ? GLU A 135 ? GLY A 251 GLU A 262 1 ? 12 
HELX_P HELX_P7  7  ASP A 146 ? ARG A 149 ? ASP A 273 ARG A 276 5 ? 4  
HELX_P HELX_P8  8  ARG A 154 ? ALA A 161 ? ARG A 281 ALA A 288 1 ? 8  
HELX_P HELX_P9  9  PRO A 164 ? ASP A 167 ? PRO A 291 ASP A 294 5 ? 4  
HELX_P HELX_P10 10 ASN A 174 ? THR A 180 ? ASN A 301 THR A 307 5 ? 7  
HELX_P HELX_P11 11 ILE A 181 ? ALA A 191 ? ILE A 308 ALA A 318 1 ? 11 
# 
_struct_conf_type.id          HELX_P 
_struct_conf_type.criteria    ? 
_struct_conf_type.reference   ? 
# 
_struct_mon_prot_cis.pdbx_id                1 
_struct_mon_prot_cis.label_comp_id          LYS 
_struct_mon_prot_cis.label_seq_id           163 
_struct_mon_prot_cis.label_asym_id          A 
_struct_mon_prot_cis.label_alt_id           . 
_struct_mon_prot_cis.pdbx_PDB_ins_code      ? 
_struct_mon_prot_cis.auth_comp_id           LYS 
_struct_mon_prot_cis.auth_seq_id            290 
_struct_mon_prot_cis.auth_asym_id           A 
_struct_mon_prot_cis.pdbx_label_comp_id_2   PRO 
_struct_mon_prot_cis.pdbx_label_seq_id_2    164 
_struct_mon_prot_cis.pdbx_label_asym_id_2   A 
_struct_mon_prot_cis.pdbx_PDB_ins_code_2    ? 
_struct_mon_prot_cis.pdbx_auth_comp_id_2    PRO 
_struct_mon_prot_cis.pdbx_auth_seq_id_2     291 
_struct_mon_prot_cis.pdbx_auth_asym_id_2    A 
_struct_mon_prot_cis.pdbx_PDB_model_num     1 
_struct_mon_prot_cis.pdbx_omega_angle       -0.20 
# 
_struct_sheet.id               A 
_struct_sheet.type             ? 
_struct_sheet.number_strands   6 
_struct_sheet.details          ? 
# 
loop_
_struct_sheet_order.sheet_id 
_struct_sheet_order.range_id_1 
_struct_sheet_order.range_id_2 
_struct_sheet_order.offset 
_struct_sheet_order.sense 
A 1 2 ? anti-parallel 
A 2 3 ? parallel      
A 3 4 ? parallel      
A 4 5 ? parallel      
A 5 6 ? parallel      
# 
loop_
_struct_sheet_range.sheet_id 
_struct_sheet_range.id 
_struct_sheet_range.beg_label_comp_id 
_struct_sheet_range.beg_label_asym_id 
_struct_sheet_range.beg_label_seq_id 
_struct_sheet_range.pdbx_beg_PDB_ins_code 
_struct_sheet_range.end_label_comp_id 
_struct_sheet_range.end_label_asym_id 
_struct_sheet_range.end_label_seq_id 
_struct_sheet_range.pdbx_end_PDB_ins_code 
_struct_sheet_range.beg_auth_comp_id 
_struct_sheet_range.beg_auth_asym_id 
_struct_sheet_range.beg_auth_seq_id 
_struct_sheet_range.end_auth_comp_id 
_struct_sheet_range.end_auth_asym_id 
_struct_sheet_range.end_auth_seq_id 
A 1 PHE A 53  ? PHE A 57  ? PHE A 180 PHE A 184 
A 2 THR A 42  ? TYR A 49  ? THR A 169 TYR A 176 
A 3 SER A 6   ? ASP A 13  ? SER A 133 ASP A 140 
A 4 PHE A 107 ? THR A 114 ? PHE A 234 THR A 241 
A 5 VAL A 137 ? VAL A 144 ? VAL A 264 VAL A 271 
A 6 VAL A 169 ? VAL A 172 ? VAL A 296 VAL A 299 
# 
loop_
_pdbx_struct_sheet_hbond.sheet_id 
_pdbx_struct_sheet_hbond.range_id_1 
_pdbx_struct_sheet_hbond.range_id_2 
_pdbx_struct_sheet_hbond.range_1_label_atom_id 
_pdbx_struct_sheet_hbond.range_1_label_comp_id 
_pdbx_struct_sheet_hbond.range_1_label_asym_id 
_pdbx_struct_sheet_hbond.range_1_label_seq_id 
_pdbx_struct_sheet_hbond.range_1_PDB_ins_code 
_pdbx_struct_sheet_hbond.range_1_auth_atom_id 
_pdbx_struct_sheet_hbond.range_1_auth_comp_id 
_pdbx_struct_sheet_hbond.range_1_auth_asym_id 
_pdbx_struct_sheet_hbond.range_1_auth_seq_id 
_pdbx_struct_sheet_hbond.range_2_label_atom_id 
_pdbx_struct_sheet_hbond.range_2_label_comp_id 
_pdbx_struct_sheet_hbond.range_2_label_asym_id 
_pdbx_struct_sheet_hbond.range_2_label_seq_id 
_pdbx_struct_sheet_hbond.range_2_PDB_ins_code 
_pdbx_struct_sheet_hbond.range_2_auth_atom_id 
_pdbx_struct_sheet_hbond.range_2_auth_comp_id 
_pdbx_struct_sheet_hbond.range_2_auth_asym_id 
_pdbx_struct_sheet_hbond.range_2_auth_seq_id 
A 1 2 O ARG A 54  ? O ARG A 181 N GLN A 48  ? N GLN A 175 
A 2 3 O TYR A 49  ? O TYR A 176 N ILE A 12  ? N ILE A 139 
A 3 4 N ALA A 9   ? N ALA A 136 O ILE A 109 ? O ILE A 236 
A 4 5 N LEU A 110 ? N LEU A 237 O TYR A 140 ? O TYR A 267 
A 5 6 N VAL A 141 ? N VAL A 268 O PHE A 170 ? O PHE A 297 
# 
_atom_sites.entry_id                    1NA5 
_atom_sites.fract_transf_matrix[1][1]   -0.01552599 
_atom_sites.fract_transf_matrix[1][2]   -0.01998761 
_atom_sites.fract_transf_matrix[1][3]   -0.00621826 
_atom_sites.fract_transf_matrix[2][1]   0.00804271 
_atom_sites.fract_transf_matrix[2][2]   -0.00067883 
_atom_sites.fract_transf_matrix[2][3]   -0.01789936 
_atom_sites.fract_transf_matrix[3][1]   0.00674856 
_atom_sites.fract_transf_matrix[3][2]   -0.00625937 
_atom_sites.fract_transf_matrix[3][3]   0.00326971 
_atom_sites.fract_transf_vector[1]      0.307720 
_atom_sites.fract_transf_vector[2]      0.265802 
_atom_sites.fract_transf_vector[3]      0.356530 
# 
loop_
_atom_type.symbol 
C 
N 
O 
S 
# 
loop_
_atom_site.group_PDB 
_atom_site.id 
_atom_site.type_symbol 
_atom_site.label_atom_id 
_atom_site.label_alt_id 
_atom_site.label_comp_id 
_atom_site.label_asym_id 
_atom_site.label_entity_id 
_atom_site.label_seq_id 
_atom_site.pdbx_PDB_ins_code 
_atom_site.Cartn_x 
_atom_site.Cartn_y 
_atom_site.Cartn_z 
_atom_site.occupancy 
_atom_site.B_iso_or_equiv 
_atom_site.pdbx_formal_charge 
_atom_site.auth_seq_id 
_atom_site.auth_comp_id 
_atom_site.auth_asym_id 
_atom_site.auth_atom_id 
_atom_site.pdbx_PDB_model_num 
ATOM   1    N N   . GLN A 1 3   ? 20.416  4.355   -5.410  1.00 31.90 ? 130 GLN A N   1 
ATOM   2    C CA  . GLN A 1 3   ? 20.667  3.242   -6.369  1.00 31.64 ? 130 GLN A CA  1 
ATOM   3    C C   . GLN A 1 3   ? 20.783  1.908   -5.638  1.00 27.73 ? 130 GLN A C   1 
ATOM   4    O O   . GLN A 1 3   ? 21.770  1.187   -5.785  1.00 26.32 ? 130 GLN A O   1 
ATOM   5    C CB  . GLN A 1 3   ? 21.945  3.503   -7.174  1.00 35.69 ? 130 GLN A CB  1 
ATOM   6    C CG  . GLN A 1 3   ? 23.192  3.594   -6.322  1.00 40.70 ? 130 GLN A CG  1 
ATOM   7    C CD  . GLN A 1 3   ? 23.155  4.773   -5.382  1.00 43.48 ? 130 GLN A CD  1 
ATOM   8    O OE1 . GLN A 1 3   ? 23.410  5.912   -5.781  1.00 45.98 ? 130 GLN A OE1 1 
ATOM   9    N NE2 . GLN A 1 3   ? 22.819  4.511   -4.126  1.00 45.51 ? 130 GLN A NE2 1 
ATOM   10   N N   . GLU A 1 4   ? 19.768  1.596   -4.841  1.00 24.50 ? 131 GLU A N   1 
ATOM   11   C CA  . GLU A 1 4   ? 19.719  0.345   -4.093  1.00 20.52 ? 131 GLU A CA  1 
ATOM   12   C C   . GLU A 1 4   ? 18.400  -0.343  -4.424  1.00 17.88 ? 131 GLU A C   1 
ATOM   13   O O   . GLU A 1 4   ? 17.392  0.328   -4.656  1.00 20.03 ? 131 GLU A O   1 
ATOM   14   C CB  . GLU A 1 4   ? 19.788  0.625   -2.591  1.00 19.20 ? 131 GLU A CB  1 
ATOM   15   C CG  . GLU A 1 4   ? 21.099  1.242   -2.129  1.00 19.11 ? 131 GLU A CG  1 
ATOM   16   C CD  . GLU A 1 4   ? 21.120  1.492   -0.633  1.00 19.09 ? 131 GLU A CD  1 
ATOM   17   O OE1 . GLU A 1 4   ? 20.521  2.488   -0.180  1.00 19.95 ? 131 GLU A OE1 1 
ATOM   18   O OE2 . GLU A 1 4   ? 21.729  0.681   0.094   1.00 19.17 ? 131 GLU A OE2 1 
ATOM   19   N N   . ASP A 1 5   ? 18.401  -1.673  -4.454  1.00 15.04 ? 132 ASP A N   1 
ATOM   20   C CA  . ASP A 1 5   ? 17.179  -2.415  -4.764  1.00 13.73 ? 132 ASP A CA  1 
ATOM   21   C C   . ASP A 1 5   ? 16.051  -2.084  -3.793  1.00 12.80 ? 132 ASP A C   1 
ATOM   22   O O   . ASP A 1 5   ? 16.256  -2.009  -2.579  1.00 11.81 ? 132 ASP A O   1 
ATOM   23   C CB  . ASP A 1 5   ? 17.417  -3.927  -4.716  1.00 15.41 ? 132 ASP A CB  1 
ATOM   24   C CG  . ASP A 1 5   ? 18.280  -4.429  -5.854  1.00 17.06 ? 132 ASP A CG  1 
ATOM   25   O OD1 . ASP A 1 5   ? 18.486  -3.685  -6.834  1.00 19.92 ? 132 ASP A OD1 1 
ATOM   26   O OD2 . ASP A 1 5   ? 18.740  -5.587  -5.769  1.00 20.74 ? 132 ASP A OD2 1 
ATOM   27   N N   . SER A 1 6   ? 14.855  -1.897  -4.340  1.00 12.23 ? 133 SER A N   1 
ATOM   28   C CA  . SER A 1 6   ? 13.682  -1.607  -3.532  1.00 12.38 ? 133 SER A CA  1 
ATOM   29   C C   . SER A 1 6   ? 12.501  -2.395  -4.074  1.00 10.97 ? 133 SER A C   1 
ATOM   30   O O   . SER A 1 6   ? 12.242  -2.379  -5.274  1.00 11.02 ? 133 SER A O   1 
ATOM   31   C CB  . SER A 1 6   ? 13.362  -0.109  -3.567  1.00 15.58 ? 133 SER A CB  1 
ATOM   32   O OG  . SER A 1 6   ? 14.394  0.646   -2.956  1.00 19.30 ? 133 SER A OG  1 
ATOM   33   N N   . ASP A 1 7   ? 11.819  -3.115  -3.186  1.00 9.37  ? 134 ASP A N   1 
ATOM   34   C CA  . ASP A 1 7   ? 10.634  -3.890  -3.547  1.00 9.23  ? 134 ASP A CA  1 
ATOM   35   C C   . ASP A 1 7   ? 9.482   -3.117  -2.907  1.00 9.41  ? 134 ASP A C   1 
ATOM   36   O O   . ASP A 1 7   ? 9.330   -3.118  -1.681  1.00 8.82  ? 134 ASP A O   1 
ATOM   37   C CB  . ASP A 1 7   ? 10.700  -5.310  -2.966  1.00 10.35 ? 134 ASP A CB  1 
ATOM   38   C CG  . ASP A 1 7   ? 11.725  -6.189  -3.664  1.00 12.18 ? 134 ASP A CG  1 
ATOM   39   O OD1 . ASP A 1 7   ? 12.125  -5.854  -4.796  1.00 14.11 ? 134 ASP A OD1 1 
ATOM   40   O OD2 . ASP A 1 7   ? 12.114  -7.226  -3.086  1.00 13.29 ? 134 ASP A OD2 1 
ATOM   41   N N   . ILE A 1 8   ? 8.683   -2.450  -3.737  1.00 8.86  ? 135 ILE A N   1 
ATOM   42   C CA  . ILE A 1 8   ? 7.576   -1.638  -3.248  1.00 8.94  ? 135 ILE A CA  1 
ATOM   43   C C   . ILE A 1 8   ? 6.226   -2.276  -3.531  1.00 8.27  ? 135 ILE A C   1 
ATOM   44   O O   . ILE A 1 8   ? 5.833   -2.454  -4.685  1.00 8.57  ? 135 ILE A O   1 
ATOM   45   C CB  . ILE A 1 8   ? 7.622   -0.224  -3.877  1.00 9.81  ? 135 ILE A CB  1 
ATOM   46   C CG1 . ILE A 1 8   ? 9.004   0.394   -3.629  1.00 9.53  ? 135 ILE A CG1 1 
ATOM   47   C CG2 . ILE A 1 8   ? 6.542   0.656   -3.271  1.00 10.81 ? 135 ILE A CG2 1 
ATOM   48   C CD1 . ILE A 1 8   ? 9.180   1.794   -4.197  1.00 12.25 ? 135 ILE A CD1 1 
ATOM   49   N N   . ALA A 1 9   ? 5.519   -2.620  -2.462  1.00 9.09  ? 136 ALA A N   1 
ATOM   50   C CA  . ALA A 1 9   ? 4.210   -3.236  -2.587  1.00 8.28  ? 136 ALA A CA  1 
ATOM   51   C C   . ALA A 1 9   ? 3.108   -2.260  -2.229  1.00 8.09  ? 136 ALA A C   1 
ATOM   52   O O   . ALA A 1 9   ? 3.295   -1.360  -1.410  1.00 9.21  ? 136 ALA A O   1 
ATOM   53   C CB  . ALA A 1 9   ? 4.121   -4.454  -1.684  1.00 11.07 ? 136 ALA A CB  1 
ATOM   54   N N   . PHE A 1 10  ? 1.962   -2.438  -2.875  1.00 8.17  ? 137 PHE A N   1 
ATOM   55   C CA  . PHE A 1 10  ? 0.784   -1.630  -2.608  1.00 7.75  ? 137 PHE A CA  1 
ATOM   56   C C   . PHE A 1 10  ? -0.311  -2.584  -2.163  1.00 8.38  ? 137 PHE A C   1 
ATOM   57   O O   . PHE A 1 10  ? -0.466  -3.671  -2.726  1.00 8.61  ? 137 PHE A O   1 
ATOM   58   C CB  . PHE A 1 10  ? 0.308   -0.884  -3.861  1.00 9.64  ? 137 PHE A CB  1 
ATOM   59   C CG  . PHE A 1 10  ? 1.008   0.423   -4.097  1.00 10.80 ? 137 PHE A CG  1 
ATOM   60   C CD1 . PHE A 1 10  ? 2.317   0.456   -4.566  1.00 14.51 ? 137 PHE A CD1 1 
ATOM   61   C CD2 . PHE A 1 10  ? 0.354   1.623   -3.855  1.00 12.50 ? 137 PHE A CD2 1 
ATOM   62   C CE1 . PHE A 1 10  ? 2.959   1.671   -4.793  1.00 16.13 ? 137 PHE A CE1 1 
ATOM   63   C CE2 . PHE A 1 10  ? 0.988   2.843   -4.078  1.00 13.19 ? 137 PHE A CE2 1 
ATOM   64   C CZ  . PHE A 1 10  ? 2.290   2.867   -4.547  1.00 14.44 ? 137 PHE A CZ  1 
ATOM   65   N N   . LEU A 1 11  ? -1.042  -2.182  -1.130  1.00 7.81  ? 138 LEU A N   1 
ATOM   66   C CA  . LEU A 1 11  ? -2.164  -2.955  -0.609  1.00 8.08  ? 138 LEU A CA  1 
ATOM   67   C C   . LEU A 1 11  ? -3.324  -1.986  -0.665  1.00 8.86  ? 138 LEU A C   1 
ATOM   68   O O   . LEU A 1 11  ? -3.365  -1.006  0.086   1.00 8.13  ? 138 LEU A O   1 
ATOM   69   C CB  . LEU A 1 11  ? -1.908  -3.393  0.837   1.00 7.74  ? 138 LEU A CB  1 
ATOM   70   C CG  . LEU A 1 11  ? -3.095  -4.066  1.541   1.00 7.85  ? 138 LEU A CG  1 
ATOM   71   C CD1 . LEU A 1 11  ? -3.432  -5.387  0.871   1.00 8.76  ? 138 LEU A CD1 1 
ATOM   72   C CD2 . LEU A 1 11  ? -2.755  -4.299  2.999   1.00 8.62  ? 138 LEU A CD2 1 
ATOM   73   N N   . ILE A 1 12  ? -4.262  -2.238  -1.569  1.00 7.48  ? 139 ILE A N   1 
ATOM   74   C CA  . ILE A 1 12  ? -5.389  -1.333  -1.719  1.00 7.79  ? 139 ILE A CA  1 
ATOM   75   C C   . ILE A 1 12  ? -6.736  -1.920  -1.330  1.00 8.03  ? 139 ILE A C   1 
ATOM   76   O O   . ILE A 1 12  ? -7.082  -3.042  -1.685  1.00 7.90  ? 139 ILE A O   1 
ATOM   77   C CB  . ILE A 1 12  ? -5.475  -0.770  -3.167  1.00 7.33  ? 139 ILE A CB  1 
ATOM   78   C CG1 . ILE A 1 12  ? -5.760  -1.894  -4.166  1.00 9.38  ? 139 ILE A CG1 1 
ATOM   79   C CG2 . ILE A 1 12  ? -4.161  -0.073  -3.528  1.00 11.44 ? 139 ILE A CG2 1 
ATOM   80   C CD1 . ILE A 1 12  ? -5.965  -1.401  -5.589  1.00 12.26 ? 139 ILE A CD1 1 
ATOM   81   N N   . ASP A 1 13  ? -7.481  -1.121  -0.580  1.00 8.40  ? 140 ASP A N   1 
ATOM   82   C CA  . ASP A 1 13  ? -8.810  -1.469  -0.097  1.00 8.16  ? 140 ASP A CA  1 
ATOM   83   C C   . ASP A 1 13  ? -9.767  -1.495  -1.288  1.00 8.68  ? 140 ASP A C   1 
ATOM   84   O O   . ASP A 1 13  ? -9.842  -0.533  -2.048  1.00 9.90  ? 140 ASP A O   1 
ATOM   85   C CB  . ASP A 1 13  ? -9.213  -0.402  0.928   1.00 8.44  ? 140 ASP A CB  1 
ATOM   86   C CG  . ASP A 1 13  ? -10.573 -0.644  1.561   1.00 10.45 ? 140 ASP A CG  1 
ATOM   87   O OD1 . ASP A 1 13  ? -11.192 -1.711  1.359   1.00 10.29 ? 140 ASP A OD1 1 
ATOM   88   O OD2 . ASP A 1 13  ? -11.016 0.267   2.295   1.00 11.52 ? 140 ASP A OD2 1 
ATOM   89   N N   . GLY A 1 14  ? -10.475 -2.610  -1.457  1.00 7.86  ? 141 GLY A N   1 
ATOM   90   C CA  . GLY A 1 14  ? -11.426 -2.740  -2.550  1.00 9.43  ? 141 GLY A CA  1 
ATOM   91   C C   . GLY A 1 14  ? -12.839 -2.951  -2.039  1.00 9.84  ? 141 GLY A C   1 
ATOM   92   O O   . GLY A 1 14  ? -13.724 -3.383  -2.779  1.00 9.66  ? 141 GLY A O   1 
ATOM   93   N N   . SER A 1 15  ? -13.045 -2.643  -0.764  1.00 10.00 ? 142 SER A N   1 
ATOM   94   C CA  . SER A 1 15  ? -14.347 -2.779  -0.120  1.00 11.62 ? 142 SER A CA  1 
ATOM   95   C C   . SER A 1 15  ? -15.463 -2.024  -0.837  1.00 11.72 ? 142 SER A C   1 
ATOM   96   O O   . SER A 1 15  ? -15.217 -1.059  -1.560  1.00 10.36 ? 142 SER A O   1 
ATOM   97   C CB  . SER A 1 15  ? -14.256 -2.269  1.320   1.00 12.02 ? 142 SER A CB  1 
ATOM   98   O OG  . SER A 1 15  ? -15.545 -2.046  1.869   1.00 15.49 ? 142 SER A OG  1 
ATOM   99   N N   . GLY A 1 16  ? -16.695 -2.470  -0.613  1.00 11.03 ? 143 GLY A N   1 
ATOM   100  C CA  . GLY A 1 16  ? -17.845 -1.823  -1.215  1.00 11.10 ? 143 GLY A CA  1 
ATOM   101  C C   . GLY A 1 16  ? -18.065 -0.407  -0.702  1.00 12.02 ? 143 GLY A C   1 
ATOM   102  O O   . GLY A 1 16  ? -18.922 0.320   -1.214  1.00 13.52 ? 143 GLY A O   1 
ATOM   103  N N   . SER A 1 17  ? -17.298 -0.008  0.307   1.00 11.28 ? 144 SER A N   1 
ATOM   104  C CA  . SER A 1 17  ? -17.415 1.338   0.854   1.00 11.42 ? 144 SER A CA  1 
ATOM   105  C C   . SER A 1 17  ? -16.878 2.361   -0.143  1.00 11.45 ? 144 SER A C   1 
ATOM   106  O O   . SER A 1 17  ? -17.104 3.566   -0.002  1.00 12.63 ? 144 SER A O   1 
ATOM   107  C CB  . SER A 1 17  ? -16.644 1.445   2.173   1.00 11.36 ? 144 SER A CB  1 
ATOM   108  O OG  . SER A 1 17  ? -15.249 1.337   1.960   1.00 15.25 ? 144 SER A OG  1 
ATOM   109  N N   . ILE A 1 18  ? -16.160 1.872   -1.152  1.00 11.23 ? 145 ILE A N   1 
ATOM   110  C CA  . ILE A 1 18  ? -15.587 2.723   -2.189  1.00 10.97 ? 145 ILE A CA  1 
ATOM   111  C C   . ILE A 1 18  ? -16.451 2.619   -3.443  1.00 11.01 ? 145 ILE A C   1 
ATOM   112  O O   . ILE A 1 18  ? -16.641 1.524   -3.976  1.00 12.27 ? 145 ILE A O   1 
ATOM   113  C CB  . ILE A 1 18  ? -14.150 2.277   -2.539  1.00 10.67 ? 145 ILE A CB  1 
ATOM   114  C CG1 . ILE A 1 18  ? -13.264 2.359   -1.294  1.00 10.81 ? 145 ILE A CG1 1 
ATOM   115  C CG2 . ILE A 1 18  ? -13.587 3.147   -3.657  1.00 11.66 ? 145 ILE A CG2 1 
ATOM   116  C CD1 . ILE A 1 18  ? -11.888 1.743   -1.486  1.00 12.68 ? 145 ILE A CD1 1 
ATOM   117  N N   . ILE A 1 19  ? -16.985 3.746   -3.907  1.00 11.43 ? 146 ILE A N   1 
ATOM   118  C CA  . ILE A 1 19  ? -17.818 3.721   -5.104  1.00 12.04 ? 146 ILE A CA  1 
ATOM   119  C C   . ILE A 1 19  ? -16.932 3.551   -6.335  1.00 13.50 ? 146 ILE A C   1 
ATOM   120  O O   . ILE A 1 19  ? -15.751 3.913   -6.317  1.00 12.04 ? 146 ILE A O   1 
ATOM   121  C CB  . ILE A 1 19  ? -18.684 4.999   -5.237  1.00 12.22 ? 146 ILE A CB  1 
ATOM   122  C CG1 . ILE A 1 19  ? -17.797 6.238   -5.353  1.00 13.17 ? 146 ILE A CG1 1 
ATOM   123  C CG2 . ILE A 1 19  ? -19.619 5.120   -4.028  1.00 13.20 ? 146 ILE A CG2 1 
ATOM   124  C CD1 . ILE A 1 19  ? -18.584 7.521   -5.587  1.00 16.89 ? 146 ILE A CD1 1 
ATOM   125  N N   . PRO A 1 20  ? -17.488 2.991   -7.420  1.00 14.47 ? 147 PRO A N   1 
ATOM   126  C CA  . PRO A 1 20  ? -16.756 2.757   -8.669  1.00 13.63 ? 147 PRO A CA  1 
ATOM   127  C C   . PRO A 1 20  ? -15.850 3.881   -9.161  1.00 13.20 ? 147 PRO A C   1 
ATOM   128  O O   . PRO A 1 20  ? -14.681 3.648   -9.469  1.00 11.50 ? 147 PRO A O   1 
ATOM   129  C CB  . PRO A 1 20  ? -17.870 2.432   -9.656  1.00 14.03 ? 147 PRO A CB  1 
ATOM   130  C CG  . PRO A 1 20  ? -18.833 1.682   -8.797  1.00 14.78 ? 147 PRO A CG  1 
ATOM   131  C CD  . PRO A 1 20  ? -18.888 2.546   -7.553  1.00 13.42 ? 147 PRO A CD  1 
ATOM   132  N N   . HIS A 1 21  ? -16.382 5.095   -9.241  1.00 13.15 ? 148 HIS A N   1 
ATOM   133  C CA  . HIS A 1 21  ? -15.591 6.221   -9.718  1.00 14.41 ? 148 HIS A CA  1 
ATOM   134  C C   . HIS A 1 21  ? -14.369 6.443   -8.833  1.00 13.73 ? 148 HIS A C   1 
ATOM   135  O O   . HIS A 1 21  ? -13.273 6.719   -9.326  1.00 13.16 ? 148 HIS A O   1 
ATOM   136  C CB  . HIS A 1 21  ? -16.440 7.492   -9.757  1.00 18.92 ? 148 HIS A CB  1 
ATOM   137  C CG  . HIS A 1 21  ? -15.958 8.503   -10.748 1.00 23.99 ? 148 HIS A CG  1 
ATOM   138  N ND1 . HIS A 1 21  ? -14.642 8.906   -10.823 1.00 26.54 ? 148 HIS A ND1 1 
ATOM   139  C CD2 . HIS A 1 21  ? -16.616 9.188   -11.713 1.00 25.76 ? 148 HIS A CD2 1 
ATOM   140  C CE1 . HIS A 1 21  ? -14.509 9.795   -11.791 1.00 27.82 ? 148 HIS A CE1 1 
ATOM   141  N NE2 . HIS A 1 21  ? -15.693 9.984   -12.346 1.00 28.91 ? 148 HIS A NE2 1 
ATOM   142  N N   . ASP A 1 22  ? -14.558 6.324   -7.523  1.00 12.65 ? 149 ASP A N   1 
ATOM   143  C CA  . ASP A 1 22  ? -13.456 6.510   -6.591  1.00 11.88 ? 149 ASP A CA  1 
ATOM   144  C C   . ASP A 1 22  ? -12.423 5.398   -6.721  1.00 11.08 ? 149 ASP A C   1 
ATOM   145  O O   . ASP A 1 22  ? -11.232 5.640   -6.556  1.00 10.91 ? 149 ASP A O   1 
ATOM   146  C CB  . ASP A 1 22  ? -13.988 6.606   -5.162  1.00 12.09 ? 149 ASP A CB  1 
ATOM   147  C CG  . ASP A 1 22  ? -14.501 7.996   -4.833  1.00 15.46 ? 149 ASP A CG  1 
ATOM   148  O OD1 . ASP A 1 22  ? -15.162 8.159   -3.789  1.00 15.94 ? 149 ASP A OD1 1 
ATOM   149  O OD2 . ASP A 1 22  ? -14.228 8.928   -5.619  1.00 15.63 ? 149 ASP A OD2 1 
ATOM   150  N N   . PHE A 1 23  ? -12.878 4.186   -7.024  1.00 9.93  ? 150 PHE A N   1 
ATOM   151  C CA  . PHE A 1 23  ? -11.966 3.068   -7.206  1.00 9.43  ? 150 PHE A CA  1 
ATOM   152  C C   . PHE A 1 23  ? -11.090 3.367   -8.426  1.00 9.94  ? 150 PHE A C   1 
ATOM   153  O O   . PHE A 1 23  ? -9.893  3.086   -8.423  1.00 9.58  ? 150 PHE A O   1 
ATOM   154  C CB  . PHE A 1 23  ? -12.742 1.766   -7.424  1.00 9.09  ? 150 PHE A CB  1 
ATOM   155  C CG  . PHE A 1 23  ? -11.869 0.542   -7.476  1.00 9.14  ? 150 PHE A CG  1 
ATOM   156  C CD1 . PHE A 1 23  ? -11.315 0.020   -6.312  1.00 10.26 ? 150 PHE A CD1 1 
ATOM   157  C CD2 . PHE A 1 23  ? -11.594 -0.085  -8.690  1.00 10.86 ? 150 PHE A CD2 1 
ATOM   158  C CE1 . PHE A 1 23  ? -10.499 -1.114  -6.354  1.00 9.44  ? 150 PHE A CE1 1 
ATOM   159  C CE2 . PHE A 1 23  ? -10.780 -1.218  -8.743  1.00 10.73 ? 150 PHE A CE2 1 
ATOM   160  C CZ  . PHE A 1 23  ? -10.232 -1.732  -7.569  1.00 10.95 ? 150 PHE A CZ  1 
ATOM   161  N N   . ARG A 1 24  ? -11.685 3.944   -9.466  1.00 11.04 ? 151 ARG A N   1 
ATOM   162  C CA  . ARG A 1 24  ? -10.919 4.278   -10.663 1.00 10.23 ? 151 ARG A CA  1 
ATOM   163  C C   . ARG A 1 24  ? -9.914  5.390   -10.346 1.00 10.72 ? 151 ARG A C   1 
ATOM   164  O O   . ARG A 1 24  ? -8.795  5.399   -10.868 1.00 10.38 ? 151 ARG A O   1 
ATOM   165  C CB  . ARG A 1 24  ? -11.865 4.696   -11.798 1.00 11.35 ? 151 ARG A CB  1 
ATOM   166  C CG  . ARG A 1 24  ? -12.782 3.560   -12.262 1.00 11.63 ? 151 ARG A CG  1 
ATOM   167  C CD  . ARG A 1 24  ? -13.456 3.879   -13.595 1.00 14.02 ? 151 ARG A CD  1 
ATOM   168  N NE  . ARG A 1 24  ? -14.385 5.003   -13.507 1.00 18.04 ? 151 ARG A NE  1 
ATOM   169  C CZ  . ARG A 1 24  ? -15.630 4.917   -13.047 1.00 17.15 ? 151 ARG A CZ  1 
ATOM   170  N NH1 . ARG A 1 24  ? -16.112 3.754   -12.627 1.00 18.53 ? 151 ARG A NH1 1 
ATOM   171  N NH2 . ARG A 1 24  ? -16.402 5.996   -13.019 1.00 19.93 ? 151 ARG A NH2 1 
ATOM   172  N N   . ARG A 1 25  ? -10.304 6.327   -9.487  1.00 11.43 ? 152 ARG A N   1 
ATOM   173  C CA  . ARG A 1 25  ? -9.393  7.398   -9.106  1.00 11.77 ? 152 ARG A CA  1 
ATOM   174  C C   . ARG A 1 25  ? -8.205  6.798   -8.351  1.00 11.14 ? 152 ARG A C   1 
ATOM   175  O O   . ARG A 1 25  ? -7.068  7.240   -8.507  1.00 11.39 ? 152 ARG A O   1 
ATOM   176  C CB  . ARG A 1 25  ? -10.098 8.426   -8.218  1.00 12.14 ? 152 ARG A CB  1 
ATOM   177  C CG  . ARG A 1 25  ? -11.167 9.236   -8.937  1.00 14.65 ? 152 ARG A CG  1 
ATOM   178  C CD  . ARG A 1 25  ? -11.650 10.385  -8.070  1.00 18.39 ? 152 ARG A CD  1 
ATOM   179  N NE  . ARG A 1 25  ? -12.598 11.246  -8.776  1.00 20.91 ? 152 ARG A NE  1 
ATOM   180  C CZ  . ARG A 1 25  ? -13.908 11.027  -8.852  1.00 23.34 ? 152 ARG A CZ  1 
ATOM   181  N NH1 . ARG A 1 25  ? -14.681 11.870  -9.525  1.00 24.75 ? 152 ARG A NH1 1 
ATOM   182  N NH2 . ARG A 1 25  ? -14.451 9.977   -8.250  1.00 24.67 ? 152 ARG A NH2 1 
ATOM   183  N N   . MET A 1 26  ? -8.471  5.788   -7.529  1.00 10.91 ? 153 MET A N   1 
ATOM   184  C CA  . MET A 1 26  ? -7.405  5.145   -6.776  1.00 10.70 ? 153 MET A CA  1 
ATOM   185  C C   . MET A 1 26  ? -6.447  4.419   -7.720  1.00 10.64 ? 153 MET A C   1 
ATOM   186  O O   . MET A 1 26  ? -5.232  4.468   -7.534  1.00 10.74 ? 153 MET A O   1 
ATOM   187  C CB  . MET A 1 26  ? -7.992  4.172   -5.748  1.00 11.51 ? 153 MET A CB  1 
ATOM   188  C CG  . MET A 1 26  ? -6.941  3.405   -4.960  1.00 11.76 ? 153 MET A CG  1 
ATOM   189  S SD  . MET A 1 26  ? -7.588  2.549   -3.507  1.00 13.49 ? 153 MET A SD  1 
ATOM   190  C CE  . MET A 1 26  ? -8.793  1.469   -4.266  1.00 11.80 ? 153 MET A CE  1 
ATOM   191  N N   . LYS A 1 27  ? -6.984  3.754   -8.738  1.00 10.77 ? 154 LYS A N   1 
ATOM   192  C CA  . LYS A 1 27  ? -6.128  3.048   -9.689  1.00 10.01 ? 154 LYS A CA  1 
ATOM   193  C C   . LYS A 1 27  ? -5.221  4.031   -10.425 1.00 11.26 ? 154 LYS A C   1 
ATOM   194  O O   . LYS A 1 27  ? -4.061  3.726   -10.702 1.00 10.26 ? 154 LYS A O   1 
ATOM   195  C CB  . LYS A 1 27  ? -6.967  2.255   -10.693 1.00 11.34 ? 154 LYS A CB  1 
ATOM   196  C CG  . LYS A 1 27  ? -7.736  1.099   -10.061 1.00 12.28 ? 154 LYS A CG  1 
ATOM   197  C CD  . LYS A 1 27  ? -8.211  0.098   -11.095 1.00 14.69 ? 154 LYS A CD  1 
ATOM   198  C CE  . LYS A 1 27  ? -9.214  0.688   -12.060 1.00 13.92 ? 154 LYS A CE  1 
ATOM   199  N NZ  . LYS A 1 27  ? -9.609  -0.329  -13.078 1.00 14.24 ? 154 LYS A NZ  1 
ATOM   200  N N   . GLU A 1 28  ? -5.752  5.207   -10.749 1.00 11.00 ? 155 GLU A N   1 
ATOM   201  C CA  . GLU A 1 28  ? -4.968  6.230   -11.436 1.00 10.18 ? 155 GLU A CA  1 
ATOM   202  C C   . GLU A 1 28  ? -3.828  6.703   -10.537 1.00 10.59 ? 155 GLU A C   1 
ATOM   203  O O   . GLU A 1 28  ? -2.702  6.908   -10.999 1.00 10.21 ? 155 GLU A O   1 
ATOM   204  C CB  . GLU A 1 28  ? -5.868  7.409   -11.816 1.00 10.55 ? 155 GLU A CB  1 
ATOM   205  C CG  . GLU A 1 28  ? -5.141  8.624   -12.388 1.00 11.53 ? 155 GLU A CG  1 
ATOM   206  C CD  . GLU A 1 28  ? -4.309  8.314   -13.630 1.00 11.95 ? 155 GLU A CD  1 
ATOM   207  O OE1 . GLU A 1 28  ? -4.685  7.411   -14.408 1.00 13.72 ? 155 GLU A OE1 1 
ATOM   208  O OE2 . GLU A 1 28  ? -3.277  8.995   -13.831 1.00 14.61 ? 155 GLU A OE2 1 
ATOM   209  N N   . PHE A 1 29  ? -4.128  6.863   -9.251  1.00 10.16 ? 156 PHE A N   1 
ATOM   210  C CA  . PHE A 1 29  ? -3.143  7.292   -8.266  1.00 10.54 ? 156 PHE A CA  1 
ATOM   211  C C   . PHE A 1 29  ? -2.021  6.254   -8.174  1.00 11.08 ? 156 PHE A C   1 
ATOM   212  O O   . PHE A 1 29  ? -0.840  6.598   -8.241  1.00 10.88 ? 156 PHE A O   1 
ATOM   213  C CB  . PHE A 1 29  ? -3.818  7.457   -6.899  1.00 10.18 ? 156 PHE A CB  1 
ATOM   214  C CG  . PHE A 1 29  ? -2.860  7.729   -5.772  1.00 11.33 ? 156 PHE A CG  1 
ATOM   215  C CD1 . PHE A 1 29  ? -2.263  8.975   -5.628  1.00 11.82 ? 156 PHE A CD1 1 
ATOM   216  C CD2 . PHE A 1 29  ? -2.550  6.727   -4.856  1.00 11.06 ? 156 PHE A CD2 1 
ATOM   217  C CE1 . PHE A 1 29  ? -1.372  9.224   -4.587  1.00 12.10 ? 156 PHE A CE1 1 
ATOM   218  C CE2 . PHE A 1 29  ? -1.658  6.964   -3.811  1.00 12.99 ? 156 PHE A CE2 1 
ATOM   219  C CZ  . PHE A 1 29  ? -1.068  8.217   -3.676  1.00 12.24 ? 156 PHE A CZ  1 
ATOM   220  N N   . VAL A 1 30  ? -2.388  4.985   -8.026  1.00 10.17 ? 157 VAL A N   1 
ATOM   221  C CA  . VAL A 1 30  ? -1.390  3.927   -7.928  1.00 10.15 ? 157 VAL A CA  1 
ATOM   222  C C   . VAL A 1 30  ? -0.534  3.880   -9.191  1.00 11.31 ? 157 VAL A C   1 
ATOM   223  O O   . VAL A 1 30  ? 0.694   3.763   -9.114  1.00 11.04 ? 157 VAL A O   1 
ATOM   224  C CB  . VAL A 1 30  ? -2.052  2.548   -7.694  1.00 9.65  ? 157 VAL A CB  1 
ATOM   225  C CG1 . VAL A 1 30  ? -0.999  1.450   -7.741  1.00 10.17 ? 157 VAL A CG1 1 
ATOM   226  C CG2 . VAL A 1 30  ? -2.743  2.526   -6.332  1.00 10.01 ? 157 VAL A CG2 1 
ATOM   227  N N   . SER A 1 31  ? -1.181  3.973   -10.350 1.00 10.63 ? 158 SER A N   1 
ATOM   228  C CA  . SER A 1 31  ? -0.469  3.957   -11.623 1.00 11.61 ? 158 SER A CA  1 
ATOM   229  C C   . SER A 1 31  ? 0.542   5.099   -11.689 1.00 11.69 ? 158 SER A C   1 
ATOM   230  O O   . SER A 1 31  ? 1.700   4.897   -12.054 1.00 12.11 ? 158 SER A O   1 
ATOM   231  C CB  . SER A 1 31  ? -1.455  4.087   -12.789 1.00 10.67 ? 158 SER A CB  1 
ATOM   232  O OG  . SER A 1 31  ? -2.288  2.944   -12.890 1.00 13.18 ? 158 SER A OG  1 
ATOM   233  N N   . THR A 1 32  ? 0.097   6.297   -11.325 1.00 11.85 ? 159 THR A N   1 
ATOM   234  C CA  . THR A 1 32  ? 0.951   7.478   -11.359 1.00 13.18 ? 159 THR A CA  1 
ATOM   235  C C   . THR A 1 32  ? 2.107   7.406   -10.364 1.00 12.90 ? 159 THR A C   1 
ATOM   236  O O   . THR A 1 32  ? 3.248   7.696   -10.720 1.00 13.66 ? 159 THR A O   1 
ATOM   237  C CB  . THR A 1 32  ? 0.126   8.758   -11.106 1.00 14.80 ? 159 THR A CB  1 
ATOM   238  O OG1 . THR A 1 32  ? -0.819  8.925   -12.171 1.00 16.01 ? 159 THR A OG1 1 
ATOM   239  C CG2 . THR A 1 32  ? 1.025   9.982   -11.052 1.00 15.94 ? 159 THR A CG2 1 
ATOM   240  N N   . VAL A 1 33  ? 1.821   7.021   -9.124  1.00 13.36 ? 160 VAL A N   1 
ATOM   241  C CA  . VAL A 1 33  ? 2.873   6.919   -8.121  1.00 13.45 ? 160 VAL A CA  1 
ATOM   242  C C   . VAL A 1 33  ? 3.925   5.900   -8.544  1.00 14.06 ? 160 VAL A C   1 
ATOM   243  O O   . VAL A 1 33  ? 5.120   6.136   -8.380  1.00 13.98 ? 160 VAL A O   1 
ATOM   244  C CB  . VAL A 1 33  ? 2.311   6.515   -6.742  1.00 13.91 ? 160 VAL A CB  1 
ATOM   245  C CG1 . VAL A 1 33  ? 3.455   6.266   -5.766  1.00 14.55 ? 160 VAL A CG1 1 
ATOM   246  C CG2 . VAL A 1 33  ? 1.400   7.611   -6.215  1.00 14.82 ? 160 VAL A CG2 1 
ATOM   247  N N   . MET A 1 34  ? 3.495   4.764   -9.090  1.00 13.72 ? 161 MET A N   1 
ATOM   248  C CA  . MET A 1 34  ? 4.460   3.757   -9.522  1.00 14.25 ? 161 MET A CA  1 
ATOM   249  C C   . MET A 1 34  ? 5.344   4.311   -10.634 1.00 15.45 ? 161 MET A C   1 
ATOM   250  O O   . MET A 1 34  ? 6.544   4.043   -10.671 1.00 15.28 ? 161 MET A O   1 
ATOM   251  C CB  . MET A 1 34  ? 3.751   2.484   -9.995  1.00 14.73 ? 161 MET A CB  1 
ATOM   252  C CG  . MET A 1 34  ? 3.079   1.706   -8.872  1.00 14.26 ? 161 MET A CG  1 
ATOM   253  S SD  . MET A 1 34  ? 2.349   0.157   -9.435  1.00 13.67 ? 161 MET A SD  1 
ATOM   254  C CE  . MET A 1 34  ? 2.198   -0.715  -7.864  1.00 17.43 ? 161 MET A CE  1 
ATOM   255  N N   . GLU A 1 35  ? 4.761   5.096   -11.536 1.00 15.66 ? 162 GLU A N   1 
ATOM   256  C CA  . GLU A 1 35  ? 5.540   5.673   -12.625 1.00 17.70 ? 162 GLU A CA  1 
ATOM   257  C C   . GLU A 1 35  ? 6.546   6.681   -12.072 1.00 18.28 ? 162 GLU A C   1 
ATOM   258  O O   . GLU A 1 35  ? 7.679   6.762   -12.546 1.00 19.21 ? 162 GLU A O   1 
ATOM   259  C CB  . GLU A 1 35  ? 4.620   6.360   -13.642 1.00 17.84 ? 162 GLU A CB  1 
ATOM   260  C CG  . GLU A 1 35  ? 3.619   5.425   -14.302 1.00 18.93 ? 162 GLU A CG  1 
ATOM   261  C CD  . GLU A 1 35  ? 2.679   6.145   -15.257 1.00 20.27 ? 162 GLU A CD  1 
ATOM   262  O OE1 . GLU A 1 35  ? 2.188   7.237   -14.903 1.00 21.61 ? 162 GLU A OE1 1 
ATOM   263  O OE2 . GLU A 1 35  ? 2.420   5.610   -16.355 1.00 21.07 ? 162 GLU A OE2 1 
ATOM   264  N N   . GLN A 1 36  ? 6.133   7.438   -11.058 1.00 19.20 ? 163 GLN A N   1 
ATOM   265  C CA  . GLN A 1 36  ? 7.002   8.439   -10.449 1.00 20.08 ? 163 GLN A CA  1 
ATOM   266  C C   . GLN A 1 36  ? 8.088   7.840   -9.554  1.00 20.37 ? 163 GLN A C   1 
ATOM   267  O O   . GLN A 1 36  ? 9.128   8.460   -9.337  1.00 20.74 ? 163 GLN A O   1 
ATOM   268  C CB  . GLN A 1 36  ? 6.173   9.446   -9.648  1.00 20.97 ? 163 GLN A CB  1 
ATOM   269  C CG  . GLN A 1 36  ? 5.240   10.293  -10.505 1.00 22.56 ? 163 GLN A CG  1 
ATOM   270  C CD  . GLN A 1 36  ? 4.574   11.413  -9.727  1.00 24.30 ? 163 GLN A CD  1 
ATOM   271  O OE1 . GLN A 1 36  ? 3.763   12.164  -10.271 1.00 26.63 ? 163 GLN A OE1 1 
ATOM   272  N NE2 . GLN A 1 36  ? 4.913   11.534  -8.450  1.00 24.46 ? 163 GLN A NE2 1 
ATOM   273  N N   . LEU A 1 37  ? 7.845   6.640   -9.035  1.00 19.96 ? 164 LEU A N   1 
ATOM   274  C CA  . LEU A 1 37  ? 8.818   5.971   -8.174  1.00 20.53 ? 164 LEU A CA  1 
ATOM   275  C C   . LEU A 1 37  ? 9.717   5.053   -8.996  1.00 22.66 ? 164 LEU A C   1 
ATOM   276  O O   . LEU A 1 37  ? 10.710  4.526   -8.493  1.00 21.67 ? 164 LEU A O   1 
ATOM   277  C CB  . LEU A 1 37  ? 8.103   5.142   -7.105  1.00 20.61 ? 164 LEU A CB  1 
ATOM   278  C CG  . LEU A 1 37  ? 7.287   5.875   -6.039  1.00 20.94 ? 164 LEU A CG  1 
ATOM   279  C CD1 . LEU A 1 37  ? 6.553   4.859   -5.181  1.00 20.01 ? 164 LEU A CD1 1 
ATOM   280  C CD2 . LEU A 1 37  ? 8.202   6.731   -5.181  1.00 22.60 ? 164 LEU A CD2 1 
ATOM   281  N N   . LYS A 1 38  ? 9.362   4.872   -10.263 1.00 24.00 ? 165 LYS A N   1 
ATOM   282  C CA  . LYS A 1 38  ? 10.105  4.000   -11.163 1.00 27.54 ? 165 LYS A CA  1 
ATOM   283  C C   . LYS A 1 38  ? 11.603  4.284   -11.247 1.00 27.49 ? 165 LYS A C   1 
ATOM   284  O O   . LYS A 1 38  ? 12.028  5.389   -11.583 1.00 27.44 ? 165 LYS A O   1 
ATOM   285  C CB  . LYS A 1 38  ? 9.494   4.059   -12.566 1.00 30.45 ? 165 LYS A CB  1 
ATOM   286  C CG  . LYS A 1 38  ? 10.152  3.123   -13.570 1.00 34.05 ? 165 LYS A CG  1 
ATOM   287  C CD  . LYS A 1 38  ? 9.455   3.162   -14.921 0.00 36.32 ? 165 LYS A CD  1 
ATOM   288  C CE  . LYS A 1 38  ? 8.020   2.659   -14.826 0.00 38.59 ? 165 LYS A CE  1 
ATOM   289  N NZ  . LYS A 1 38  ? 7.337   2.674   -16.150 0.00 41.14 ? 165 LYS A NZ  1 
ATOM   290  N N   . LYS A 1 39  ? 12.391  3.261   -10.933 1.00 27.37 ? 166 LYS A N   1 
ATOM   291  C CA  . LYS A 1 39  ? 13.846  3.328   -10.982 1.00 27.88 ? 166 LYS A CA  1 
ATOM   292  C C   . LYS A 1 39  ? 14.337  1.981   -11.496 1.00 27.63 ? 166 LYS A C   1 
ATOM   293  O O   . LYS A 1 39  ? 13.650  0.971   -11.354 1.00 26.33 ? 166 LYS A O   1 
ATOM   294  C CB  . LYS A 1 39  ? 14.426  3.600   -9.594  1.00 30.29 ? 166 LYS A CB  1 
ATOM   295  C CG  . LYS A 1 39  ? 14.233  5.025   -9.109  1.00 31.60 ? 166 LYS A CG  1 
ATOM   296  C CD  . LYS A 1 39  ? 14.882  5.229   -7.752  1.00 34.13 ? 166 LYS A CD  1 
ATOM   297  C CE  . LYS A 1 39  ? 14.814  6.684   -7.320  1.00 36.01 ? 166 LYS A CE  1 
ATOM   298  N NZ  . LYS A 1 39  ? 15.438  6.905   -5.986  1.00 37.71 ? 166 LYS A NZ  1 
ATOM   299  N N   . SER A 1 40  ? 15.526  1.967   -12.088 1.00 26.92 ? 167 SER A N   1 
ATOM   300  C CA  . SER A 1 40  ? 16.093  0.744   -12.644 1.00 26.66 ? 167 SER A CA  1 
ATOM   301  C C   . SER A 1 40  ? 16.086  -0.468  -11.713 1.00 25.05 ? 167 SER A C   1 
ATOM   302  O O   . SER A 1 40  ? 15.856  -1.592  -12.161 1.00 25.09 ? 167 SER A O   1 
ATOM   303  C CB  . SER A 1 40  ? 17.525  1.003   -13.124 1.00 28.71 ? 167 SER A CB  1 
ATOM   304  O OG  . SER A 1 40  ? 18.349  1.442   -12.059 1.00 29.05 ? 167 SER A OG  1 
ATOM   305  N N   . LYS A 1 41  ? 16.325  -0.252  -10.424 1.00 23.52 ? 168 LYS A N   1 
ATOM   306  C CA  . LYS A 1 41  ? 16.354  -1.369  -9.486  1.00 21.85 ? 168 LYS A CA  1 
ATOM   307  C C   . LYS A 1 41  ? 15.143  -1.461  -8.565  1.00 19.70 ? 168 LYS A C   1 
ATOM   308  O O   . LYS A 1 41  ? 15.211  -2.057  -7.489  1.00 18.72 ? 168 LYS A O   1 
ATOM   309  C CB  . LYS A 1 41  ? 17.643  -1.326  -8.660  1.00 26.07 ? 168 LYS A CB  1 
ATOM   310  C CG  . LYS A 1 41  ? 18.903  -1.468  -9.504  0.00 29.75 ? 168 LYS A CG  1 
ATOM   311  C CD  . LYS A 1 41  ? 20.117  -1.846  -8.668  0.00 33.96 ? 168 LYS A CD  1 
ATOM   312  C CE  . LYS A 1 41  ? 20.457  -0.781  -7.641  0.00 36.81 ? 168 LYS A CE  1 
ATOM   313  N NZ  . LYS A 1 41  ? 21.644  -1.171  -6.832  0.00 40.05 ? 168 LYS A NZ  1 
ATOM   314  N N   . THR A 1 42  ? 14.031  -0.878  -8.993  1.00 15.92 ? 169 THR A N   1 
ATOM   315  C CA  . THR A 1 42  ? 12.809  -0.921  -8.205  1.00 14.64 ? 169 THR A CA  1 
ATOM   316  C C   . THR A 1 42  ? 11.800  -1.852  -8.864  1.00 14.13 ? 169 THR A C   1 
ATOM   317  O O   . THR A 1 42  ? 11.644  -1.852  -10.085 1.00 15.80 ? 169 THR A O   1 
ATOM   318  C CB  . THR A 1 42  ? 12.182  0.490   -8.066  1.00 16.32 ? 169 THR A CB  1 
ATOM   319  O OG1 . THR A 1 42  ? 13.014  1.300   -7.227  1.00 19.61 ? 169 THR A OG1 1 
ATOM   320  C CG2 . THR A 1 42  ? 10.783  0.408   -7.454  1.00 14.30 ? 169 THR A CG2 1 
ATOM   321  N N   . LEU A 1 43  ? 11.146  -2.671  -8.047  1.00 10.46 ? 170 LEU A N   1 
ATOM   322  C CA  . LEU A 1 43  ? 10.114  -3.579  -8.533  1.00 10.52 ? 170 LEU A CA  1 
ATOM   323  C C   . LEU A 1 43  ? 8.852   -3.272  -7.738  1.00 9.66  ? 170 LEU A C   1 
ATOM   324  O O   . LEU A 1 43  ? 8.930   -2.833  -6.589  1.00 10.33 ? 170 LEU A O   1 
ATOM   325  C CB  . LEU A 1 43  ? 10.513  -5.046  -8.327  1.00 10.37 ? 170 LEU A CB  1 
ATOM   326  C CG  . LEU A 1 43  ? 11.692  -5.551  -9.165  1.00 11.26 ? 170 LEU A CG  1 
ATOM   327  C CD1 . LEU A 1 43  ? 11.955  -7.010  -8.837  1.00 12.65 ? 170 LEU A CD1 1 
ATOM   328  C CD2 . LEU A 1 43  ? 11.388  -5.401  -10.652 1.00 12.10 ? 170 LEU A CD2 1 
ATOM   329  N N   . PHE A 1 44  ? 7.696   -3.497  -8.351  1.00 8.61  ? 171 PHE A N   1 
ATOM   330  C CA  . PHE A 1 44  ? 6.414   -3.232  -7.702  1.00 9.09  ? 171 PHE A CA  1 
ATOM   331  C C   . PHE A 1 44  ? 5.546   -4.480  -7.665  1.00 9.20  ? 171 PHE A C   1 
ATOM   332  O O   . PHE A 1 44  ? 5.691   -5.378  -8.493  1.00 8.70  ? 171 PHE A O   1 
ATOM   333  C CB  . PHE A 1 44  ? 5.647   -2.144  -8.461  1.00 10.34 ? 171 PHE A CB  1 
ATOM   334  C CG  . PHE A 1 44  ? 6.282   -0.786  -8.397  1.00 10.75 ? 171 PHE A CG  1 
ATOM   335  C CD1 . PHE A 1 44  ? 6.151   0.008   -7.263  1.00 11.85 ? 171 PHE A CD1 1 
ATOM   336  C CD2 . PHE A 1 44  ? 7.013   -0.299  -9.477  1.00 13.51 ? 171 PHE A CD2 1 
ATOM   337  C CE1 . PHE A 1 44  ? 6.739   1.274   -7.207  1.00 12.84 ? 171 PHE A CE1 1 
ATOM   338  C CE2 . PHE A 1 44  ? 7.602   0.963   -9.428  1.00 13.64 ? 171 PHE A CE2 1 
ATOM   339  C CZ  . PHE A 1 44  ? 7.464   1.747   -8.293  1.00 13.71 ? 171 PHE A CZ  1 
ATOM   340  N N   . SER A 1 45  ? 4.642   -4.523  -6.693  1.00 8.42  ? 172 SER A N   1 
ATOM   341  C CA  . SER A 1 45  ? 3.707   -5.630  -6.547  1.00 8.62  ? 172 SER A CA  1 
ATOM   342  C C   . SER A 1 45  ? 2.426   -5.019  -5.990  1.00 8.63  ? 172 SER A C   1 
ATOM   343  O O   . SER A 1 45  ? 2.473   -4.039  -5.246  1.00 9.82  ? 172 SER A O   1 
ATOM   344  C CB  . SER A 1 45  ? 4.257   -6.687  -5.587  1.00 8.51  ? 172 SER A CB  1 
ATOM   345  O OG  . SER A 1 45  ? 3.405   -7.817  -5.531  1.00 9.03  ? 172 SER A OG  1 
ATOM   346  N N   . LEU A 1 46  ? 1.282   -5.591  -6.347  1.00 8.13  ? 173 LEU A N   1 
ATOM   347  C CA  . LEU A 1 46  ? 0.011   -5.050  -5.892  1.00 9.55  ? 173 LEU A CA  1 
ATOM   348  C C   . LEU A 1 46  ? -0.989  -6.100  -5.450  1.00 9.43  ? 173 LEU A C   1 
ATOM   349  O O   . LEU A 1 46  ? -1.213  -7.094  -6.146  1.00 9.86  ? 173 LEU A O   1 
ATOM   350  C CB  . LEU A 1 46  ? -0.615  -4.218  -7.015  1.00 11.85 ? 173 LEU A CB  1 
ATOM   351  C CG  . LEU A 1 46  ? -2.058  -3.735  -6.851  1.00 13.36 ? 173 LEU A CG  1 
ATOM   352  C CD1 . LEU A 1 46  ? -2.114  -2.628  -5.820  1.00 14.45 ? 173 LEU A CD1 1 
ATOM   353  C CD2 . LEU A 1 46  ? -2.581  -3.237  -8.194  1.00 13.74 ? 173 LEU A CD2 1 
ATOM   354  N N   . MET A 1 47  ? -1.585  -5.865  -4.285  1.00 9.12  ? 174 MET A N   1 
ATOM   355  C CA  . MET A 1 47  ? -2.613  -6.738  -3.746  1.00 9.56  ? 174 MET A CA  1 
ATOM   356  C C   . MET A 1 47  ? -3.828  -5.890  -3.400  1.00 8.55  ? 174 MET A C   1 
ATOM   357  O O   . MET A 1 47  ? -3.700  -4.796  -2.843  1.00 9.63  ? 174 MET A O   1 
ATOM   358  C CB  . MET A 1 47  ? -2.137  -7.457  -2.479  1.00 10.65 ? 174 MET A CB  1 
ATOM   359  C CG  . MET A 1 47  ? -3.246  -8.272  -1.804  1.00 14.07 ? 174 MET A CG  1 
ATOM   360  S SD  . MET A 1 47  ? -2.772  -9.146  -0.292  1.00 15.60 ? 174 MET A SD  1 
ATOM   361  C CE  . MET A 1 47  ? -1.930  -10.559 -0.991  1.00 14.78 ? 174 MET A CE  1 
ATOM   362  N N   . GLN A 1 48  ? -5.006  -6.383  -3.762  1.00 8.17  ? 175 GLN A N   1 
ATOM   363  C CA  . GLN A 1 48  ? -6.246  -5.699  -3.430  1.00 8.68  ? 175 GLN A CA  1 
ATOM   364  C C   . GLN A 1 48  ? -6.894  -6.534  -2.337  1.00 8.10  ? 175 GLN A C   1 
ATOM   365  O O   . GLN A 1 48  ? -6.831  -7.765  -2.378  1.00 8.91  ? 175 GLN A O   1 
ATOM   366  C CB  . GLN A 1 48  ? -7.184  -5.638  -4.635  1.00 8.27  ? 175 GLN A CB  1 
ATOM   367  C CG  . GLN A 1 48  ? -8.448  -4.844  -4.371  1.00 8.37  ? 175 GLN A CG  1 
ATOM   368  C CD  . GLN A 1 48  ? -9.457  -4.941  -5.493  1.00 9.60  ? 175 GLN A CD  1 
ATOM   369  O OE1 . GLN A 1 48  ? -9.144  -5.384  -6.602  1.00 10.31 ? 175 GLN A OE1 1 
ATOM   370  N NE2 . GLN A 1 48  ? -10.672 -4.515  -5.215  1.00 7.77  ? 175 GLN A NE2 1 
ATOM   371  N N   . TYR A 1 49  ? -7.597  -5.583  -1.409  1.00 8.39  ? 176 TYR A N   1 
ATOM   372  C CA  . TYR A 1 49  ? -8.149  -6.458  -0.367  1.00 8.03  ? 176 TYR A CA  1 
ATOM   373  C C   . TYR A 1 49  ? -9.519  -5.956  0.082   1.00 8.80  ? 176 TYR A C   1 
ATOM   374  O O   . TYR A 1 49  ? -9.856  -4.776  -0.094  1.00 8.72  ? 176 TYR A O   1 
ATOM   375  C CB  . TYR A 1 49  ? -7.230  -6.478  0.854   1.00 8.08  ? 176 TYR A CB  1 
ATOM   376  C CG  . TYR A 1 49  ? -7.370  -5.222  1.717   1.00 7.48  ? 176 TYR A CG  1 
ATOM   377  C CD1 . TYR A 1 49  ? -6.581  -4.100  1.447   1.00 7.53  ? 176 TYR A CD1 1 
ATOM   378  C CD2 . TYR A 1 49  ? -8.288  -5.193  2.776   1.00 7.12  ? 176 TYR A CD2 1 
ATOM   379  C CE1 . TYR A 1 49  ? -6.707  -2.949  2.232   1.00 8.41  ? 176 TYR A CE1 1 
ATOM   380  C CE2 . TYR A 1 49  ? -8.415  -4.041  3.562   1.00 7.97  ? 176 TYR A CE2 1 
ATOM   381  C CZ  . TYR A 1 49  ? -7.624  -2.919  3.289   1.00 8.91  ? 176 TYR A CZ  1 
ATOM   382  O OH  . TYR A 1 49  ? -7.746  -1.798  4.049   1.00 9.22  ? 176 TYR A OH  1 
ATOM   383  N N   . SER A 1 50  ? -10.249 -6.889  0.651   1.00 9.74  ? 177 SER A N   1 
ATOM   384  C CA  . SER A 1 50  ? -11.595 -6.659  1.181   1.00 11.52 ? 177 SER A CA  1 
ATOM   385  C C   . SER A 1 50  ? -11.878 -7.705  2.258   1.00 12.94 ? 177 SER A C   1 
ATOM   386  O O   . SER A 1 50  ? -11.501 -7.538  3.426   1.00 10.35 ? 177 SER A O   1 
ATOM   387  C CB  . SER A 1 50  ? -12.631 -6.773  0.059   1.00 12.02 ? 177 SER A CB  1 
ATOM   388  O OG  . SER A 1 50  ? -12.658 -8.097  -0.449  1.00 13.83 ? 177 SER A OG  1 
ATOM   389  N N   . GLU A 1 51  ? -12.533 -8.764  1.828   1.00 15.43 ? 178 GLU A N   1 
ATOM   390  C CA  . GLU A 1 51  ? -12.891 -9.885  2.708   1.00 17.59 ? 178 GLU A CA  1 
ATOM   391  C C   . GLU A 1 51  ? -12.545 -11.211 2.029   1.00 17.31 ? 178 GLU A C   1 
ATOM   392  O O   . GLU A 1 51  ? -11.928 -12.097 2.638   1.00 18.13 ? 178 GLU A O   1 
ATOM   393  C CB  . GLU A 1 51  ? -14.390 -9.858  3.013   1.00 19.17 ? 178 GLU A CB  1 
ATOM   394  C CG  . GLU A 1 51  ? -15.258 -10.079 1.776   1.00 23.04 ? 178 GLU A CG  1 
ATOM   395  C CD  . GLU A 1 51  ? -16.742 -10.226 2.112   1.00 25.07 ? 178 GLU A CD  1 
ATOM   396  O OE1 . GLU A 1 51  ? -17.202 -11.362 2.511   0.00 25.31 ? 178 GLU A OE1 1 
ATOM   397  O OE2 . GLU A 1 51  ? -17.532 -9.213  1.997   1.00 27.22 ? 178 GLU A OE2 1 
ATOM   398  N N   . GLU A 1 52  ? -11.825 -10.598 0.713   1.00 18.09 ? 179 GLU A N   1 
ATOM   399  C CA  . GLU A 1 52  ? -11.113 -11.490 -0.191  1.00 18.88 ? 179 GLU A CA  1 
ATOM   400  C C   . GLU A 1 52  ? -9.770  -10.823 -0.472  1.00 17.45 ? 179 GLU A C   1 
ATOM   401  O O   . GLU A 1 52  ? -9.585  -9.641  -0.182  1.00 15.34 ? 179 GLU A O   1 
ATOM   402  C CB  . GLU A 1 52  ? -11.890 -11.666 -1.496  1.00 22.37 ? 179 GLU A CB  1 
ATOM   403  C CG  . GLU A 1 52  ? -13.287 -12.242 -1.319  1.00 27.60 ? 179 GLU A CG  1 
ATOM   404  C CD  . GLU A 1 52  ? -14.021 -12.397 -2.634  1.00 30.41 ? 179 GLU A CD  1 
ATOM   405  O OE1 . GLU A 1 52  ? -14.196 -11.381 -3.341  1.00 33.00 ? 179 GLU A OE1 1 
ATOM   406  O OE2 . GLU A 1 52  ? -14.425 -13.533 -2.963  0.00 31.28 ? 179 GLU A OE2 1 
ATOM   407  N N   . PHE A 1 53  ? -8.837  -11.574 -1.037  1.00 17.12 ? 180 PHE A N   1 
ATOM   408  C CA  . PHE A 1 53  ? -7.519  -11.037 -1.323  1.00 15.81 ? 180 PHE A CA  1 
ATOM   409  C C   . PHE A 1 53  ? -7.096  -11.446 -2.720  1.00 16.62 ? 180 PHE A C   1 
ATOM   410  O O   . PHE A 1 53  ? -7.278  -12.593 -3.131  1.00 19.57 ? 180 PHE A O   1 
ATOM   411  C CB  . PHE A 1 53  ? -6.540  -11.543 -0.264  1.00 16.60 ? 180 PHE A CB  1 
ATOM   412  C CG  . PHE A 1 53  ? -7.010  -11.279 1.139   1.00 16.10 ? 180 PHE A CG  1 
ATOM   413  C CD1 . PHE A 1 53  ? -6.765  -10.054 1.753   1.00 13.81 ? 180 PHE A CD1 1 
ATOM   414  C CD2 . PHE A 1 53  ? -7.798  -12.215 1.800   1.00 14.90 ? 180 PHE A CD2 1 
ATOM   415  C CE1 . PHE A 1 53  ? -7.308  -9.761  3.001   1.00 14.41 ? 180 PHE A CE1 1 
ATOM   416  C CE2 . PHE A 1 53  ? -8.345  -11.932 3.047   1.00 15.49 ? 180 PHE A CE2 1 
ATOM   417  C CZ  . PHE A 1 53  ? -8.103  -10.701 3.648   1.00 14.46 ? 180 PHE A CZ  1 
ATOM   418  N N   . ARG A 1 54  ? -6.550  -10.494 -3.463  1.00 12.49 ? 181 ARG A N   1 
ATOM   419  C CA  . ARG A 1 54  ? -6.130  -10.779 -4.820  1.00 12.53 ? 181 ARG A CA  1 
ATOM   420  C C   . ARG A 1 54  ? -4.768  -10.184 -5.126  1.00 11.50 ? 181 ARG A C   1 
ATOM   421  O O   . ARG A 1 54  ? -4.546  -8.987  -4.938  1.00 9.98  ? 181 ARG A O   1 
ATOM   422  C CB  . ARG A 1 54  ? -7.166  -10.229 -5.804  1.00 14.36 ? 181 ARG A CB  1 
ATOM   423  C CG  . ARG A 1 54  ? -6.869  -10.532 -7.262  1.00 19.10 ? 181 ARG A CG  1 
ATOM   424  C CD  . ARG A 1 54  ? -7.952  -9.974  -8.171  0.00 24.04 ? 181 ARG A CD  1 
ATOM   425  N NE  . ARG A 1 54  ? -9.273  -10.508 -7.851  0.00 28.45 ? 181 ARG A NE  1 
ATOM   426  C CZ  . ARG A 1 54  ? -10.393 -10.149 -8.470  0.00 30.61 ? 181 ARG A CZ  1 
ATOM   427  N NH1 . ARG A 1 54  ? -10.357 -9.253  -9.446  0.00 31.98 ? 181 ARG A NH1 1 
ATOM   428  N NH2 . ARG A 1 54  ? -11.551 -10.687 -8.112  0.00 32.00 ? 181 ARG A NH2 1 
ATOM   429  N N   . ILE A 1 55  ? -3.853  -11.032 -5.578  1.00 10.73 ? 182 ILE A N   1 
ATOM   430  C CA  . ILE A 1 55  ? -2.526  -10.577 -5.959  1.00 10.64 ? 182 ILE A CA  1 
ATOM   431  C C   . ILE A 1 55  ? -2.647  -10.243 -7.442  1.00 10.54 ? 182 ILE A C   1 
ATOM   432  O O   . ILE A 1 55  ? -2.709  -11.138 -8.282  1.00 13.07 ? 182 ILE A O   1 
ATOM   433  C CB  . ILE A 1 55  ? -1.462  -11.682 -5.777  1.00 10.80 ? 182 ILE A CB  1 
ATOM   434  C CG1 . ILE A 1 55  ? -1.356  -12.073 -4.299  1.00 11.69 ? 182 ILE A CG1 1 
ATOM   435  C CG2 . ILE A 1 55  ? -0.113  -11.183 -6.294  1.00 11.10 ? 182 ILE A CG2 1 
ATOM   436  C CD1 . ILE A 1 55  ? -0.386  -13.216 -4.033  1.00 13.87 ? 182 ILE A CD1 1 
ATOM   437  N N   . HIS A 1 56  ? -2.704  -8.956  -7.761  1.00 10.43 ? 183 HIS A N   1 
ATOM   438  C CA  . HIS A 1 56  ? -2.836  -8.538  -9.151  1.00 8.64  ? 183 HIS A CA  1 
ATOM   439  C C   . HIS A 1 56  ? -1.544  -8.732  -9.921  1.00 9.85  ? 183 HIS A C   1 
ATOM   440  O O   . HIS A 1 56  ? -1.568  -9.113  -11.088 1.00 11.94 ? 183 HIS A O   1 
ATOM   441  C CB  . HIS A 1 56  ? -3.357  -7.109  -9.202  1.00 9.68  ? 183 HIS A CB  1 
ATOM   442  C CG  . HIS A 1 56  ? -4.803  -7.019  -8.837  1.00 9.42  ? 183 HIS A CG  1 
ATOM   443  N ND1 . HIS A 1 56  ? -5.253  -6.438  -7.670  1.00 11.95 ? 183 HIS A ND1 1 
ATOM   444  C CD2 . HIS A 1 56  ? -5.900  -7.513  -9.458  1.00 9.70  ? 183 HIS A CD2 1 
ATOM   445  C CE1 . HIS A 1 56  ? -6.565  -6.581  -7.589  1.00 9.52  ? 183 HIS A CE1 1 
ATOM   446  N NE2 . HIS A 1 56  ? -6.981  -7.229  -8.661  1.00 13.05 ? 183 HIS A NE2 1 
ATOM   447  N N   . PHE A 1 57  ? -0.417  -8.460  -9.276  1.00 8.96  ? 184 PHE A N   1 
ATOM   448  C CA  . PHE A 1 57  ? 0.873   -8.738  -9.885  1.00 9.11  ? 184 PHE A CA  1 
ATOM   449  C C   . PHE A 1 57  ? 1.944   -8.831  -8.824  1.00 7.94  ? 184 PHE A C   1 
ATOM   450  O O   . PHE A 1 57  ? 1.949   -8.081  -7.842  1.00 9.34  ? 184 PHE A O   1 
ATOM   451  C CB  . PHE A 1 57  ? 1.268   -7.740  -10.996 1.00 9.18  ? 184 PHE A CB  1 
ATOM   452  C CG  . PHE A 1 57  ? 1.287   -6.300  -10.582 1.00 10.13 ? 184 PHE A CG  1 
ATOM   453  C CD1 . PHE A 1 57  ? 0.150   -5.514  -10.723 1.00 8.80  ? 184 PHE A CD1 1 
ATOM   454  C CD2 . PHE A 1 57  ? 2.461   -5.707  -10.118 1.00 11.01 ? 184 PHE A CD2 1 
ATOM   455  C CE1 . PHE A 1 57  ? 0.176   -4.159  -10.415 1.00 11.20 ? 184 PHE A CE1 1 
ATOM   456  C CE2 . PHE A 1 57  ? 2.499   -4.350  -9.806  1.00 11.91 ? 184 PHE A CE2 1 
ATOM   457  C CZ  . PHE A 1 57  ? 1.357   -3.573  -9.954  1.00 11.04 ? 184 PHE A CZ  1 
ATOM   458  N N   . THR A 1 58  ? 2.816   -9.813  -9.009  1.00 9.43  ? 185 THR A N   1 
ATOM   459  C CA  . THR A 1 58  ? 3.927   -10.066 -8.107  1.00 9.86  ? 185 THR A CA  1 
ATOM   460  C C   . THR A 1 58  ? 5.128   -9.261  -8.585  1.00 10.19 ? 185 THR A C   1 
ATOM   461  O O   . THR A 1 58  ? 5.107   -8.692  -9.679  1.00 10.50 ? 185 THR A O   1 
ATOM   462  C CB  . THR A 1 58  ? 4.316   -11.549 -8.134  1.00 10.09 ? 185 THR A CB  1 
ATOM   463  O OG1 . THR A 1 58  ? 4.694   -11.908 -9.470  1.00 11.64 ? 185 THR A OG1 1 
ATOM   464  C CG2 . THR A 1 58  ? 3.147   -12.423 -7.698  1.00 12.57 ? 185 THR A CG2 1 
ATOM   465  N N   . PHE A 1 59  ? 6.175   -9.211  -7.768  1.00 9.95  ? 186 PHE A N   1 
ATOM   466  C CA  . PHE A 1 59  ? 7.384   -8.497  -8.150  1.00 10.18 ? 186 PHE A CA  1 
ATOM   467  C C   . PHE A 1 59  ? 7.965   -9.151  -9.401  1.00 10.70 ? 186 PHE A C   1 
ATOM   468  O O   . PHE A 1 59  ? 8.478   -8.466  -10.280 1.00 10.72 ? 186 PHE A O   1 
ATOM   469  C CB  . PHE A 1 59  ? 8.409   -8.536  -7.011  1.00 9.63  ? 186 PHE A CB  1 
ATOM   470  C CG  . PHE A 1 59  ? 8.037   -7.678  -5.831  1.00 10.05 ? 186 PHE A CG  1 
ATOM   471  C CD1 . PHE A 1 59  ? 7.876   -6.305  -5.978  1.00 8.56  ? 186 PHE A CD1 1 
ATOM   472  C CD2 . PHE A 1 59  ? 7.840   -8.248  -4.573  1.00 9.35  ? 186 PHE A CD2 1 
ATOM   473  C CE1 . PHE A 1 59  ? 7.522   -5.501  -4.890  1.00 8.62  ? 186 PHE A CE1 1 
ATOM   474  C CE2 . PHE A 1 59  ? 7.485   -7.457  -3.477  1.00 8.14  ? 186 PHE A CE2 1 
ATOM   475  C CZ  . PHE A 1 59  ? 7.326   -6.080  -3.639  1.00 9.76  ? 186 PHE A CZ  1 
ATOM   476  N N   . LYS A 1 60  ? 7.871   -10.477 -9.474  1.00 10.97 ? 187 LYS A N   1 
ATOM   477  C CA  . LYS A 1 60  ? 8.381   -11.223 -10.622 1.00 13.64 ? 187 LYS A CA  1 
ATOM   478  C C   . LYS A 1 60  ? 7.629   -10.822 -11.890 1.00 14.31 ? 187 LYS A C   1 
ATOM   479  O O   . LYS A 1 60  ? 8.234   -10.569 -12.934 1.00 13.66 ? 187 LYS A O   1 
ATOM   480  C CB  . LYS A 1 60  ? 8.225   -12.727 -10.375 1.00 16.21 ? 187 LYS A CB  1 
ATOM   481  C CG  . LYS A 1 60  ? 8.784   -13.609 -11.483 1.00 20.17 ? 187 LYS A CG  1 
ATOM   482  C CD  . LYS A 1 60  ? 8.476   -15.090 -11.251 1.00 23.66 ? 187 LYS A CD  1 
ATOM   483  C CE  . LYS A 1 60  ? 9.142   -15.640 -9.994  1.00 27.68 ? 187 LYS A CE  1 
ATOM   484  N NZ  . LYS A 1 60  ? 8.585   -15.064 -8.738  0.00 27.14 ? 187 LYS A NZ  1 
ATOM   485  N N   . GLU A 1 61  ? 6.305   -10.757 -11.801 1.00 13.14 ? 188 GLU A N   1 
ATOM   486  C CA  . GLU A 1 61  ? 5.508   -10.377 -12.954 1.00 13.70 ? 188 GLU A CA  1 
ATOM   487  C C   . GLU A 1 61  ? 5.832   -8.951  -13.386 1.00 13.96 ? 188 GLU A C   1 
ATOM   488  O O   . GLU A 1 61  ? 5.857   -8.648  -14.582 1.00 14.61 ? 188 GLU A O   1 
ATOM   489  C CB  . GLU A 1 61  ? 4.017   -10.525 -12.639 1.00 14.57 ? 188 GLU A CB  1 
ATOM   490  C CG  . GLU A 1 61  ? 3.588   -11.972 -12.438 1.00 16.76 ? 188 GLU A CG  1 
ATOM   491  C CD  . GLU A 1 61  ? 2.117   -12.107 -12.099 1.00 19.44 ? 188 GLU A CD  1 
ATOM   492  O OE1 . GLU A 1 61  ? 1.686   -11.543 -11.073 1.00 17.84 ? 188 GLU A OE1 1 
ATOM   493  O OE2 . GLU A 1 61  ? 1.388   -12.780 -12.859 1.00 24.81 ? 188 GLU A OE2 1 
ATOM   494  N N   . PHE A 1 62  ? 6.092   -8.070  -12.426 1.00 12.72 ? 189 PHE A N   1 
ATOM   495  C CA  . PHE A 1 62  ? 6.427   -6.696  -12.768 1.00 13.18 ? 189 PHE A CA  1 
ATOM   496  C C   . PHE A 1 62  ? 7.771   -6.660  -13.484 1.00 13.95 ? 189 PHE A C   1 
ATOM   497  O O   . PHE A 1 62  ? 7.949   -5.935  -14.462 1.00 14.29 ? 189 PHE A O   1 
ATOM   498  C CB  . PHE A 1 62  ? 6.513   -5.807  -11.525 1.00 12.67 ? 189 PHE A CB  1 
ATOM   499  C CG  . PHE A 1 62  ? 6.794   -4.371  -11.850 1.00 13.08 ? 189 PHE A CG  1 
ATOM   500  C CD1 . PHE A 1 62  ? 5.763   -3.525  -12.243 1.00 14.84 ? 189 PHE A CD1 1 
ATOM   501  C CD2 . PHE A 1 62  ? 8.097   -3.880  -11.846 1.00 13.18 ? 189 PHE A CD2 1 
ATOM   502  C CE1 . PHE A 1 62  ? 6.022   -2.213  -12.629 1.00 14.07 ? 189 PHE A CE1 1 
ATOM   503  C CE2 . PHE A 1 62  ? 8.366   -2.564  -12.234 1.00 13.79 ? 189 PHE A CE2 1 
ATOM   504  C CZ  . PHE A 1 62  ? 7.326   -1.734  -12.625 1.00 15.25 ? 189 PHE A CZ  1 
ATOM   505  N N   . GLN A 1 63  ? 8.722   -7.442  -12.989 1.00 13.88 ? 190 GLN A N   1 
ATOM   506  C CA  . GLN A 1 63  ? 10.043  -7.487  -13.595 1.00 14.87 ? 190 GLN A CA  1 
ATOM   507  C C   . GLN A 1 63  ? 9.938   -7.877  -15.068 1.00 15.70 ? 190 GLN A C   1 
ATOM   508  O O   . GLN A 1 63  ? 10.638  -7.322  -15.913 1.00 15.62 ? 190 GLN A O   1 
ATOM   509  C CB  . GLN A 1 63  ? 10.931  -8.481  -12.842 1.00 14.92 ? 190 GLN A CB  1 
ATOM   510  C CG  . GLN A 1 63  ? 12.358  -8.562  -13.358 1.00 17.90 ? 190 GLN A CG  1 
ATOM   511  C CD  . GLN A 1 63  ? 13.249  -9.397  -12.458 1.00 19.77 ? 190 GLN A CD  1 
ATOM   512  O OE1 . GLN A 1 63  ? 13.539  -9.015  -11.324 1.00 23.87 ? 190 GLN A OE1 1 
ATOM   513  N NE2 . GLN A 1 63  ? 13.683  -10.548 -12.958 1.00 23.23 ? 190 GLN A NE2 1 
ATOM   514  N N   . ASN A 1 64  ? 9.046   -8.814  -15.372 1.00 16.96 ? 191 ASN A N   1 
ATOM   515  C CA  . ASN A 1 64  ? 8.868   -9.272  -16.747 1.00 18.83 ? 191 ASN A CA  1 
ATOM   516  C C   . ASN A 1 64  ? 8.052   -8.322  -17.617 1.00 19.41 ? 191 ASN A C   1 
ATOM   517  O O   . ASN A 1 64  ? 8.138   -8.370  -18.844 1.00 20.76 ? 191 ASN A O   1 
ATOM   518  C CB  . ASN A 1 64  ? 8.235   -10.663 -16.763 1.00 20.84 ? 191 ASN A CB  1 
ATOM   519  C CG  . ASN A 1 64  ? 9.138   -11.716 -16.151 1.00 24.83 ? 191 ASN A CG  1 
ATOM   520  O OD1 . ASN A 1 64  ? 10.334  -11.766 -16.444 1.00 28.51 ? 191 ASN A OD1 1 
ATOM   521  N ND2 . ASN A 1 64  ? 8.571   -12.567 -15.306 1.00 28.20 ? 191 ASN A ND2 1 
ATOM   522  N N   . ASN A 1 65  ? 7.256   -7.467  -16.985 1.00 17.61 ? 192 ASN A N   1 
ATOM   523  C CA  . ASN A 1 65  ? 6.442   -6.485  -17.704 1.00 17.14 ? 192 ASN A CA  1 
ATOM   524  C C   . ASN A 1 65  ? 6.369   -5.244  -16.821 1.00 15.93 ? 192 ASN A C   1 
ATOM   525  O O   . ASN A 1 65  ? 5.342   -4.958  -16.205 1.00 14.35 ? 192 ASN A O   1 
ATOM   526  C CB  . ASN A 1 65  ? 5.041   -7.043  -17.973 1.00 18.01 ? 192 ASN A CB  1 
ATOM   527  C CG  . ASN A 1 65  ? 4.141   -6.043  -18.672 1.00 20.42 ? 192 ASN A CG  1 
ATOM   528  O OD1 . ASN A 1 65  ? 4.601   -5.230  -19.474 1.00 20.32 ? 192 ASN A OD1 1 
ATOM   529  N ND2 . ASN A 1 65  ? 2.847   -6.109  -18.382 1.00 22.42 ? 192 ASN A ND2 1 
ATOM   530  N N   . PRO A 1 66  ? 7.474   -4.482  -16.756 1.00 15.18 ? 193 PRO A N   1 
ATOM   531  C CA  . PRO A 1 66  ? 7.582   -3.265  -15.946 1.00 15.68 ? 193 PRO A CA  1 
ATOM   532  C C   . PRO A 1 66  ? 6.790   -2.061  -16.425 1.00 14.42 ? 193 PRO A C   1 
ATOM   533  O O   . PRO A 1 66  ? 7.346   -0.979  -16.617 1.00 15.97 ? 193 PRO A O   1 
ATOM   534  C CB  . PRO A 1 66  ? 9.082   -3.001  -15.937 1.00 15.93 ? 193 PRO A CB  1 
ATOM   535  C CG  . PRO A 1 66  ? 9.480   -3.422  -17.317 1.00 15.54 ? 193 PRO A CG  1 
ATOM   536  C CD  . PRO A 1 66  ? 8.724   -4.726  -17.502 1.00 15.45 ? 193 PRO A CD  1 
ATOM   537  N N   . ASN A 1 67  ? 5.486   -2.246  -16.595 1.00 14.59 ? 194 ASN A N   1 
ATOM   538  C CA  . ASN A 1 67  ? 4.623   -1.164  -17.050 1.00 14.47 ? 194 ASN A CA  1 
ATOM   539  C C   . ASN A 1 67  ? 3.437   -1.026  -16.102 1.00 14.48 ? 194 ASN A C   1 
ATOM   540  O O   . ASN A 1 67  ? 2.418   -1.695  -16.261 1.00 14.67 ? 194 ASN A O   1 
ATOM   541  C CB  . ASN A 1 67  ? 4.149   -1.439  -18.479 1.00 15.98 ? 194 ASN A CB  1 
ATOM   542  C CG  . ASN A 1 67  ? 5.306   -1.559  -19.462 1.00 17.52 ? 194 ASN A CG  1 
ATOM   543  O OD1 . ASN A 1 67  ? 5.768   -2.659  -19.768 1.00 20.91 ? 194 ASN A OD1 1 
ATOM   544  N ND2 . ASN A 1 67  ? 5.788   -0.421  -19.946 1.00 20.14 ? 194 ASN A ND2 1 
ATOM   545  N N   . PRO A 1 68  ? 3.569   -0.152  -15.090 1.00 16.27 ? 195 PRO A N   1 
ATOM   546  C CA  . PRO A 1 68  ? 2.560   0.130   -14.064 1.00 15.89 ? 195 PRO A CA  1 
ATOM   547  C C   . PRO A 1 68  ? 1.126   0.293   -14.562 1.00 15.34 ? 195 PRO A C   1 
ATOM   548  O O   . PRO A 1 68  ? 0.225   -0.421  -14.116 1.00 14.12 ? 195 PRO A O   1 
ATOM   549  C CB  . PRO A 1 68  ? 3.084   1.407   -13.412 1.00 18.74 ? 195 PRO A CB  1 
ATOM   550  C CG  . PRO A 1 68  ? 4.561   1.237   -13.506 1.00 18.36 ? 195 PRO A CG  1 
ATOM   551  C CD  . PRO A 1 68  ? 4.742   0.727   -14.918 1.00 16.24 ? 195 PRO A CD  1 
ATOM   552  N N   . ARG A 1 69  ? 0.907   1.234   -15.476 1.00 14.65 ? 196 ARG A N   1 
ATOM   553  C CA  . ARG A 1 69  ? -0.435  1.467   -15.991 1.00 14.97 ? 196 ARG A CA  1 
ATOM   554  C C   . ARG A 1 69  ? -1.069  0.247   -16.631 1.00 14.56 ? 196 ARG A C   1 
ATOM   555  O O   . ARG A 1 69  ? -2.250  -0.027  -16.412 1.00 14.26 ? 196 ARG A O   1 
ATOM   556  C CB  . ARG A 1 69  ? -0.443  2.621   -16.996 1.00 19.81 ? 196 ARG A CB  1 
ATOM   557  C CG  . ARG A 1 69  ? -0.415  3.983   -16.349 1.00 23.67 ? 196 ARG A CG  1 
ATOM   558  C CD  . ARG A 1 69  ? -0.474  5.099   -17.375 1.00 25.55 ? 196 ARG A CD  1 
ATOM   559  N NE  . ARG A 1 69  ? -0.458  6.397   -16.715 1.00 27.13 ? 196 ARG A NE  1 
ATOM   560  C CZ  . ARG A 1 69  ? -1.481  6.894   -16.027 1.00 28.88 ? 196 ARG A CZ  1 
ATOM   561  N NH1 . ARG A 1 69  ? -2.606  6.203   -15.918 1.00 27.41 ? 196 ARG A NH1 1 
ATOM   562  N NH2 . ARG A 1 69  ? -1.370  8.073   -15.436 1.00 30.96 ? 196 ARG A NH2 1 
ATOM   563  N N   . SER A 1 70  ? -0.301  -0.494  -17.421 1.00 12.73 ? 197 SER A N   1 
ATOM   564  C CA  . SER A 1 70  ? -0.859  -1.666  -18.076 1.00 13.28 ? 197 SER A CA  1 
ATOM   565  C C   . SER A 1 70  ? -1.267  -2.722  -17.060 1.00 12.73 ? 197 SER A C   1 
ATOM   566  O O   . SER A 1 70  ? -2.238  -3.445  -17.268 1.00 13.66 ? 197 SER A O   1 
ATOM   567  C CB  . SER A 1 70  ? 0.136   -2.263  -19.078 1.00 13.86 ? 197 SER A CB  1 
ATOM   568  O OG  . SER A 1 70  ? 1.235   -2.875  -18.431 1.00 19.78 ? 197 SER A OG  1 
ATOM   569  N N   . LEU A 1 71  ? -0.532  -2.806  -15.957 1.00 11.02 ? 198 LEU A N   1 
ATOM   570  C CA  . LEU A 1 71  ? -0.828  -3.786  -14.919 1.00 10.09 ? 198 LEU A CA  1 
ATOM   571  C C   . LEU A 1 71  ? -1.956  -3.369  -13.981 1.00 9.80  ? 198 LEU A C   1 
ATOM   572  O O   . LEU A 1 71  ? -2.739  -4.205  -13.542 1.00 10.29 ? 198 LEU A O   1 
ATOM   573  C CB  . LEU A 1 71  ? 0.426   -4.058  -14.090 1.00 10.27 ? 198 LEU A CB  1 
ATOM   574  C CG  . LEU A 1 71  ? 1.567   -4.769  -14.813 1.00 13.45 ? 198 LEU A CG  1 
ATOM   575  C CD1 . LEU A 1 71  ? 2.831   -4.670  -13.977 1.00 13.93 ? 198 LEU A CD1 1 
ATOM   576  C CD2 . LEU A 1 71  ? 1.189   -6.217  -15.063 1.00 16.25 ? 198 LEU A CD2 1 
ATOM   577  N N   . VAL A 1 72  ? -2.041  -2.078  -13.685 1.00 10.49 ? 199 VAL A N   1 
ATOM   578  C CA  . VAL A 1 72  ? -3.056  -1.576  -12.760 1.00 11.26 ? 199 VAL A CA  1 
ATOM   579  C C   . VAL A 1 72  ? -4.407  -1.260  -13.387 1.00 12.47 ? 199 VAL A C   1 
ATOM   580  O O   . VAL A 1 72  ? -5.454  -1.549  -12.806 1.00 12.03 ? 199 VAL A O   1 
ATOM   581  C CB  . VAL A 1 72  ? -2.545  -0.304  -12.039 1.00 10.54 ? 199 VAL A CB  1 
ATOM   582  C CG1 . VAL A 1 72  ? -3.637  0.275   -11.137 1.00 12.82 ? 199 VAL A CG1 1 
ATOM   583  C CG2 . VAL A 1 72  ? -1.307  -0.640  -11.222 1.00 13.12 ? 199 VAL A CG2 1 
ATOM   584  N N   . LYS A 1 73  ? -4.379  -0.670  -14.573 1.00 12.38 ? 200 LYS A N   1 
ATOM   585  C CA  . LYS A 1 73  ? -5.592  -0.267  -15.280 1.00 14.35 ? 200 LYS A CA  1 
ATOM   586  C C   . LYS A 1 73  ? -6.751  -1.261  -15.385 1.00 14.45 ? 200 LYS A C   1 
ATOM   587  O O   . LYS A 1 73  ? -7.903  -0.899  -15.152 1.00 13.99 ? 200 LYS A O   1 
ATOM   588  C CB  . LYS A 1 73  ? -5.220  0.204   -16.692 1.00 17.02 ? 200 LYS A CB  1 
ATOM   589  C CG  . LYS A 1 73  ? -6.405  0.561   -17.584 1.00 18.81 ? 200 LYS A CG  1 
ATOM   590  C CD  . LYS A 1 73  ? -7.153  1.780   -17.069 1.00 17.69 ? 200 LYS A CD  1 
ATOM   591  C CE  . LYS A 1 73  ? -8.287  2.165   -18.008 1.00 16.62 ? 200 LYS A CE  1 
ATOM   592  N NZ  . LYS A 1 73  ? -8.997  3.392   -17.554 1.00 11.03 ? 200 LYS A NZ  1 
ATOM   593  N N   . PRO A 1 74  ? -6.468  -2.527  -15.720 1.00 13.93 ? 201 PRO A N   1 
ATOM   594  C CA  . PRO A 1 74  ? -7.543  -3.515  -15.858 1.00 13.63 ? 201 PRO A CA  1 
ATOM   595  C C   . PRO A 1 74  ? -8.147  -4.156  -14.614 1.00 13.68 ? 201 PRO A C   1 
ATOM   596  O O   . PRO A 1 74  ? -9.144  -4.872  -14.719 1.00 13.46 ? 201 PRO A O   1 
ATOM   597  C CB  . PRO A 1 74  ? -6.911  -4.554  -16.772 1.00 15.66 ? 201 PRO A CB  1 
ATOM   598  C CG  . PRO A 1 74  ? -5.506  -4.586  -16.271 1.00 15.01 ? 201 PRO A CG  1 
ATOM   599  C CD  . PRO A 1 74  ? -5.165  -3.119  -16.078 1.00 13.77 ? 201 PRO A CD  1 
ATOM   600  N N   . ILE A 1 75  ? -7.577  -3.911  -13.441 1.00 12.07 ? 202 ILE A N   1 
ATOM   601  C CA  . ILE A 1 75  ? -8.120  -4.558  -12.251 1.00 13.39 ? 202 ILE A CA  1 
ATOM   602  C C   . ILE A 1 75  ? -9.536  -4.130  -11.896 1.00 13.19 ? 202 ILE A C   1 
ATOM   603  O O   . ILE A 1 75  ? -9.914  -2.965  -12.043 1.00 13.77 ? 202 ILE A O   1 
ATOM   604  C CB  . ILE A 1 75  ? -7.212  -4.355  -11.017 1.00 14.76 ? 202 ILE A CB  1 
ATOM   605  C CG1 . ILE A 1 75  ? -7.279  -2.910  -10.531 1.00 17.02 ? 202 ILE A CG1 1 
ATOM   606  C CG2 . ILE A 1 75  ? -5.781  -4.715  -11.370 1.00 15.11 ? 202 ILE A CG2 1 
ATOM   607  C CD1 . ILE A 1 75  ? -6.578  -2.690  -9.201  1.00 17.92 ? 202 ILE A CD1 1 
ATOM   608  N N   . THR A 1 76  ? -10.328 -5.096  -11.448 1.00 11.65 ? 203 THR A N   1 
ATOM   609  C CA  . THR A 1 76  ? -11.699 -4.820  -11.054 1.00 13.23 ? 203 THR A CA  1 
ATOM   610  C C   . THR A 1 76  ? -11.820 -4.893  -9.541  1.00 11.25 ? 203 THR A C   1 
ATOM   611  O O   . THR A 1 76  ? -11.067 -5.599  -8.869  1.00 10.94 ? 203 THR A O   1 
ATOM   612  C CB  . THR A 1 76  ? -12.692 -5.804  -11.713 1.00 16.03 ? 203 THR A CB  1 
ATOM   613  O OG1 . THR A 1 76  ? -12.324 -7.149  -11.397 1.00 19.51 ? 203 THR A OG1 1 
ATOM   614  C CG2 . THR A 1 76  ? -12.696 -5.618  -13.230 1.00 18.00 ? 203 THR A CG2 1 
ATOM   615  N N   . GLN A 1 77  ? -12.782 -4.147  -9.020  1.00 9.90  ? 204 GLN A N   1 
ATOM   616  C CA  . GLN A 1 77  ? -13.025 -4.045  -7.590  1.00 10.67 ? 204 GLN A CA  1 
ATOM   617  C C   . GLN A 1 77  ? -13.676 -5.278  -6.984  1.00 10.91 ? 204 GLN A C   1 
ATOM   618  O O   . GLN A 1 77  ? -14.663 -5.799  -7.511  1.00 13.13 ? 204 GLN A O   1 
ATOM   619  C CB  . GLN A 1 77  ? -13.882 -2.814  -7.336  1.00 10.46 ? 204 GLN A CB  1 
ATOM   620  C CG  . GLN A 1 77  ? -14.127 -2.509  -5.883  1.00 11.56 ? 204 GLN A CG  1 
ATOM   621  C CD  . GLN A 1 77  ? -14.833 -1.191  -5.704  1.00 13.29 ? 204 GLN A CD  1 
ATOM   622  O OE1 . GLN A 1 77  ? -15.255 -0.561  -6.676  1.00 13.60 ? 204 GLN A OE1 1 
ATOM   623  N NE2 . GLN A 1 77  ? -14.967 -0.760  -4.458  1.00 11.06 ? 204 GLN A NE2 1 
ATOM   624  N N   . LEU A 1 78  ? -13.126 -5.727  -5.856  1.00 10.03 ? 205 LEU A N   1 
ATOM   625  C CA  . LEU A 1 78  ? -13.620 -6.913  -5.156  1.00 9.99  ? 205 LEU A CA  1 
ATOM   626  C C   . LEU A 1 78  ? -14.951 -6.726  -4.442  1.00 12.44 ? 205 LEU A C   1 
ATOM   627  O O   . LEU A 1 78  ? -15.793 -7.628  -4.452  1.00 12.48 ? 205 LEU A O   1 
ATOM   628  C CB  . LEU A 1 78  ? -12.598 -7.376  -4.115  1.00 11.11 ? 205 LEU A CB  1 
ATOM   629  C CG  . LEU A 1 78  ? -11.270 -7.954  -4.596  1.00 10.98 ? 205 LEU A CG  1 
ATOM   630  C CD1 . LEU A 1 78  ? -10.321 -8.102  -3.412  1.00 11.81 ? 205 LEU A CD1 1 
ATOM   631  C CD2 . LEU A 1 78  ? -11.510 -9.294  -5.274  1.00 14.64 ? 205 LEU A CD2 1 
ATOM   632  N N   . LEU A 1 79  ? -15.122 -5.559  -3.825  1.00 11.90 ? 206 LEU A N   1 
ATOM   633  C CA  . LEU A 1 79  ? -16.318 -5.235  -3.043  1.00 12.24 ? 206 LEU A CA  1 
ATOM   634  C C   . LEU A 1 79  ? -16.227 -6.051  -1.757  1.00 13.05 ? 206 LEU A C   1 
ATOM   635  O O   . LEU A 1 79  ? -15.281 -6.814  -1.569  1.00 14.09 ? 206 LEU A O   1 
ATOM   636  C CB  . LEU A 1 79  ? -17.602 -5.590  -3.807  1.00 11.91 ? 206 LEU A CB  1 
ATOM   637  C CG  . LEU A 1 79  ? -17.822 -4.882  -5.148  1.00 13.31 ? 206 LEU A CG  1 
ATOM   638  C CD1 . LEU A 1 79  ? -19.139 -5.353  -5.752  1.00 14.95 ? 206 LEU A CD1 1 
ATOM   639  C CD2 . LEU A 1 79  ? -17.833 -3.371  -4.956  1.00 15.03 ? 206 LEU A CD2 1 
ATOM   640  N N   . GLY A 1 80  ? -17.199 -5.890  -0.868  1.00 13.47 ? 207 GLY A N   1 
ATOM   641  C CA  . GLY A 1 80  ? -17.170 -6.637  0.375   1.00 14.10 ? 207 GLY A CA  1 
ATOM   642  C C   . GLY A 1 80  ? -16.698 -5.808  1.554   1.00 11.87 ? 207 GLY A C   1 
ATOM   643  O O   . GLY A 1 80  ? -16.687 -4.574  1.489   1.00 12.36 ? 207 GLY A O   1 
ATOM   644  N N   . ARG A 1 81  ? -16.291 -6.483  2.625   1.00 13.47 ? 208 ARG A N   1 
ATOM   645  C CA  . ARG A 1 81  ? -15.838 -5.799  3.828   1.00 12.00 ? 208 ARG A CA  1 
ATOM   646  C C   . ARG A 1 81  ? -14.365 -5.390  3.838   1.00 12.11 ? 208 ARG A C   1 
ATOM   647  O O   . ARG A 1 81  ? -13.703 -5.436  2.805   1.00 13.15 ? 208 ARG A O   1 
ATOM   648  C CB  . ARG A 1 81  ? -16.210 -6.625  5.058   1.00 14.33 ? 208 ARG A CB  1 
ATOM   649  C CG  . ARG A 1 81  ? -17.693 -6.483  5.401   1.00 19.44 ? 208 ARG A CG  1 
ATOM   650  C CD  . ARG A 1 81  ? -18.142 -7.487  6.441   1.00 23.86 ? 208 ARG A CD  1 
ATOM   651  N NE  . ARG A 1 81  ? -18.359 -8.811  5.866   1.00 29.47 ? 208 ARG A NE  1 
ATOM   652  C CZ  . ARG A 1 81  ? -19.310 -9.099  4.983   1.00 31.66 ? 208 ARG A CZ  1 
ATOM   653  N NH1 . ARG A 1 81  ? -19.431 -10.333 4.517   1.00 32.56 ? 208 ARG A NH1 1 
ATOM   654  N NH2 . ARG A 1 81  ? -20.146 -8.156  4.566   1.00 33.61 ? 208 ARG A NH2 1 
ATOM   655  N N   . THR A 1 82  ? -13.850 -5.012  5.005   1.00 11.49 ? 209 THR A N   1 
ATOM   656  C CA  . THR A 1 82  ? -12.489 -4.490  5.098   1.00 9.95  ? 209 THR A CA  1 
ATOM   657  C C   . THR A 1 82  ? -11.540 -5.203  6.067   1.00 9.23  ? 209 THR A C   1 
ATOM   658  O O   . THR A 1 82  ? -11.386 -4.775  7.210   1.00 10.45 ? 209 THR A O   1 
ATOM   659  C CB  . THR A 1 82  ? -12.576 -2.999  5.493   1.00 10.21 ? 209 THR A CB  1 
ATOM   660  O OG1 . THR A 1 82  ? -13.576 -2.357  4.688   1.00 10.14 ? 209 THR A OG1 1 
ATOM   661  C CG2 . THR A 1 82  ? -11.246 -2.299  5.296   1.00 10.44 ? 209 THR A CG2 1 
ATOM   662  N N   . HIS A 1 83  ? -10.872 -6.256  5.597   1.00 7.39  ? 210 HIS A N   1 
ATOM   663  C CA  . HIS A 1 83  ? -9.949  -7.032  6.430   1.00 8.45  ? 210 HIS A CA  1 
ATOM   664  C C   . HIS A 1 83  ? -8.513  -6.522  6.283   1.00 9.46  ? 210 HIS A C   1 
ATOM   665  O O   . HIS A 1 83  ? -7.639  -7.219  5.752   1.00 9.89  ? 210 HIS A O   1 
ATOM   666  C CB  . HIS A 1 83  ? -9.996  -8.507  6.022   1.00 10.10 ? 210 HIS A CB  1 
ATOM   667  C CG  . HIS A 1 83  ? -11.285 -9.199  6.345   1.00 12.18 ? 210 HIS A CG  1 
ATOM   668  N ND1 . HIS A 1 83  ? -12.504 -8.554  6.376   1.00 16.34 ? 210 HIS A ND1 1 
ATOM   669  C CD2 . HIS A 1 83  ? -11.543 -10.502 6.601   1.00 12.38 ? 210 HIS A CD2 1 
ATOM   670  C CE1 . HIS A 1 83  ? -13.457 -9.434  6.641   1.00 13.39 ? 210 HIS A CE1 1 
ATOM   671  N NE2 . HIS A 1 83  ? -12.899 -10.621 6.782   1.00 16.61 ? 210 HIS A NE2 1 
ATOM   672  N N   . THR A 1 84  ? -8.261  -5.319  6.784   1.00 8.40  ? 211 THR A N   1 
ATOM   673  C CA  . THR A 1 84  ? -6.947  -4.704  6.661   1.00 7.12  ? 211 THR A CA  1 
ATOM   674  C C   . THR A 1 84  ? -5.794  -5.471  7.308   1.00 8.13  ? 211 THR A C   1 
ATOM   675  O O   . THR A 1 84  ? -4.705  -5.544  6.738   1.00 8.03  ? 211 THR A O   1 
ATOM   676  C CB  . THR A 1 84  ? -6.985  -3.268  7.214   1.00 8.06  ? 211 THR A CB  1 
ATOM   677  O OG1 . THR A 1 84  ? -8.137  -2.597  6.685   1.00 8.57  ? 211 THR A OG1 1 
ATOM   678  C CG2 . THR A 1 84  ? -5.731  -2.500  6.802   1.00 8.40  ? 211 THR A CG2 1 
ATOM   679  N N   . ALA A 1 85  ? -6.020  -6.044  8.486   1.00 8.16  ? 212 ALA A N   1 
ATOM   680  C CA  . ALA A 1 85  ? -4.963  -6.787  9.166   1.00 8.36  ? 212 ALA A CA  1 
ATOM   681  C C   . ALA A 1 85  ? -4.547  -8.022  8.377   1.00 8.63  ? 212 ALA A C   1 
ATOM   682  O O   . ALA A 1 85  ? -3.356  -8.269  8.183   1.00 8.29  ? 212 ALA A O   1 
ATOM   683  C CB  . ALA A 1 85  ? -5.409  -7.182  10.574  1.00 9.14  ? 212 ALA A CB  1 
ATOM   684  N N   . THR A 1 86  ? -5.518  -8.808  7.926   1.00 9.03  ? 213 THR A N   1 
ATOM   685  C CA  . THR A 1 86  ? -5.182  -9.993  7.146   1.00 8.65  ? 213 THR A CA  1 
ATOM   686  C C   . THR A 1 86  ? -4.474  -9.551  5.865   1.00 8.93  ? 213 THR A C   1 
ATOM   687  O O   . THR A 1 86  ? -3.549  -10.214 5.411   1.00 8.88  ? 213 THR A O   1 
ATOM   688  C CB  . THR A 1 86  ? -6.434  -10.824 6.788   1.00 8.93  ? 213 THR A CB  1 
ATOM   689  O OG1 . THR A 1 86  ? -7.020  -11.344 7.989   1.00 9.93  ? 213 THR A OG1 1 
ATOM   690  C CG2 . THR A 1 86  ? -6.058  -11.991 5.875   1.00 9.87  ? 213 THR A CG2 1 
ATOM   691  N N   . GLY A 1 87  ? -4.905  -8.430  5.294   1.00 8.63  ? 214 GLY A N   1 
ATOM   692  C CA  . GLY A 1 87  ? -4.261  -7.928  4.092   1.00 8.00  ? 214 GLY A CA  1 
ATOM   693  C C   . GLY A 1 87  ? -2.778  -7.696  4.338   1.00 6.78  ? 214 GLY A C   1 
ATOM   694  O O   . GLY A 1 87  ? -1.934  -8.058  3.514   1.00 7.73  ? 214 GLY A O   1 
ATOM   695  N N   . ILE A 1 88  ? -2.451  -7.089  5.475   1.00 8.28  ? 215 ILE A N   1 
ATOM   696  C CA  . ILE A 1 88  ? -1.061  -6.831  5.825   1.00 8.64  ? 215 ILE A CA  1 
ATOM   697  C C   . ILE A 1 88  ? -0.287  -8.142  6.001   1.00 9.01  ? 215 ILE A C   1 
ATOM   698  O O   . ILE A 1 88  ? 0.864   -8.253  5.567   1.00 8.95  ? 215 ILE A O   1 
ATOM   699  C CB  . ILE A 1 88  ? -0.973  -5.969  7.107   1.00 7.36  ? 215 ILE A CB  1 
ATOM   700  C CG1 . ILE A 1 88  ? -1.465  -4.553  6.796   1.00 8.75  ? 215 ILE A CG1 1 
ATOM   701  C CG2 . ILE A 1 88  ? 0.460   -5.935  7.633   1.00 8.58  ? 215 ILE A CG2 1 
ATOM   702  C CD1 . ILE A 1 88  ? -1.741  -3.718  8.033   1.00 10.22 ? 215 ILE A CD1 1 
ATOM   703  N N   . ARG A 1 89  ? -0.913  -9.140  6.622   1.00 8.26  ? 216 ARG A N   1 
ATOM   704  C CA  . ARG A 1 89  ? -0.251  -10.426 6.800   1.00 8.55  ? 216 ARG A CA  1 
ATOM   705  C C   . ARG A 1 89  ? 0.058   -11.052 5.445   1.00 8.32  ? 216 ARG A C   1 
ATOM   706  O O   . ARG A 1 89  ? 1.152   -11.569 5.227   1.00 9.33  ? 216 ARG A O   1 
ATOM   707  C CB  . ARG A 1 89  ? -1.125  -11.399 7.601   1.00 8.08  ? 216 ARG A CB  1 
ATOM   708  C CG  . ARG A 1 89  ? -0.604  -12.843 7.550   1.00 8.30  ? 216 ARG A CG  1 
ATOM   709  C CD  . ARG A 1 89  ? -1.236  -13.740 8.602   1.00 8.58  ? 216 ARG A CD  1 
ATOM   710  N NE  . ARG A 1 89  ? -0.883  -13.300 9.947   1.00 8.54  ? 216 ARG A NE  1 
ATOM   711  C CZ  . ARG A 1 89  ? -1.243  -13.926 11.062  1.00 8.90  ? 216 ARG A CZ  1 
ATOM   712  N NH1 . ARG A 1 89  ? -1.969  -15.034 11.002  1.00 9.39  ? 216 ARG A NH1 1 
ATOM   713  N NH2 . ARG A 1 89  ? -0.886  -13.432 12.240  1.00 10.36 ? 216 ARG A NH2 1 
ATOM   714  N N   . LYS A 1 90  ? -0.909  -11.012 4.533   1.00 8.51  ? 217 LYS A N   1 
ATOM   715  C CA  . LYS A 1 90  ? -0.693  -11.608 3.221   1.00 9.14  ? 217 LYS A CA  1 
ATOM   716  C C   . LYS A 1 90  ? 0.368   -10.874 2.417   1.00 9.41  ? 217 LYS A C   1 
ATOM   717  O O   . LYS A 1 90  ? 1.092   -11.485 1.629   1.00 9.70  ? 217 LYS A O   1 
ATOM   718  C CB  . LYS A 1 90  ? -2.008  -11.686 2.447   1.00 10.81 ? 217 LYS A CB  1 
ATOM   719  C CG  . LYS A 1 90  ? -3.004  -12.639 3.092   1.00 14.71 ? 217 LYS A CG  1 
ATOM   720  C CD  . LYS A 1 90  ? -4.169  -12.942 2.176   1.00 17.51 ? 217 LYS A CD  1 
ATOM   721  C CE  . LYS A 1 90  ? -5.159  -13.885 2.840   1.00 19.24 ? 217 LYS A CE  1 
ATOM   722  N NZ  . LYS A 1 90  ? -4.542  -15.186 3.218   1.00 22.68 ? 217 LYS A NZ  1 
ATOM   723  N N   . VAL A 1 91  ? 0.475   -9.566  2.609   1.00 8.83  ? 218 VAL A N   1 
ATOM   724  C CA  . VAL A 1 91  ? 1.503   -8.814  1.901   1.00 10.04 ? 218 VAL A CA  1 
ATOM   725  C C   . VAL A 1 91  ? 2.870   -9.285  2.389   1.00 10.26 ? 218 VAL A C   1 
ATOM   726  O O   . VAL A 1 91  ? 3.751   -9.597  1.591   1.00 10.38 ? 218 VAL A O   1 
ATOM   727  C CB  . VAL A 1 91  ? 1.386   -7.298  2.160   1.00 10.55 ? 218 VAL A CB  1 
ATOM   728  C CG1 . VAL A 1 91  ? 2.668   -6.590  1.726   1.00 12.36 ? 218 VAL A CG1 1 
ATOM   729  C CG2 . VAL A 1 91  ? 0.206   -6.735  1.389   1.00 11.62 ? 218 VAL A CG2 1 
ATOM   730  N N   . VAL A 1 92  ? 3.037   -9.347  3.705   1.00 9.77  ? 219 VAL A N   1 
ATOM   731  C CA  . VAL A 1 92  ? 4.305   -9.758  4.292   1.00 9.57  ? 219 VAL A CA  1 
ATOM   732  C C   . VAL A 1 92  ? 4.712   -11.183 3.943   1.00 10.36 ? 219 VAL A C   1 
ATOM   733  O O   . VAL A 1 92  ? 5.870   -11.435 3.600   1.00 11.50 ? 219 VAL A O   1 
ATOM   734  C CB  . VAL A 1 92  ? 4.274   -9.612  5.833   1.00 9.76  ? 219 VAL A CB  1 
ATOM   735  C CG1 . VAL A 1 92  ? 5.557   -10.163 6.442   1.00 12.50 ? 219 VAL A CG1 1 
ATOM   736  C CG2 . VAL A 1 92  ? 4.100   -8.150  6.208   1.00 12.54 ? 219 VAL A CG2 1 
ATOM   737  N N   . ARG A 1 93  ? 3.762   -12.110 4.014   1.00 8.81  ? 220 ARG A N   1 
ATOM   738  C CA  . ARG A 1 93  ? 4.056   -13.511 3.735   1.00 9.35  ? 220 ARG A CA  1 
ATOM   739  C C   . ARG A 1 93  ? 4.053   -13.894 2.266   1.00 10.53 ? 220 ARG A C   1 
ATOM   740  O O   . ARG A 1 93  ? 4.851   -14.732 1.848   1.00 13.51 ? 220 ARG A O   1 
ATOM   741  C CB  . ARG A 1 93  ? 3.075   -14.412 4.490   1.00 9.06  ? 220 ARG A CB  1 
ATOM   742  C CG  . ARG A 1 93  ? 3.189   -14.284 5.994   1.00 9.89  ? 220 ARG A CG  1 
ATOM   743  C CD  . ARG A 1 93  ? 2.276   -15.253 6.718   1.00 9.84  ? 220 ARG A CD  1 
ATOM   744  N NE  . ARG A 1 93  ? 2.338   -15.042 8.159   1.00 9.72  ? 220 ARG A NE  1 
ATOM   745  C CZ  . ARG A 1 93  ? 1.635   -15.733 9.051   1.00 9.94  ? 220 ARG A CZ  1 
ATOM   746  N NH1 . ARG A 1 93  ? 0.812   -16.696 8.652   1.00 9.92  ? 220 ARG A NH1 1 
ATOM   747  N NH2 . ARG A 1 93  ? 1.746   -15.450 10.341  1.00 10.33 ? 220 ARG A NH2 1 
ATOM   748  N N   . GLU A 1 94  ? 3.171   -13.284 1.482   1.00 10.62 ? 221 GLU A N   1 
ATOM   749  C CA  . GLU A 1 94  ? 3.067   -13.618 0.065   1.00 11.40 ? 221 GLU A CA  1 
ATOM   750  C C   . GLU A 1 94  ? 3.804   -12.714 -0.911  1.00 12.16 ? 221 GLU A C   1 
ATOM   751  O O   . GLU A 1 94  ? 4.579   -13.195 -1.735  1.00 13.19 ? 221 GLU A O   1 
ATOM   752  C CB  . GLU A 1 94  ? 1.596   -13.684 -0.339  1.00 12.12 ? 221 GLU A CB  1 
ATOM   753  C CG  . GLU A 1 94  ? 0.827   -14.813 0.324   1.00 15.56 ? 221 GLU A CG  1 
ATOM   754  C CD  . GLU A 1 94  ? -0.665  -14.588 0.286   1.00 19.43 ? 221 GLU A CD  1 
ATOM   755  O OE1 . GLU A 1 94  ? -1.169  -14.049 -0.723  1.00 20.09 ? 221 GLU A OE1 1 
ATOM   756  O OE2 . GLU A 1 94  ? -1.339  -14.954 1.272   1.00 22.60 ? 221 GLU A OE2 1 
ATOM   757  N N   . LEU A 1 95  ? 3.574   -11.410 -0.841  1.00 11.72 ? 222 LEU A N   1 
ATOM   758  C CA  . LEU A 1 95  ? 4.240   -10.519 -1.785  1.00 11.47 ? 222 LEU A CA  1 
ATOM   759  C C   . LEU A 1 95  ? 5.743   -10.443 -1.573  1.00 10.93 ? 222 LEU A C   1 
ATOM   760  O O   . LEU A 1 95  ? 6.509   -10.455 -2.534  1.00 11.67 ? 222 LEU A O   1 
ATOM   761  C CB  . LEU A 1 95  ? 3.630   -9.119  -1.728  1.00 11.34 ? 222 LEU A CB  1 
ATOM   762  C CG  . LEU A 1 95  ? 2.134   -9.027  -2.058  1.00 11.17 ? 222 LEU A CG  1 
ATOM   763  C CD1 . LEU A 1 95  ? 1.756   -7.566  -2.232  1.00 11.79 ? 222 LEU A CD1 1 
ATOM   764  C CD2 . LEU A 1 95  ? 1.818   -9.808  -3.333  1.00 13.71 ? 222 LEU A CD2 1 
ATOM   765  N N   . PHE A 1 96  ? 6.168   -10.374 -0.315  1.00 10.27 ? 223 PHE A N   1 
ATOM   766  C CA  . PHE A 1 96  ? 7.589   -10.296 0.006   1.00 12.29 ? 223 PHE A CA  1 
ATOM   767  C C   . PHE A 1 96  ? 8.192   -11.679 0.214   1.00 14.32 ? 223 PHE A C   1 
ATOM   768  O O   . PHE A 1 96  ? 8.951   -11.911 1.152   1.00 19.38 ? 223 PHE A O   1 
ATOM   769  C CB  . PHE A 1 96  ? 7.794   -9.431  1.251   1.00 10.49 ? 223 PHE A CB  1 
ATOM   770  C CG  . PHE A 1 96  ? 7.587   -7.966  1.000   1.00 8.94  ? 223 PHE A CG  1 
ATOM   771  C CD1 . PHE A 1 96  ? 8.507   -7.245  0.247   1.00 10.19 ? 223 PHE A CD1 1 
ATOM   772  C CD2 . PHE A 1 96  ? 6.462   -7.311  1.487   1.00 9.82  ? 223 PHE A CD2 1 
ATOM   773  C CE1 . PHE A 1 96  ? 8.308   -5.893  -0.021  1.00 10.88 ? 223 PHE A CE1 1 
ATOM   774  C CE2 . PHE A 1 96  ? 6.256   -5.958  1.225   1.00 10.59 ? 223 PHE A CE2 1 
ATOM   775  C CZ  . PHE A 1 96  ? 7.180   -5.249  0.469   1.00 9.03  ? 223 PHE A CZ  1 
ATOM   776  N N   . ASN A 1 97  ? 7.837   -12.595 -0.676  1.00 16.35 ? 224 ASN A N   1 
ATOM   777  C CA  . ASN A 1 97  ? 8.333   -13.961 -0.625  1.00 15.67 ? 224 ASN A CA  1 
ATOM   778  C C   . ASN A 1 97  ? 9.188   -14.179 -1.867  1.00 15.83 ? 224 ASN A C   1 
ATOM   779  O O   . ASN A 1 97  ? 8.870   -13.674 -2.944  1.00 13.40 ? 224 ASN A O   1 
ATOM   780  C CB  . ASN A 1 97  ? 7.159   -14.942 -0.617  1.00 17.62 ? 224 ASN A CB  1 
ATOM   781  C CG  . ASN A 1 97  ? 7.581   -16.356 -0.277  1.00 19.65 ? 224 ASN A CG  1 
ATOM   782  O OD1 . ASN A 1 97  ? 8.398   -16.959 -0.971  1.00 20.75 ? 224 ASN A OD1 1 
ATOM   783  N ND2 . ASN A 1 97  ? 7.022   -16.894 0.800   1.00 23.46 ? 224 ASN A ND2 1 
ATOM   784  N N   . ILE A 1 98  ? 10.277  -14.920 -1.713  1.00 16.13 ? 225 ILE A N   1 
ATOM   785  C CA  . ILE A 1 98  ? 11.176  -15.195 -2.826  1.00 16.88 ? 225 ILE A CA  1 
ATOM   786  C C   . ILE A 1 98  ? 10.463  -15.859 -4.007  1.00 15.87 ? 225 ILE A C   1 
ATOM   787  O O   . ILE A 1 98  ? 10.813  -15.620 -5.162  1.00 15.94 ? 225 ILE A O   1 
ATOM   788  C CB  . ILE A 1 98  ? 12.350  -16.098 -2.371  1.00 18.21 ? 225 ILE A CB  1 
ATOM   789  C CG1 . ILE A 1 98  ? 13.268  -16.404 -3.556  1.00 21.07 ? 225 ILE A CG1 1 
ATOM   790  C CG2 . ILE A 1 98  ? 11.810  -17.381 -1.760  1.00 21.72 ? 225 ILE A CG2 1 
ATOM   791  C CD1 . ILE A 1 98  ? 14.500  -17.204 -3.191  0.00 20.18 ? 225 ILE A CD1 1 
ATOM   792  N N   . THR A 1 99  ? 9.456   -16.679 -3.720  1.00 16.55 ? 226 THR A N   1 
ATOM   793  C CA  . THR A 1 99  ? 8.725   -17.375 -4.777  1.00 16.26 ? 226 THR A CA  1 
ATOM   794  C C   . THR A 1 99  ? 7.960   -16.420 -5.686  1.00 16.09 ? 226 THR A C   1 
ATOM   795  O O   . THR A 1 99  ? 7.556   -16.793 -6.786  1.00 17.45 ? 226 THR A O   1 
ATOM   796  C CB  . THR A 1 99  ? 7.724   -18.397 -4.197  1.00 18.42 ? 226 THR A CB  1 
ATOM   797  O OG1 . THR A 1 99  ? 6.687   -17.710 -3.484  1.00 21.32 ? 226 THR A OG1 1 
ATOM   798  C CG2 . THR A 1 99  ? 8.433   -19.354 -3.253  1.00 18.83 ? 226 THR A CG2 1 
ATOM   799  N N   . ASN A 1 100 ? 7.764   -15.191 -5.222  1.00 13.03 ? 227 ASN A N   1 
ATOM   800  C CA  . ASN A 1 100 ? 7.045   -14.186 -5.992  1.00 12.29 ? 227 ASN A CA  1 
ATOM   801  C C   . ASN A 1 100 ? 7.952   -13.081 -6.533  1.00 10.83 ? 227 ASN A C   1 
ATOM   802  O O   . ASN A 1 100 ? 7.481   -12.029 -6.969  1.00 10.16 ? 227 ASN A O   1 
ATOM   803  C CB  . ASN A 1 100 ? 5.916   -13.596 -5.145  1.00 13.08 ? 227 ASN A CB  1 
ATOM   804  C CG  . ASN A 1 100 ? 4.729   -14.535 -5.033  1.00 15.66 ? 227 ASN A CG  1 
ATOM   805  O OD1 . ASN A 1 100 ? 3.981   -14.500 -4.054  1.00 18.75 ? 227 ASN A OD1 1 
ATOM   806  N ND2 . ASN A 1 100 ? 4.542   -15.372 -6.045  1.00 14.49 ? 227 ASN A ND2 1 
ATOM   807  N N   . GLY A 1 101 ? 9.257   -13.326 -6.493  1.00 11.21 ? 228 GLY A N   1 
ATOM   808  C CA  . GLY A 1 101 ? 10.199  -12.362 -7.036  1.00 10.77 ? 228 GLY A CA  1 
ATOM   809  C C   . GLY A 1 101 ? 10.791  -11.317 -6.113  1.00 11.10 ? 228 GLY A C   1 
ATOM   810  O O   . GLY A 1 101 ? 11.534  -10.448 -6.572  1.00 12.25 ? 228 GLY A O   1 
ATOM   811  N N   . ALA A 1 102 ? 10.466  -11.374 -4.825  1.00 10.20 ? 229 ALA A N   1 
ATOM   812  C CA  . ALA A 1 102 ? 11.028  -10.400 -3.896  1.00 10.58 ? 229 ALA A CA  1 
ATOM   813  C C   . ALA A 1 102 ? 12.530  -10.662 -3.811  1.00 10.90 ? 229 ALA A C   1 
ATOM   814  O O   . ALA A 1 102 ? 12.968  -11.813 -3.881  1.00 12.57 ? 229 ALA A O   1 
ATOM   815  C CB  . ALA A 1 102 ? 10.380  -10.549 -2.520  1.00 11.08 ? 229 ALA A CB  1 
ATOM   816  N N   . ARG A 1 103 ? 13.312  -9.595  -3.675  1.00 11.46 ? 230 ARG A N   1 
ATOM   817  C CA  . ARG A 1 103 ? 14.764  -9.714  -3.593  1.00 14.24 ? 230 ARG A CA  1 
ATOM   818  C C   . ARG A 1 103 ? 15.256  -9.750  -2.157  1.00 13.78 ? 230 ARG A C   1 
ATOM   819  O O   . ARG A 1 103 ? 14.866  -8.925  -1.332  1.00 13.28 ? 230 ARG A O   1 
ATOM   820  C CB  . ARG A 1 103 ? 15.462  -8.541  -4.299  1.00 14.38 ? 230 ARG A CB  1 
ATOM   821  C CG  . ARG A 1 103 ? 15.602  -8.651  -5.813  1.00 18.65 ? 230 ARG A CG  1 
ATOM   822  C CD  . ARG A 1 103 ? 14.359  -8.187  -6.532  1.00 20.24 ? 230 ARG A CD  1 
ATOM   823  N NE  . ARG A 1 103 ? 14.010  -6.802  -6.221  1.00 18.90 ? 230 ARG A NE  1 
ATOM   824  C CZ  . ARG A 1 103 ? 14.532  -5.726  -6.804  1.00 17.39 ? 230 ARG A CZ  1 
ATOM   825  N NH1 . ARG A 1 103 ? 15.454  -5.845  -7.751  1.00 20.44 ? 230 ARG A NH1 1 
ATOM   826  N NH2 . ARG A 1 103 ? 14.099  -4.520  -6.458  1.00 15.21 ? 230 ARG A NH2 1 
ATOM   827  N N   . LYS A 1 104 ? 16.127  -10.708 -1.868  1.00 18.05 ? 231 LYS A N   1 
ATOM   828  C CA  . LYS A 1 104 ? 16.694  -10.818 -0.540  1.00 20.98 ? 231 LYS A CA  1 
ATOM   829  C C   . LYS A 1 104 ? 17.612  -9.601  -0.409  1.00 20.43 ? 231 LYS A C   1 
ATOM   830  O O   . LYS A 1 104 ? 18.350  -9.269  -1.339  1.00 24.11 ? 231 LYS A O   1 
ATOM   831  C CB  . LYS A 1 104 ? 17.502  -12.114 -0.425  1.00 24.51 ? 231 LYS A CB  1 
ATOM   832  C CG  . LYS A 1 104 ? 17.666  -12.644 0.991   0.00 29.52 ? 231 LYS A CG  1 
ATOM   833  C CD  . LYS A 1 104 ? 18.467  -13.939 0.991   0.00 34.26 ? 231 LYS A CD  1 
ATOM   834  C CE  . LYS A 1 104 ? 18.527  -14.567 2.375   0.00 37.55 ? 231 LYS A CE  1 
ATOM   835  N NZ  . LYS A 1 104 ? 17.185  -15.011 2.846   0.00 40.73 ? 231 LYS A NZ  1 
ATOM   836  N N   . ASN A 1 105 ? 17.533  -8.925  0.728   1.00 20.76 ? 232 ASN A N   1 
ATOM   837  C CA  . ASN A 1 105 ? 18.352  -7.749  1.007   1.00 16.43 ? 232 ASN A CA  1 
ATOM   838  C C   . ASN A 1 105 ? 17.863  -6.431  0.414   1.00 13.04 ? 232 ASN A C   1 
ATOM   839  O O   . ASN A 1 105 ? 18.484  -5.397  0.626   1.00 12.76 ? 232 ASN A O   1 
ATOM   840  C CB  . ASN A 1 105 ? 19.804  -7.995  0.582   1.00 17.99 ? 232 ASN A CB  1 
ATOM   841  C CG  . ASN A 1 105 ? 20.404  -9.212  1.256   1.00 18.30 ? 232 ASN A CG  1 
ATOM   842  O OD1 . ASN A 1 105 ? 20.208  -9.428  2.451   1.00 20.66 ? 232 ASN A OD1 1 
ATOM   843  N ND2 . ASN A 1 105 ? 21.145  -10.011 0.495   1.00 20.71 ? 232 ASN A ND2 1 
ATOM   844  N N   . ALA A 1 106 ? 16.762  -6.452  -0.328  1.00 11.72 ? 233 ALA A N   1 
ATOM   845  C CA  . ALA A 1 106 ? 16.241  -5.210  -0.891  1.00 9.92  ? 233 ALA A CA  1 
ATOM   846  C C   . ALA A 1 106 ? 15.414  -4.490  0.168   1.00 9.55  ? 233 ALA A C   1 
ATOM   847  O O   . ALA A 1 106 ? 15.008  -5.090  1.169   1.00 10.05 ? 233 ALA A O   1 
ATOM   848  C CB  . ALA A 1 106 ? 15.370  -5.503  -2.108  1.00 13.29 ? 233 ALA A CB  1 
ATOM   849  N N   . PHE A 1 107 ? 15.189  -3.198  -0.029  1.00 8.71  ? 234 PHE A N   1 
ATOM   850  C CA  . PHE A 1 107 ? 14.353  -2.454  0.900   1.00 9.48  ? 234 PHE A CA  1 
ATOM   851  C C   . PHE A 1 107 ? 12.952  -3.022  0.687   1.00 10.74 ? 234 PHE A C   1 
ATOM   852  O O   . PHE A 1 107 ? 12.578  -3.340  -0.442  1.00 10.99 ? 234 PHE A O   1 
ATOM   853  C CB  . PHE A 1 107 ? 14.328  -0.962  0.554   1.00 8.90  ? 234 PHE A CB  1 
ATOM   854  C CG  . PHE A 1 107 ? 15.510  -0.188  1.061   1.00 10.69 ? 234 PHE A CG  1 
ATOM   855  C CD1 . PHE A 1 107 ? 15.737  -0.050  2.429   1.00 11.25 ? 234 PHE A CD1 1 
ATOM   856  C CD2 . PHE A 1 107 ? 16.368  0.450   0.172   1.00 11.63 ? 234 PHE A CD2 1 
ATOM   857  C CE1 . PHE A 1 107 ? 16.801  0.717   2.901   1.00 12.44 ? 234 PHE A CE1 1 
ATOM   858  C CE2 . PHE A 1 107 ? 17.436  1.221   0.638   1.00 13.30 ? 234 PHE A CE2 1 
ATOM   859  C CZ  . PHE A 1 107 ? 17.649  1.353   2.004   1.00 11.20 ? 234 PHE A CZ  1 
ATOM   860  N N   . LYS A 1 108 ? 12.193  -3.164  1.767   1.00 9.99  ? 235 LYS A N   1 
ATOM   861  C CA  . LYS A 1 108 ? 10.829  -3.671  1.691   1.00 10.55 ? 235 LYS A CA  1 
ATOM   862  C C   . LYS A 1 108 ? 9.920   -2.517  2.087   1.00 10.21 ? 235 LYS A C   1 
ATOM   863  O O   . LYS A 1 108 ? 9.952   -2.057  3.228   1.00 11.10 ? 235 LYS A O   1 
ATOM   864  C CB  . LYS A 1 108 ? 10.630  -4.841  2.653   1.00 11.64 ? 235 LYS A CB  1 
ATOM   865  C CG  . LYS A 1 108 ? 11.505  -6.050  2.381   1.00 14.45 ? 235 LYS A CG  1 
ATOM   866  C CD  . LYS A 1 108 ? 11.106  -7.177  3.317   1.00 18.09 ? 235 LYS A CD  1 
ATOM   867  C CE  . LYS A 1 108 ? 11.992  -8.393  3.172   1.00 22.08 ? 235 LYS A CE  1 
ATOM   868  N NZ  . LYS A 1 108 ? 11.543  -9.450  4.120   1.00 22.86 ? 235 LYS A NZ  1 
ATOM   869  N N   . ILE A 1 109 ? 9.110   -2.060  1.142   1.00 9.15  ? 236 ILE A N   1 
ATOM   870  C CA  . ILE A 1 109 ? 8.221   -0.934  1.366   1.00 8.77  ? 236 ILE A CA  1 
ATOM   871  C C   . ILE A 1 109 ? 6.782   -1.288  1.022   1.00 8.07  ? 236 ILE A C   1 
ATOM   872  O O   . ILE A 1 109 ? 6.520   -1.935  0.010   1.00 9.27  ? 236 ILE A O   1 
ATOM   873  C CB  . ILE A 1 109 ? 8.685   0.264   0.508   1.00 10.40 ? 236 ILE A CB  1 
ATOM   874  C CG1 . ILE A 1 109 ? 10.135  0.604   0.860   1.00 12.07 ? 236 ILE A CG1 1 
ATOM   875  C CG2 . ILE A 1 109 ? 7.788   1.468   0.740   1.00 10.86 ? 236 ILE A CG2 1 
ATOM   876  C CD1 . ILE A 1 109 ? 10.811  1.484   -0.160  1.00 12.16 ? 236 ILE A CD1 1 
ATOM   877  N N   . LEU A 1 110 ? 5.856   -0.867  1.877   1.00 8.78  ? 237 LEU A N   1 
ATOM   878  C CA  . LEU A 1 110 ? 4.436   -1.129  1.664   1.00 7.94  ? 237 LEU A CA  1 
ATOM   879  C C   . LEU A 1 110 ? 3.626   0.148   1.783   1.00 8.58  ? 237 LEU A C   1 
ATOM   880  O O   . LEU A 1 110 ? 3.773   0.896   2.751   1.00 10.21 ? 237 LEU A O   1 
ATOM   881  C CB  . LEU A 1 110 ? 3.910   -2.136  2.695   1.00 9.48  ? 237 LEU A CB  1 
ATOM   882  C CG  . LEU A 1 110 ? 2.383   -2.307  2.761   1.00 8.40  ? 237 LEU A CG  1 
ATOM   883  C CD1 . LEU A 1 110 ? 1.842   -2.811  1.427   1.00 10.56 ? 237 LEU A CD1 1 
ATOM   884  C CD2 . LEU A 1 110 ? 2.034   -3.276  3.882   1.00 10.51 ? 237 LEU A CD2 1 
ATOM   885  N N   . VAL A 1 111 ? 2.788   0.400   0.783   1.00 7.52  ? 238 VAL A N   1 
ATOM   886  C CA  . VAL A 1 111 ? 1.901   1.552   0.795   1.00 8.07  ? 238 VAL A CA  1 
ATOM   887  C C   . VAL A 1 111 ? 0.491   0.991   0.905   1.00 7.89  ? 238 VAL A C   1 
ATOM   888  O O   . VAL A 1 111 ? 0.036   0.261   0.027   1.00 8.27  ? 238 VAL A O   1 
ATOM   889  C CB  . VAL A 1 111 ? 1.997   2.379   -0.499  1.00 7.42  ? 238 VAL A CB  1 
ATOM   890  C CG1 . VAL A 1 111 ? 1.004   3.540   -0.443  1.00 8.77  ? 238 VAL A CG1 1 
ATOM   891  C CG2 . VAL A 1 111 ? 3.415   2.899   -0.680  1.00 10.40 ? 238 VAL A CG2 1 
ATOM   892  N N   . VAL A 1 112 ? -0.190  1.318   1.997   1.00 8.55  ? 239 VAL A N   1 
ATOM   893  C CA  . VAL A 1 112 ? -1.552  0.850   2.222   1.00 8.59  ? 239 VAL A CA  1 
ATOM   894  C C   . VAL A 1 112 ? -2.532  1.985   1.963   1.00 9.61  ? 239 VAL A C   1 
ATOM   895  O O   . VAL A 1 112 ? -2.340  3.094   2.460   1.00 10.98 ? 239 VAL A O   1 
ATOM   896  C CB  . VAL A 1 112 ? -1.749  0.377   3.687   1.00 8.67  ? 239 VAL A CB  1 
ATOM   897  C CG1 . VAL A 1 112 ? -3.166  -0.148  3.889   1.00 9.54  ? 239 VAL A CG1 1 
ATOM   898  C CG2 . VAL A 1 112 ? -0.731  -0.693  4.027   1.00 9.32  ? 239 VAL A CG2 1 
ATOM   899  N N   . ILE A 1 113 ? -3.564  1.720   1.168   1.00 7.64  ? 240 ILE A N   1 
ATOM   900  C CA  . ILE A 1 113 ? -4.591  2.724   0.902   1.00 8.10  ? 240 ILE A CA  1 
ATOM   901  C C   . ILE A 1 113 ? -5.902  2.169   1.449   1.00 9.25  ? 240 ILE A C   1 
ATOM   902  O O   . ILE A 1 113 ? -6.396  1.139   0.984   1.00 9.77  ? 240 ILE A O   1 
ATOM   903  C CB  . ILE A 1 113 ? -4.751  3.021   -0.606  1.00 9.12  ? 240 ILE A CB  1 
ATOM   904  C CG1 . ILE A 1 113 ? -3.390  3.396   -1.200  1.00 9.12  ? 240 ILE A CG1 1 
ATOM   905  C CG2 . ILE A 1 113 ? -5.742  4.176   -0.801  1.00 9.89  ? 240 ILE A CG2 1 
ATOM   906  C CD1 . ILE A 1 113 ? -3.426  3.662   -2.693  1.00 9.48  ? 240 ILE A CD1 1 
ATOM   907  N N   . THR A 1 114 ? -6.450  2.841   2.456   1.00 9.43  ? 241 THR A N   1 
ATOM   908  C CA  . THR A 1 114 ? -7.692  2.396   3.072   1.00 10.83 ? 241 THR A CA  1 
ATOM   909  C C   . THR A 1 114 ? -8.753  3.487   3.111   1.00 10.49 ? 241 THR A C   1 
ATOM   910  O O   . THR A 1 114 ? -8.452  4.664   3.311   1.00 10.63 ? 241 THR A O   1 
ATOM   911  C CB  . THR A 1 114 ? -7.445  1.867   4.504   1.00 11.73 ? 241 THR A CB  1 
ATOM   912  O OG1 . THR A 1 114 ? -8.697  1.515   5.105   1.00 13.69 ? 241 THR A OG1 1 
ATOM   913  C CG2 . THR A 1 114 ? -6.746  2.911   5.360   1.00 13.75 ? 241 THR A CG2 1 
ATOM   914  N N   . ASP A 1 115 ? -10.001 3.070   2.922   1.00 11.14 ? 242 ASP A N   1 
ATOM   915  C CA  . ASP A 1 115 ? -11.141 3.969   2.910   1.00 12.28 ? 242 ASP A CA  1 
ATOM   916  C C   . ASP A 1 115 ? -11.980 3.852   4.179   1.00 10.95 ? 242 ASP A C   1 
ATOM   917  O O   . ASP A 1 115 ? -12.972 4.558   4.338   1.00 11.69 ? 242 ASP A O   1 
ATOM   918  C CB  . ASP A 1 115 ? -12.014 3.651   1.695   1.00 14.29 ? 242 ASP A CB  1 
ATOM   919  C CG  . ASP A 1 115 ? -13.177 4.602   1.545   1.00 15.39 ? 242 ASP A CG  1 
ATOM   920  O OD1 . ASP A 1 115 ? -14.338 4.140   1.595   1.00 13.63 ? 242 ASP A OD1 1 
ATOM   921  O OD2 . ASP A 1 115 ? -12.928 5.810   1.372   1.00 15.38 ? 242 ASP A OD2 1 
ATOM   922  N N   . GLY A 1 116 ? -11.587 2.962   5.084   1.00 9.90  ? 243 GLY A N   1 
ATOM   923  C CA  . GLY A 1 116 ? -12.358 2.798   6.304   1.00 10.36 ? 243 GLY A CA  1 
ATOM   924  C C   . GLY A 1 116 ? -11.717 1.911   7.351   1.00 10.11 ? 243 GLY A C   1 
ATOM   925  O O   . GLY A 1 116 ? -10.684 1.281   7.117   1.00 10.55 ? 243 GLY A O   1 
ATOM   926  N N   . GLU A 1 117 ? -12.350 1.852   8.514   1.00 12.05 ? 244 GLU A N   1 
ATOM   927  C CA  . GLU A 1 117 ? -11.847 1.053   9.617   1.00 12.43 ? 244 GLU A CA  1 
ATOM   928  C C   . GLU A 1 117 ? -11.919 -0.440  9.331   1.00 10.80 ? 244 GLU A C   1 
ATOM   929  O O   . GLU A 1 117 ? -12.780 -0.918  8.594   1.00 12.41 ? 244 GLU A O   1 
ATOM   930  C CB  . GLU A 1 117 ? -12.636 1.383   10.888  1.00 15.75 ? 244 GLU A CB  1 
ATOM   931  C CG  . GLU A 1 117 ? -14.122 1.160   10.744  1.00 18.79 ? 244 GLU A CG  1 
ATOM   932  C CD  . GLU A 1 117 ? -14.942 1.912   11.779  1.00 17.24 ? 244 GLU A CD  1 
ATOM   933  O OE1 . GLU A 1 117 ? -16.180 1.846   11.696  1.00 21.09 ? 244 GLU A OE1 1 
ATOM   934  O OE2 . GLU A 1 117 ? -14.356 2.566   12.668  1.00 21.94 ? 244 GLU A OE2 1 
ATOM   935  N N   . LYS A 1 118 ? -10.982 -1.174  9.916   1.00 9.68  ? 245 LYS A N   1 
ATOM   936  C CA  . LYS A 1 118 ? -10.946 -2.614  9.756   1.00 8.89  ? 245 LYS A CA  1 
ATOM   937  C C   . LYS A 1 118 ? -12.243 -3.170  10.332  1.00 9.77  ? 245 LYS A C   1 
ATOM   938  O O   . LYS A 1 118 ? -12.684 -2.753  11.409  1.00 11.49 ? 245 LYS A O   1 
ATOM   939  C CB  . LYS A 1 118 ? -9.742  -3.181  10.509  1.00 8.71  ? 245 LYS A CB  1 
ATOM   940  C CG  . LYS A 1 118 ? -9.638  -4.692  10.470  1.00 8.84  ? 245 LYS A CG  1 
ATOM   941  C CD  . LYS A 1 118 ? -8.341  -5.159  11.106  1.00 9.77  ? 245 LYS A CD  1 
ATOM   942  C CE  . LYS A 1 118 ? -8.354  -4.994  12.617  1.00 12.65 ? 245 LYS A CE  1 
ATOM   943  N NZ  . LYS A 1 118 ? -9.114  -6.094  13.285  1.00 10.82 ? 245 LYS A NZ  1 
ATOM   944  N N   . PHE A 1 119 ? -12.870 -4.089  9.607   1.00 10.50 ? 246 PHE A N   1 
ATOM   945  C CA  . PHE A 1 119 ? -14.109 -4.692  10.077  1.00 11.03 ? 246 PHE A CA  1 
ATOM   946  C C   . PHE A 1 119 ? -14.292 -6.107  9.550   1.00 12.66 ? 246 PHE A C   1 
ATOM   947  O O   . PHE A 1 119 ? -14.122 -6.361  8.357   1.00 12.83 ? 246 PHE A O   1 
ATOM   948  C CB  . PHE A 1 119 ? -15.332 -3.866  9.663   1.00 11.19 ? 246 PHE A CB  1 
ATOM   949  C CG  . PHE A 1 119 ? -16.628 -4.474  10.119  1.00 9.58  ? 246 PHE A CG  1 
ATOM   950  C CD1 . PHE A 1 119 ? -17.009 -4.398  11.455  1.00 11.48 ? 246 PHE A CD1 1 
ATOM   951  C CD2 . PHE A 1 119 ? -17.421 -5.202  9.238   1.00 11.10 ? 246 PHE A CD2 1 
ATOM   952  C CE1 . PHE A 1 119 ? -18.156 -5.043  11.907  1.00 12.29 ? 246 PHE A CE1 1 
ATOM   953  C CE2 . PHE A 1 119 ? -18.571 -5.851  9.682   1.00 12.26 ? 246 PHE A CE2 1 
ATOM   954  C CZ  . PHE A 1 119 ? -18.937 -5.771  11.019  1.00 11.40 ? 246 PHE A CZ  1 
ATOM   955  N N   . GLY A 1 120 ? -14.653 -7.014  10.454  1.00 13.07 ? 247 GLY A N   1 
ATOM   956  C CA  . GLY A 1 120 ? -14.882 -8.401  10.090  1.00 13.74 ? 247 GLY A CA  1 
ATOM   957  C C   . GLY A 1 120 ? -13.621 -9.235  9.975   1.00 13.78 ? 247 GLY A C   1 
ATOM   958  O O   . GLY A 1 120 ? -13.679 -10.400 9.587   1.00 14.98 ? 247 GLY A O   1 
ATOM   959  N N   . ASP A 1 121 ? -12.488 -8.643  10.328  1.00 12.96 ? 248 ASP A N   1 
ATOM   960  C CA  . ASP A 1 121 ? -11.199 -9.321  10.237  1.00 10.88 ? 248 ASP A CA  1 
ATOM   961  C C   . ASP A 1 121 ? -10.931 -10.190 11.459  1.00 11.23 ? 248 ASP A C   1 
ATOM   962  O O   . ASP A 1 121 ? -10.984 -9.705  12.588  1.00 12.81 ? 248 ASP A O   1 
ATOM   963  C CB  . ASP A 1 121 ? -10.086 -8.280  10.125  1.00 11.05 ? 248 ASP A CB  1 
ATOM   964  C CG  . ASP A 1 121 ? -8.827  -8.832  9.493   1.00 10.28 ? 248 ASP A CG  1 
ATOM   965  O OD1 . ASP A 1 121 ? -8.525  -10.029 9.677   1.00 9.07  ? 248 ASP A OD1 1 
ATOM   966  O OD2 . ASP A 1 121 ? -8.128  -8.052  8.819   1.00 10.90 ? 248 ASP A OD2 1 
ATOM   967  N N   . PRO A 1 122 ? -10.643 -11.485 11.250  1.00 11.28 ? 249 PRO A N   1 
ATOM   968  C CA  . PRO A 1 122 ? -10.368 -12.362 12.391  1.00 11.86 ? 249 PRO A CA  1 
ATOM   969  C C   . PRO A 1 122 ? -9.032  -12.007 13.038  1.00 12.01 ? 249 PRO A C   1 
ATOM   970  O O   . PRO A 1 122 ? -8.741  -12.426 14.156  1.00 13.32 ? 249 PRO A O   1 
ATOM   971  C CB  . PRO A 1 122 ? -10.367 -13.756 11.767  1.00 14.28 ? 249 PRO A CB  1 
ATOM   972  C CG  . PRO A 1 122 ? -9.897  -13.500 10.372  1.00 13.90 ? 249 PRO A CG  1 
ATOM   973  C CD  . PRO A 1 122 ? -10.660 -12.251 9.991   1.00 12.29 ? 249 PRO A CD  1 
ATOM   974  N N   . LEU A 1 123 ? -8.222  -11.226 12.330  1.00 10.13 ? 250 LEU A N   1 
ATOM   975  C CA  . LEU A 1 123 ? -6.929  -10.824 12.859  1.00 10.33 ? 250 LEU A CA  1 
ATOM   976  C C   . LEU A 1 123 ? -6.931  -9.376  13.311  1.00 9.70  ? 250 LEU A C   1 
ATOM   977  O O   . LEU A 1 123 ? -7.580  -8.516  12.707  1.00 9.83  ? 250 LEU A O   1 
ATOM   978  C CB  . LEU A 1 123 ? -5.834  -11.006 11.803  1.00 10.51 ? 250 LEU A CB  1 
ATOM   979  C CG  . LEU A 1 123 ? -5.600  -12.428 11.291  1.00 11.09 ? 250 LEU A CG  1 
ATOM   980  C CD1 . LEU A 1 123 ? -4.527  -12.416 10.215  1.00 11.46 ? 250 LEU A CD1 1 
ATOM   981  C CD2 . LEU A 1 123 ? -5.190  -13.324 12.442  1.00 12.96 ? 250 LEU A CD2 1 
ATOM   982  N N   . GLY A 1 124 ? -6.198  -9.112  14.385  1.00 11.69 ? 251 GLY A N   1 
ATOM   983  C CA  . GLY A 1 124 ? -6.084  -7.758  14.880  1.00 11.04 ? 251 GLY A CA  1 
ATOM   984  C C   . GLY A 1 124 ? -4.730  -7.256  14.429  1.00 10.57 ? 251 GLY A C   1 
ATOM   985  O O   . GLY A 1 124 ? -3.897  -8.037  13.970  1.00 11.38 ? 251 GLY A O   1 
ATOM   986  N N   . TYR A 1 125 ? -4.498  -5.956  14.537  1.00 10.69 ? 252 TYR A N   1 
ATOM   987  C CA  . TYR A 1 125 ? -3.212  -5.425  14.125  1.00 10.00 ? 252 TYR A CA  1 
ATOM   988  C C   . TYR A 1 125 ? -2.084  -5.998  14.977  1.00 11.01 ? 252 TYR A C   1 
ATOM   989  O O   . TYR A 1 125 ? -0.959  -6.145  14.506  1.00 11.64 ? 252 TYR A O   1 
ATOM   990  C CB  . TYR A 1 125 ? -3.233  -3.897  14.187  1.00 10.91 ? 252 TYR A CB  1 
ATOM   991  C CG  . TYR A 1 125 ? -4.122  -3.299  13.124  1.00 10.83 ? 252 TYR A CG  1 
ATOM   992  C CD1 . TYR A 1 125 ? -3.880  -3.548  11.773  1.00 10.55 ? 252 TYR A CD1 1 
ATOM   993  C CD2 . TYR A 1 125 ? -5.219  -2.508  13.461  1.00 10.64 ? 252 TYR A CD2 1 
ATOM   994  C CE1 . TYR A 1 125 ? -4.707  -3.026  10.783  1.00 9.98  ? 252 TYR A CE1 1 
ATOM   995  C CE2 . TYR A 1 125 ? -6.057  -1.980  12.476  1.00 11.57 ? 252 TYR A CE2 1 
ATOM   996  C CZ  . TYR A 1 125 ? -5.793  -2.243  11.140  1.00 11.36 ? 252 TYR A CZ  1 
ATOM   997  O OH  . TYR A 1 125 ? -6.611  -1.732  10.162  1.00 12.53 ? 252 TYR A OH  1 
ATOM   998  N N   . GLU A 1 126 ? -2.386  -6.342  16.226  1.00 11.28 ? 253 GLU A N   1 
ATOM   999  C CA  . GLU A 1 126 ? -1.366  -6.906  17.101  1.00 12.09 ? 253 GLU A CA  1 
ATOM   1000 C C   . GLU A 1 126 ? -0.897  -8.274  16.614  1.00 12.33 ? 253 GLU A C   1 
ATOM   1001 O O   . GLU A 1 126 ? 0.163   -8.750  17.010  1.00 12.75 ? 253 GLU A O   1 
ATOM   1002 C CB  . GLU A 1 126 ? -1.882  -7.000  18.546  1.00 14.03 ? 253 GLU A CB  1 
ATOM   1003 C CG  . GLU A 1 126 ? -3.089  -7.907  18.766  1.00 18.49 ? 253 GLU A CG  1 
ATOM   1004 C CD  . GLU A 1 126 ? -4.318  -7.462  17.996  1.00 21.14 ? 253 GLU A CD  1 
ATOM   1005 O OE1 . GLU A 1 126 ? -4.651  -6.256  18.033  1.00 22.56 ? 253 GLU A OE1 1 
ATOM   1006 O OE2 . GLU A 1 126 ? -4.955  -8.326  17.360  0.00 20.76 ? 253 GLU A OE2 1 
ATOM   1007 N N   . ASP A 1 127 ? -1.682  -8.892  15.733  1.00 11.48 ? 254 ASP A N   1 
ATOM   1008 C CA  . ASP A 1 127 ? -1.347  -10.204 15.188  1.00 10.82 ? 254 ASP A CA  1 
ATOM   1009 C C   . ASP A 1 127 ? -0.485  -10.107 13.933  1.00 10.65 ? 254 ASP A C   1 
ATOM   1010 O O   . ASP A 1 127 ? 0.135   -11.087 13.534  1.00 11.06 ? 254 ASP A O   1 
ATOM   1011 C CB  . ASP A 1 127 ? -2.625  -10.979 14.824  1.00 10.85 ? 254 ASP A CB  1 
ATOM   1012 C CG  . ASP A 1 127 ? -3.505  -11.263 16.023  1.00 12.93 ? 254 ASP A CG  1 
ATOM   1013 O OD1 . ASP A 1 127 ? -2.982  -11.782 17.029  1.00 16.47 ? 254 ASP A OD1 1 
ATOM   1014 O OD2 . ASP A 1 127 ? -4.722  -10.980 15.952  1.00 13.54 ? 254 ASP A OD2 1 
ATOM   1015 N N   . VAL A 1 128 ? -0.435  -8.930  13.316  1.00 10.38 ? 255 VAL A N   1 
ATOM   1016 C CA  . VAL A 1 128 ? 0.312   -8.782  12.067  1.00 9.04  ? 255 VAL A CA  1 
ATOM   1017 C C   . VAL A 1 128 ? 1.418   -7.735  12.021  1.00 10.07 ? 255 VAL A C   1 
ATOM   1018 O O   . VAL A 1 128 ? 2.358   -7.861  11.234  1.00 10.63 ? 255 VAL A O   1 
ATOM   1019 C CB  . VAL A 1 128 ? -0.655  -8.494  10.887  1.00 9.76  ? 255 VAL A CB  1 
ATOM   1020 C CG1 . VAL A 1 128 ? -1.757  -9.542  10.850  1.00 10.78 ? 255 VAL A CG1 1 
ATOM   1021 C CG2 . VAL A 1 128 ? -1.258  -7.097  11.019  1.00 10.45 ? 255 VAL A CG2 1 
ATOM   1022 N N   . ILE A 1 129 ? 1.320   -6.699  12.849  1.00 9.71  ? 256 ILE A N   1 
ATOM   1023 C CA  . ILE A 1 129 ? 2.332   -5.651  12.834  1.00 10.78 ? 256 ILE A CA  1 
ATOM   1024 C C   . ILE A 1 129 ? 3.708   -6.102  13.330  1.00 10.72 ? 256 ILE A C   1 
ATOM   1025 O O   . ILE A 1 129 ? 4.727   -5.763  12.724  1.00 10.74 ? 256 ILE A O   1 
ATOM   1026 C CB  . ILE A 1 129 ? 1.847   -4.409  13.625  1.00 10.35 ? 256 ILE A CB  1 
ATOM   1027 C CG1 . ILE A 1 129 ? 0.657   -3.774  12.899  1.00 11.89 ? 256 ILE A CG1 1 
ATOM   1028 C CG2 . ILE A 1 129 ? 2.978   -3.393  13.759  1.00 12.31 ? 256 ILE A CG2 1 
ATOM   1029 C CD1 . ILE A 1 129 ? 0.971   -3.323  11.477  1.00 14.64 ? 256 ILE A CD1 1 
ATOM   1030 N N   . PRO A 1 130 ? 3.766   -6.868  14.435  1.00 10.96 ? 257 PRO A N   1 
ATOM   1031 C CA  . PRO A 1 130 ? 5.083   -7.307  14.909  1.00 11.83 ? 257 PRO A CA  1 
ATOM   1032 C C   . PRO A 1 130 ? 5.842   -8.097  13.843  1.00 10.23 ? 257 PRO A C   1 
ATOM   1033 O O   . PRO A 1 130 ? 7.044   -7.907  13.659  1.00 11.53 ? 257 PRO A O   1 
ATOM   1034 C CB  . PRO A 1 130 ? 4.742   -8.147  16.137  1.00 11.15 ? 257 PRO A CB  1 
ATOM   1035 C CG  . PRO A 1 130 ? 3.546   -7.444  16.682  1.00 12.14 ? 257 PRO A CG  1 
ATOM   1036 C CD  . PRO A 1 130 ? 2.724   -7.168  15.432  1.00 11.15 ? 257 PRO A CD  1 
ATOM   1037 N N   . GLU A 1 131 ? 5.144   -8.981  13.134  1.00 9.59  ? 258 GLU A N   1 
ATOM   1038 C CA  . GLU A 1 131 ? 5.788   -9.767  12.087  1.00 9.41  ? 258 GLU A CA  1 
ATOM   1039 C C   . GLU A 1 131 ? 6.270   -8.843  10.965  1.00 9.51  ? 258 GLU A C   1 
ATOM   1040 O O   . GLU A 1 131 ? 7.363   -9.024  10.437  1.00 9.89  ? 258 GLU A O   1 
ATOM   1041 C CB  . GLU A 1 131 ? 4.813   -10.808 11.529  1.00 10.41 ? 258 GLU A CB  1 
ATOM   1042 C CG  . GLU A 1 131 ? 5.451   -11.794 10.569  1.00 10.84 ? 258 GLU A CG  1 
ATOM   1043 C CD  . GLU A 1 131 ? 4.457   -12.802 10.032  1.00 11.75 ? 258 GLU A CD  1 
ATOM   1044 O OE1 . GLU A 1 131 ? 3.490   -13.129 10.751  1.00 13.04 ? 258 GLU A OE1 1 
ATOM   1045 O OE2 . GLU A 1 131 ? 4.650   -13.277 8.896   1.00 12.74 ? 258 GLU A OE2 1 
ATOM   1046 N N   . ALA A 1 132 ? 5.455   -7.855  10.602  1.00 9.10  ? 259 ALA A N   1 
ATOM   1047 C CA  . ALA A 1 132 ? 5.837   -6.921  9.550   1.00 9.20  ? 259 ALA A CA  1 
ATOM   1048 C C   . ALA A 1 132 ? 7.112   -6.173  9.949   1.00 9.04  ? 259 ALA A C   1 
ATOM   1049 O O   . ALA A 1 132 ? 7.995   -5.954  9.121   1.00 10.04 ? 259 ALA A O   1 
ATOM   1050 C CB  . ALA A 1 132 ? 4.704   -5.935  9.286   1.00 9.10  ? 259 ALA A CB  1 
ATOM   1051 N N   . ASP A 1 133 ? 7.200   -5.785  11.219  1.00 10.28 ? 260 ASP A N   1 
ATOM   1052 C CA  . ASP A 1 133 ? 8.380   -5.078  11.709  1.00 9.72  ? 260 ASP A CA  1 
ATOM   1053 C C   . ASP A 1 133 ? 9.608   -5.986  11.699  1.00 11.61 ? 260 ASP A C   1 
ATOM   1054 O O   . ASP A 1 133 ? 10.691  -5.567  11.290  1.00 11.58 ? 260 ASP A O   1 
ATOM   1055 C CB  . ASP A 1 133 ? 8.144   -4.554  13.134  1.00 9.84  ? 260 ASP A CB  1 
ATOM   1056 C CG  . ASP A 1 133 ? 7.299   -3.298  13.165  1.00 11.32 ? 260 ASP A CG  1 
ATOM   1057 O OD1 . ASP A 1 133 ? 7.259   -2.574  12.149  1.00 13.71 ? 260 ASP A OD1 1 
ATOM   1058 O OD2 . ASP A 1 133 ? 6.686   -3.023  14.217  1.00 14.68 ? 260 ASP A OD2 1 
ATOM   1059 N N   . ARG A 1 134 ? 9.442   -7.228  12.138  1.00 11.49 ? 261 ARG A N   1 
ATOM   1060 C CA  . ARG A 1 134 ? 10.564  -8.159  12.165  1.00 11.78 ? 261 ARG A CA  1 
ATOM   1061 C C   . ARG A 1 134 ? 11.070  -8.444  10.756  1.00 11.69 ? 261 ARG A C   1 
ATOM   1062 O O   . ARG A 1 134 ? 12.263  -8.674  10.554  1.00 13.90 ? 261 ARG A O   1 
ATOM   1063 C CB  . ARG A 1 134 ? 10.164  -9.465  12.859  1.00 13.62 ? 261 ARG A CB  1 
ATOM   1064 C CG  . ARG A 1 134 ? 9.877   -9.301  14.348  1.00 15.22 ? 261 ARG A CG  1 
ATOM   1065 C CD  . ARG A 1 134 ? 9.826   -10.643 15.063  1.00 14.02 ? 261 ARG A CD  1 
ATOM   1066 N NE  . ARG A 1 134 ? 8.742   -11.497 14.588  1.00 15.32 ? 261 ARG A NE  1 
ATOM   1067 C CZ  . ARG A 1 134 ? 7.502   -11.472 15.065  1.00 13.28 ? 261 ARG A CZ  1 
ATOM   1068 N NH1 . ARG A 1 134 ? 6.583   -12.286 14.564  1.00 15.03 ? 261 ARG A NH1 1 
ATOM   1069 N NH2 . ARG A 1 134 ? 7.181   -10.646 16.052  1.00 15.76 ? 261 ARG A NH2 1 
ATOM   1070 N N   . GLU A 1 135 ? 10.163  -8.407  9.782   1.00 11.45 ? 262 GLU A N   1 
ATOM   1071 C CA  . GLU A 1 135 ? 10.524  -8.652  8.388   1.00 12.32 ? 262 GLU A CA  1 
ATOM   1072 C C   . GLU A 1 135 ? 11.087  -7.401  7.718   1.00 11.78 ? 262 GLU A C   1 
ATOM   1073 O O   . GLU A 1 135 ? 11.500  -7.445  6.561   1.00 13.89 ? 262 GLU A O   1 
ATOM   1074 C CB  . GLU A 1 135 ? 9.308   -9.165  7.610   1.00 12.87 ? 262 GLU A CB  1 
ATOM   1075 C CG  . GLU A 1 135 ? 8.868   -10.563 8.021   1.00 14.35 ? 262 GLU A CG  1 
ATOM   1076 C CD  . GLU A 1 135 ? 9.870   -11.639 7.634   1.00 16.61 ? 262 GLU A CD  1 
ATOM   1077 O OE1 . GLU A 1 135 ? 9.673   -12.804 8.037   1.00 20.23 ? 262 GLU A OE1 1 
ATOM   1078 O OE2 . GLU A 1 135 ? 10.848  -11.328 6.922   1.00 19.14 ? 262 GLU A OE2 1 
ATOM   1079 N N   . GLY A 1 136 ? 11.095  -6.289  8.450   1.00 11.49 ? 263 GLY A N   1 
ATOM   1080 C CA  . GLY A 1 136 ? 11.634  -5.046  7.927   1.00 11.29 ? 263 GLY A CA  1 
ATOM   1081 C C   . GLY A 1 136 ? 10.785  -4.306  6.911   1.00 11.09 ? 263 GLY A C   1 
ATOM   1082 O O   . GLY A 1 136 ? 11.313  -3.537  6.111   1.00 12.53 ? 263 GLY A O   1 
ATOM   1083 N N   . VAL A 1 137 ? 9.474   -4.515  6.940   1.00 10.11 ? 264 VAL A N   1 
ATOM   1084 C CA  . VAL A 1 137 ? 8.595   -3.847  5.990   1.00 9.41  ? 264 VAL A CA  1 
ATOM   1085 C C   . VAL A 1 137 ? 8.245   -2.440  6.463   1.00 9.96  ? 264 VAL A C   1 
ATOM   1086 O O   . VAL A 1 137 ? 7.570   -2.266  7.479   1.00 11.06 ? 264 VAL A O   1 
ATOM   1087 C CB  . VAL A 1 137 ? 7.298   -4.654  5.779   1.00 9.19  ? 264 VAL A CB  1 
ATOM   1088 C CG1 . VAL A 1 137 ? 6.403   -3.956  4.764   1.00 8.76  ? 264 VAL A CG1 1 
ATOM   1089 C CG2 . VAL A 1 137 ? 7.646   -6.050  5.306   1.00 10.85 ? 264 VAL A CG2 1 
ATOM   1090 N N   . ILE A 1 138 ? 8.730   -1.446  5.723   1.00 9.63  ? 265 ILE A N   1 
ATOM   1091 C CA  . ILE A 1 138 ? 8.489   -0.036  6.020   1.00 8.92  ? 265 ILE A CA  1 
ATOM   1092 C C   . ILE A 1 138 ? 7.091   0.262   5.507   1.00 9.87  ? 265 ILE A C   1 
ATOM   1093 O O   . ILE A 1 138 ? 6.816   0.114   4.318   1.00 10.91 ? 265 ILE A O   1 
ATOM   1094 C CB  . ILE A 1 138 ? 9.515   0.847   5.299   1.00 9.92  ? 265 ILE A CB  1 
ATOM   1095 C CG1 . ILE A 1 138 ? 10.921  0.489   5.795   1.00 11.45 ? 265 ILE A CG1 1 
ATOM   1096 C CG2 . ILE A 1 138 ? 9.201   2.323   5.545   1.00 10.99 ? 265 ILE A CG2 1 
ATOM   1097 C CD1 . ILE A 1 138 ? 12.045  1.055   4.947   1.00 14.06 ? 265 ILE A CD1 1 
ATOM   1098 N N   . ARG A 1 139 ? 6.213   0.695   6.403   1.00 9.26  ? 266 ARG A N   1 
ATOM   1099 C CA  . ARG A 1 139 ? 4.828   0.929   6.031   1.00 8.69  ? 266 ARG A CA  1 
ATOM   1100 C C   . ARG A 1 139 ? 4.325   2.360   5.991   1.00 10.64 ? 266 ARG A C   1 
ATOM   1101 O O   . ARG A 1 139 ? 4.496   3.132   6.939   1.00 10.36 ? 266 ARG A O   1 
ATOM   1102 C CB  . ARG A 1 139 ? 3.924   0.111   6.960   1.00 9.36  ? 266 ARG A CB  1 
ATOM   1103 C CG  . ARG A 1 139 ? 4.319   -1.363  7.065   1.00 11.36 ? 266 ARG A CG  1 
ATOM   1104 C CD  . ARG A 1 139 ? 3.488   -2.091  8.112   1.00 10.92 ? 266 ARG A CD  1 
ATOM   1105 N NE  . ARG A 1 139 ? 3.690   -1.566  9.462   1.00 12.11 ? 266 ARG A NE  1 
ATOM   1106 C CZ  . ARG A 1 139 ? 4.773   -1.776  10.207  1.00 11.12 ? 266 ARG A CZ  1 
ATOM   1107 N NH1 . ARG A 1 139 ? 5.780   -2.508  9.744   1.00 10.78 ? 266 ARG A NH1 1 
ATOM   1108 N NH2 . ARG A 1 139 ? 4.845   -1.265  11.429  1.00 11.76 ? 266 ARG A NH2 1 
ATOM   1109 N N   . TYR A 1 140 ? 3.696   2.698   4.872   1.00 10.43 ? 267 TYR A N   1 
ATOM   1110 C CA  . TYR A 1 140 ? 3.086   4.000   4.669   1.00 11.24 ? 267 TYR A CA  1 
ATOM   1111 C C   . TYR A 1 140 ? 1.599   3.716   4.550   1.00 10.88 ? 267 TYR A C   1 
ATOM   1112 O O   . TYR A 1 140 ? 1.199   2.690   3.989   1.00 11.78 ? 267 TYR A O   1 
ATOM   1113 C CB  . TYR A 1 140 ? 3.582   4.656   3.379   1.00 11.06 ? 267 TYR A CB  1 
ATOM   1114 C CG  . TYR A 1 140 ? 5.032   5.057   3.426   1.00 12.71 ? 267 TYR A CG  1 
ATOM   1115 C CD1 . TYR A 1 140 ? 6.036   4.133   3.139   1.00 13.44 ? 267 TYR A CD1 1 
ATOM   1116 C CD2 . TYR A 1 140 ? 5.405   6.345   3.799   1.00 13.62 ? 267 TYR A CD2 1 
ATOM   1117 C CE1 . TYR A 1 140 ? 7.376   4.482   3.221   1.00 16.14 ? 267 TYR A CE1 1 
ATOM   1118 C CE2 . TYR A 1 140 ? 6.744   6.705   3.887   1.00 16.50 ? 267 TYR A CE2 1 
ATOM   1119 C CZ  . TYR A 1 140 ? 7.722   5.768   3.597   1.00 16.15 ? 267 TYR A CZ  1 
ATOM   1120 O OH  . TYR A 1 140 ? 9.052   6.110   3.683   1.00 18.97 ? 267 TYR A OH  1 
ATOM   1121 N N   . VAL A 1 141 ? 0.775   4.608   5.083   1.00 10.10 ? 268 VAL A N   1 
ATOM   1122 C CA  . VAL A 1 141 ? -0.661  4.413   5.006   1.00 10.71 ? 268 VAL A CA  1 
ATOM   1123 C C   . VAL A 1 141 ? -1.346  5.693   4.581   1.00 11.46 ? 268 VAL A C   1 
ATOM   1124 O O   . VAL A 1 141 ? -0.990  6.789   5.021   1.00 11.18 ? 268 VAL A O   1 
ATOM   1125 C CB  . VAL A 1 141 ? -1.255  3.945   6.360   1.00 10.71 ? 268 VAL A CB  1 
ATOM   1126 C CG1 . VAL A 1 141 ? -1.114  5.035   7.408   1.00 14.60 ? 268 VAL A CG1 1 
ATOM   1127 C CG2 . VAL A 1 141 ? -2.721  3.559   6.177   1.00 13.21 ? 268 VAL A CG2 1 
ATOM   1128 N N   . ILE A 1 142 ? -2.320  5.538   3.694   1.00 9.90  ? 269 ILE A N   1 
ATOM   1129 C CA  . ILE A 1 142 ? -3.089  6.655   3.192   1.00 10.74 ? 269 ILE A CA  1 
ATOM   1130 C C   . ILE A 1 142 ? -4.541  6.393   3.570   1.00 10.92 ? 269 ILE A C   1 
ATOM   1131 O O   . ILE A 1 142 ? -5.150  5.436   3.090   1.00 11.21 ? 269 ILE A O   1 
ATOM   1132 C CB  . ILE A 1 142 ? -2.952  6.770   1.661   1.00 9.99  ? 269 ILE A CB  1 
ATOM   1133 C CG1 . ILE A 1 142 ? -1.477  6.951   1.291   1.00 11.72 ? 269 ILE A CG1 1 
ATOM   1134 C CG2 . ILE A 1 142 ? -3.767  7.948   1.148   1.00 13.48 ? 269 ILE A CG2 1 
ATOM   1135 C CD1 . ILE A 1 142 ? -1.191  6.775   -0.184  1.00 12.16 ? 269 ILE A CD1 1 
ATOM   1136 N N   . GLY A 1 143 ? -5.066  7.224   4.465   1.00 11.55 ? 270 GLY A N   1 
ATOM   1137 C CA  . GLY A 1 143 ? -6.446  7.094   4.903   1.00 9.74  ? 270 GLY A CA  1 
ATOM   1138 C C   . GLY A 1 143 ? -7.275  8.084   4.118   1.00 12.05 ? 270 GLY A C   1 
ATOM   1139 O O   . GLY A 1 143 ? -7.067  9.293   4.220   1.00 12.47 ? 270 GLY A O   1 
ATOM   1140 N N   . VAL A 1 144 ? -8.218  7.569   3.338   1.00 12.11 ? 271 VAL A N   1 
ATOM   1141 C CA  . VAL A 1 144 ? -9.058  8.401   2.485   1.00 14.24 ? 271 VAL A CA  1 
ATOM   1142 C C   . VAL A 1 144 ? -10.486 8.564   2.985   1.00 14.63 ? 271 VAL A C   1 
ATOM   1143 O O   . VAL A 1 144 ? -11.119 7.601   3.408   1.00 14.92 ? 271 VAL A O   1 
ATOM   1144 C CB  . VAL A 1 144 ? -9.132  7.812   1.056   1.00 13.23 ? 271 VAL A CB  1 
ATOM   1145 C CG1 . VAL A 1 144 ? -9.857  8.772   0.123   1.00 13.78 ? 271 VAL A CG1 1 
ATOM   1146 C CG2 . VAL A 1 144 ? -7.739  7.511   0.546   1.00 13.79 ? 271 VAL A CG2 1 
ATOM   1147 N N   . GLY A 1 145 ? -10.988 9.795   2.934   1.00 16.88 ? 272 GLY A N   1 
ATOM   1148 C CA  . GLY A 1 145 ? -12.360 10.041  3.339   1.00 17.25 ? 272 GLY A CA  1 
ATOM   1149 C C   . GLY A 1 145 ? -12.631 10.487  4.762   1.00 18.37 ? 272 GLY A C   1 
ATOM   1150 O O   . GLY A 1 145 ? -11.725 10.603  5.590   1.00 16.82 ? 272 GLY A O   1 
ATOM   1151 N N   . ASP A 1 146 ? -13.910 10.724  5.038   1.00 20.61 ? 273 ASP A N   1 
ATOM   1152 C CA  . ASP A 1 146 ? -14.360 11.175  6.347   1.00 22.84 ? 273 ASP A CA  1 
ATOM   1153 C C   . ASP A 1 146 ? -14.103 10.168  7.459   1.00 20.92 ? 273 ASP A C   1 
ATOM   1154 O O   . ASP A 1 146 ? -14.146 10.517  8.638   1.00 21.12 ? 273 ASP A O   1 
ATOM   1155 C CB  . ASP A 1 146 ? -15.854 11.504  6.299   1.00 26.60 ? 273 ASP A CB  1 
ATOM   1156 C CG  . ASP A 1 146 ? -16.185 12.559  5.264   1.00 29.60 ? 273 ASP A CG  1 
ATOM   1157 O OD1 . ASP A 1 146 ? -15.586 13.652  5.314   1.00 32.93 ? 273 ASP A OD1 1 
ATOM   1158 O OD2 . ASP A 1 146 ? -17.047 12.295  4.399   1.00 32.59 ? 273 ASP A OD2 1 
ATOM   1159 N N   . ALA A 1 147 ? -13.835 8.920   7.090   1.00 19.38 ? 274 ALA A N   1 
ATOM   1160 C CA  . ALA A 1 147 ? -13.579 7.886   8.082   1.00 18.64 ? 274 ALA A CA  1 
ATOM   1161 C C   . ALA A 1 147 ? -12.371 8.235   8.946   1.00 19.06 ? 274 ALA A C   1 
ATOM   1162 O O   . ALA A 1 147 ? -12.273 7.794   10.090  1.00 20.20 ? 274 ALA A O   1 
ATOM   1163 C CB  . ALA A 1 147 ? -13.352 6.536   7.391   1.00 18.04 ? 274 ALA A CB  1 
ATOM   1164 N N   . PHE A 1 148 ? -11.463 9.038   8.399   1.00 20.89 ? 275 PHE A N   1 
ATOM   1165 C CA  . PHE A 1 148 ? -10.252 9.414   9.117   1.00 23.56 ? 275 PHE A CA  1 
ATOM   1166 C C   . PHE A 1 148 ? -10.082 10.918  9.294   1.00 26.98 ? 275 PHE A C   1 
ATOM   1167 O O   . PHE A 1 148 ? -8.968  11.405  9.486   1.00 27.18 ? 275 PHE A O   1 
ATOM   1168 C CB  . PHE A 1 148 ? -9.039  8.829   8.393   1.00 20.63 ? 275 PHE A CB  1 
ATOM   1169 C CG  . PHE A 1 148 ? -9.121  7.345   8.193   1.00 19.11 ? 275 PHE A CG  1 
ATOM   1170 C CD1 . PHE A 1 148 ? -9.051  6.481   9.280   1.00 17.74 ? 275 PHE A CD1 1 
ATOM   1171 C CD2 . PHE A 1 148 ? -9.311  6.811   6.922   1.00 16.79 ? 275 PHE A CD2 1 
ATOM   1172 C CE1 . PHE A 1 148 ? -9.167  5.106   9.107   1.00 16.15 ? 275 PHE A CE1 1 
ATOM   1173 C CE2 . PHE A 1 148 ? -9.428  5.435   6.737   1.00 15.56 ? 275 PHE A CE2 1 
ATOM   1174 C CZ  . PHE A 1 148 ? -9.357  4.583   7.831   1.00 14.33 ? 275 PHE A CZ  1 
ATOM   1175 N N   . ARG A 1 149 ? -11.192 11.648  9.231   1.00 30.86 ? 276 ARG A N   1 
ATOM   1176 C CA  . ARG A 1 149 ? -11.172 13.098  9.404   1.00 35.42 ? 276 ARG A CA  1 
ATOM   1177 C C   . ARG A 1 149 ? -10.763 13.426  10.836  1.00 36.89 ? 276 ARG A C   1 
ATOM   1178 O O   . ARG A 1 149 ? -10.022 14.377  11.085  1.00 37.50 ? 276 ARG A O   1 
ATOM   1179 C CB  . ARG A 1 149 ? -12.559 13.681  9.127   1.00 37.17 ? 276 ARG A CB  1 
ATOM   1180 C CG  . ARG A 1 149 ? -12.891 13.878  7.659   1.00 40.74 ? 276 ARG A CG  1 
ATOM   1181 C CD  . ARG A 1 149 ? -12.359 15.209  7.152   0.00 43.42 ? 276 ARG A CD  1 
ATOM   1182 N NE  . ARG A 1 149 ? -12.831 15.505  5.803   0.00 46.60 ? 276 ARG A NE  1 
ATOM   1183 C CZ  . ARG A 1 149 ? -12.677 16.679  5.200   0.00 48.32 ? 276 ARG A CZ  1 
ATOM   1184 N NH1 . ARG A 1 149 ? -12.061 17.675  5.827   0.00 49.55 ? 276 ARG A NH1 1 
ATOM   1185 N NH2 . ARG A 1 149 ? -13.138 16.860  3.968   0.00 49.44 ? 276 ARG A NH2 1 
ATOM   1186 N N   . SER A 1 150 ? -11.257 12.622  11.771  1.00 38.88 ? 277 SER A N   1 
ATOM   1187 C CA  . SER A 1 150 ? -10.972 12.795  13.188  1.00 41.26 ? 277 SER A CA  1 
ATOM   1188 C C   . SER A 1 150 ? -9.545  12.402  13.554  1.00 42.63 ? 277 SER A C   1 
ATOM   1189 O O   . SER A 1 150 ? -8.876  11.679  12.815  1.00 42.38 ? 277 SER A O   1 
ATOM   1190 C CB  . SER A 1 150 ? -11.951 11.961  14.018  1.00 41.34 ? 277 SER A CB  1 
ATOM   1191 O OG  . SER A 1 150 ? -11.576 11.948  15.383  1.00 43.40 ? 277 SER A OG  1 
ATOM   1192 N N   . GLU A 1 151 ? -9.089  12.884  14.703  1.00 43.40 ? 278 GLU A N   1 
ATOM   1193 C CA  . GLU A 1 151 ? -7.750  12.580  15.187  1.00 43.44 ? 278 GLU A CA  1 
ATOM   1194 C C   . GLU A 1 151 ? -7.809  11.184  15.801  1.00 41.52 ? 278 GLU A C   1 
ATOM   1195 O O   . GLU A 1 151 ? -6.927  10.354  15.583  1.00 41.66 ? 278 GLU A O   1 
ATOM   1196 C CB  . GLU A 1 151 ? -7.334  13.606  16.246  1.00 46.99 ? 278 GLU A CB  1 
ATOM   1197 C CG  . GLU A 1 151 ? -5.829  13.809  16.409  1.00 50.51 ? 278 GLU A CG  1 
ATOM   1198 C CD  . GLU A 1 151 ? -5.093  12.551  16.822  0.00 52.67 ? 278 GLU A CD  1 
ATOM   1199 O OE1 . GLU A 1 151 ? -4.935  11.645  15.977  0.00 54.53 ? 278 GLU A OE1 1 
ATOM   1200 O OE2 . GLU A 1 151 ? -4.673  12.467  17.995  0.00 54.19 ? 278 GLU A OE2 1 
ATOM   1201 N N   . LYS A 1 152 ? -8.873  10.932  16.559  1.00 40.93 ? 279 LYS A N   1 
ATOM   1202 C CA  . LYS A 1 152 ? -9.073  9.642   17.208  1.00 39.76 ? 279 LYS A CA  1 
ATOM   1203 C C   . LYS A 1 152 ? -9.176  8.522   16.177  1.00 37.14 ? 279 LYS A C   1 
ATOM   1204 O O   . LYS A 1 152 ? -8.674  7.418   16.394  1.00 36.31 ? 279 LYS A O   1 
ATOM   1205 C CB  . LYS A 1 152 ? -10.347 9.668   18.056  1.00 42.55 ? 279 LYS A CB  1 
ATOM   1206 C CG  . LYS A 1 152 ? -10.653 8.348   18.749  1.00 46.29 ? 279 LYS A CG  1 
ATOM   1207 C CD  . LYS A 1 152 ? -11.982 8.392   19.490  1.00 49.75 ? 279 LYS A CD  1 
ATOM   1208 C CE  . LYS A 1 152 ? -11.976 9.436   20.596  1.00 51.73 ? 279 LYS A CE  1 
ATOM   1209 N NZ  . LYS A 1 152 ? -13.262 9.458   21.347  1.00 54.73 ? 279 LYS A NZ  1 
ATOM   1210 N N   . SER A 1 153 ? -9.833  8.812   15.059  1.00 32.31 ? 280 SER A N   1 
ATOM   1211 C CA  . SER A 1 153 ? -10.002 7.826   13.998  1.00 28.98 ? 280 SER A CA  1 
ATOM   1212 C C   . SER A 1 153 ? -8.669  7.504   13.335  1.00 26.15 ? 280 SER A C   1 
ATOM   1213 O O   . SER A 1 153 ? -8.450  6.381   12.880  1.00 23.73 ? 280 SER A O   1 
ATOM   1214 C CB  . SER A 1 153 ? -10.982 8.341   12.944  1.00 29.99 ? 280 SER A CB  1 
ATOM   1215 O OG  . SER A 1 153 ? -10.458 9.484   12.289  1.00 29.39 ? 280 SER A OG  1 
ATOM   1216 N N   . ARG A 1 154 ? -7.777  8.491   13.280  1.00 23.17 ? 281 ARG A N   1 
ATOM   1217 C CA  . ARG A 1 154 ? -6.475  8.291   12.658  1.00 21.91 ? 281 ARG A CA  1 
ATOM   1218 C C   . ARG A 1 154 ? -5.551  7.404   13.481  1.00 19.03 ? 281 ARG A C   1 
ATOM   1219 O O   . ARG A 1 154 ? -4.472  7.038   13.021  1.00 18.41 ? 281 ARG A O   1 
ATOM   1220 C CB  . ARG A 1 154 ? -5.792  9.636   12.376  1.00 24.52 ? 281 ARG A CB  1 
ATOM   1221 C CG  . ARG A 1 154 ? -6.490  10.464  11.304  1.00 27.43 ? 281 ARG A CG  1 
ATOM   1222 C CD  . ARG A 1 154 ? -5.496  11.281  10.489  1.00 30.28 ? 281 ARG A CD  1 
ATOM   1223 N NE  . ARG A 1 154 ? -4.805  12.291  11.285  0.00 33.99 ? 281 ARG A NE  1 
ATOM   1224 C CZ  . ARG A 1 154 ? -5.382  13.384  11.772  0.00 35.93 ? 281 ARG A CZ  1 
ATOM   1225 N NH1 . ARG A 1 154 ? -6.668  13.617  11.546  0.00 37.35 ? 281 ARG A NH1 1 
ATOM   1226 N NH2 . ARG A 1 154 ? -4.672  14.248  12.485  0.00 37.22 ? 281 ARG A NH2 1 
ATOM   1227 N N   . GLN A 1 155 ? -5.967  7.053   14.694  1.00 17.92 ? 282 GLN A N   1 
ATOM   1228 C CA  . GLN A 1 155 ? -5.151  6.185   15.533  1.00 16.41 ? 282 GLN A CA  1 
ATOM   1229 C C   . GLN A 1 155 ? -4.938  4.855   14.817  1.00 15.77 ? 282 GLN A C   1 
ATOM   1230 O O   . GLN A 1 155 ? -3.887  4.228   14.949  1.00 15.38 ? 282 GLN A O   1 
ATOM   1231 C CB  . GLN A 1 155 ? -5.827  5.949   16.886  1.00 19.84 ? 282 GLN A CB  1 
ATOM   1232 C CG  . GLN A 1 155 ? -5.876  7.184   17.781  1.00 22.22 ? 282 GLN A CG  1 
ATOM   1233 C CD  . GLN A 1 155 ? -4.498  7.670   18.198  1.00 24.31 ? 282 GLN A CD  1 
ATOM   1234 O OE1 . GLN A 1 155 ? -4.368  8.696   18.867  0.00 24.30 ? 282 GLN A OE1 1 
ATOM   1235 N NE2 . GLN A 1 155 ? -3.462  6.934   17.809  0.00 24.22 ? 282 GLN A NE2 1 
ATOM   1236 N N   . GLU A 1 156 ? -5.939  4.428   14.053  1.00 14.70 ? 283 GLU A N   1 
ATOM   1237 C CA  . GLU A 1 156 ? -5.827  3.175   13.313  1.00 12.86 ? 283 GLU A CA  1 
ATOM   1238 C C   . GLU A 1 156 ? -4.731  3.310   12.255  1.00 12.63 ? 283 GLU A C   1 
ATOM   1239 O O   . GLU A 1 156 ? -3.977  2.370   11.999  1.00 12.11 ? 283 GLU A O   1 
ATOM   1240 C CB  . GLU A 1 156 ? -7.160  2.824   12.649  1.00 11.70 ? 283 GLU A CB  1 
ATOM   1241 C CG  . GLU A 1 156 ? -7.105  1.525   11.855  1.00 12.55 ? 283 GLU A CG  1 
ATOM   1242 C CD  . GLU A 1 156 ? -8.454  1.086   11.322  1.00 15.42 ? 283 GLU A CD  1 
ATOM   1243 O OE1 . GLU A 1 156 ? -9.467  1.773   11.582  1.00 16.85 ? 283 GLU A OE1 1 
ATOM   1244 O OE2 . GLU A 1 156 ? -8.499  0.043   10.636  1.00 11.61 ? 283 GLU A OE2 1 
ATOM   1245 N N   . LEU A 1 157 ? -4.647  4.488   11.643  1.00 12.03 ? 284 LEU A N   1 
ATOM   1246 C CA  . LEU A 1 157 ? -3.629  4.736   10.630  1.00 11.46 ? 284 LEU A CA  1 
ATOM   1247 C C   . LEU A 1 157 ? -2.246  4.678   11.279  1.00 11.67 ? 284 LEU A C   1 
ATOM   1248 O O   . LEU A 1 157 ? -1.304  4.123   10.710  1.00 11.28 ? 284 LEU A O   1 
ATOM   1249 C CB  . LEU A 1 157 ? -3.847  6.105   9.976   1.00 12.89 ? 284 LEU A CB  1 
ATOM   1250 C CG  . LEU A 1 157 ? -5.205  6.347   9.304   1.00 12.33 ? 284 LEU A CG  1 
ATOM   1251 C CD1 . LEU A 1 157 ? -5.202  7.721   8.651   1.00 12.62 ? 284 LEU A CD1 1 
ATOM   1252 C CD2 . LEU A 1 157 ? -5.484  5.271   8.262   1.00 11.67 ? 284 LEU A CD2 1 
ATOM   1253 N N   . ASN A 1 158 ? -2.130  5.242   12.477  1.00 12.46 ? 285 ASN A N   1 
ATOM   1254 C CA  . ASN A 1 158 ? -0.860  5.237   13.200  1.00 12.98 ? 285 ASN A CA  1 
ATOM   1255 C C   . ASN A 1 158 ? -0.458  3.805   13.566  1.00 12.86 ? 285 ASN A C   1 
ATOM   1256 O O   . ASN A 1 158 ? 0.728   3.463   13.576  1.00 13.11 ? 285 ASN A O   1 
ATOM   1257 C CB  . ASN A 1 158 ? -0.968  6.087   14.475  1.00 14.16 ? 285 ASN A CB  1 
ATOM   1258 C CG  . ASN A 1 158 ? -1.118  7.575   14.186  1.00 16.40 ? 285 ASN A CG  1 
ATOM   1259 O OD1 . ASN A 1 158 ? -1.295  8.378   15.105  1.00 21.46 ? 285 ASN A OD1 1 
ATOM   1260 N ND2 . ASN A 1 158 ? -1.044  7.949   12.915  1.00 15.49 ? 285 ASN A ND2 1 
ATOM   1261 N N   . THR A 1 159 ? -1.451  2.973   13.863  1.00 12.15 ? 286 THR A N   1 
ATOM   1262 C CA  . THR A 1 159 ? -1.205  1.580   14.223  1.00 12.59 ? 286 THR A CA  1 
ATOM   1263 C C   . THR A 1 159 ? -0.657  0.791   13.036  1.00 11.87 ? 286 THR A C   1 
ATOM   1264 O O   . THR A 1 159 ? 0.173   -0.104  13.201  1.00 13.19 ? 286 THR A O   1 
ATOM   1265 C CB  . THR A 1 159 ? -2.505  0.909   14.724  1.00 13.58 ? 286 THR A CB  1 
ATOM   1266 O OG1 . THR A 1 159 ? -2.920  1.537   15.944  1.00 15.36 ? 286 THR A OG1 1 
ATOM   1267 C CG2 . THR A 1 159 ? -2.287  -0.572  14.985  1.00 14.29 ? 286 THR A CG2 1 
ATOM   1268 N N   . ILE A 1 160 ? -1.123  1.132   11.841  1.00 11.72 ? 287 ILE A N   1 
ATOM   1269 C CA  . ILE A 1 160 ? -0.690  0.457   10.619  1.00 12.05 ? 287 ILE A CA  1 
ATOM   1270 C C   . ILE A 1 160 ? 0.687   0.909   10.137  1.00 12.01 ? 287 ILE A C   1 
ATOM   1271 O O   . ILE A 1 160 ? 1.536   0.091   9.787   1.00 12.83 ? 287 ILE A O   1 
ATOM   1272 C CB  . ILE A 1 160 ? -1.697  0.706   9.467   1.00 11.07 ? 287 ILE A CB  1 
ATOM   1273 C CG1 . ILE A 1 160 ? -3.052  0.077   9.804   1.00 12.52 ? 287 ILE A CG1 1 
ATOM   1274 C CG2 . ILE A 1 160 ? -1.142  0.140   8.153   1.00 11.92 ? 287 ILE A CG2 1 
ATOM   1275 C CD1 . ILE A 1 160 ? -4.161  0.471   8.864   1.00 12.61 ? 287 ILE A CD1 1 
ATOM   1276 N N   . ALA A 1 161 ? 0.900   2.218   10.123  1.00 10.92 ? 288 ALA A N   1 
ATOM   1277 C CA  . ALA A 1 161 ? 2.147   2.791   9.632   1.00 10.33 ? 288 ALA A CA  1 
ATOM   1278 C C   . ALA A 1 161 ? 3.370   2.616   10.513  1.00 11.76 ? 288 ALA A C   1 
ATOM   1279 O O   . ALA A 1 161 ? 3.269   2.452   11.731  1.00 11.74 ? 288 ALA A O   1 
ATOM   1280 C CB  . ALA A 1 161 ? 1.941   4.275   9.340   1.00 12.85 ? 288 ALA A CB  1 
ATOM   1281 N N   . SER A 1 162 ? 4.535   2.656   9.877   1.00 11.36 ? 289 SER A N   1 
ATOM   1282 C CA  . SER A 1 162 ? 5.788   2.549   10.600  1.00 11.30 ? 289 SER A CA  1 
ATOM   1283 C C   . SER A 1 162 ? 5.959   3.840   11.389  1.00 13.34 ? 289 SER A C   1 
ATOM   1284 O O   . SER A 1 162 ? 5.332   4.853   11.076  1.00 12.85 ? 289 SER A O   1 
ATOM   1285 C CB  . SER A 1 162 ? 6.951   2.373   9.625   1.00 11.69 ? 289 SER A CB  1 
ATOM   1286 O OG  . SER A 1 162 ? 6.951   1.059   9.089   1.00 11.53 ? 289 SER A OG  1 
ATOM   1287 N N   . LYS A 1 163 ? 6.798   3.796   12.415  1.00 15.60 ? 290 LYS A N   1 
ATOM   1288 C CA  . LYS A 1 163 ? 7.048   4.965   13.247  1.00 18.54 ? 290 LYS A CA  1 
ATOM   1289 C C   . LYS A 1 163 ? 8.202   5.782   12.677  1.00 19.38 ? 290 LYS A C   1 
ATOM   1290 O O   . LYS A 1 163 ? 9.157   5.225   12.134  1.00 19.88 ? 290 LYS A O   1 
ATOM   1291 C CB  . LYS A 1 163 ? 7.388   4.530   14.672  1.00 19.52 ? 290 LYS A CB  1 
ATOM   1292 C CG  . LYS A 1 163 ? 6.302   3.717   15.350  1.00 23.10 ? 290 LYS A CG  1 
ATOM   1293 C CD  . LYS A 1 163 ? 6.720   3.318   16.754  1.00 26.23 ? 290 LYS A CD  1 
ATOM   1294 C CE  . LYS A 1 163 ? 5.625   2.534   17.456  1.00 28.43 ? 290 LYS A CE  1 
ATOM   1295 N NZ  . LYS A 1 163 ? 6.017   2.158   18.842  1.00 32.02 ? 290 LYS A NZ  1 
ATOM   1296 N N   . PRO A 1 164 ? 8.128   7.119   12.789  1.00 20.56 ? 291 PRO A N   1 
ATOM   1297 C CA  . PRO A 1 164 ? 7.021   7.853   13.413  1.00 21.09 ? 291 PRO A CA  1 
ATOM   1298 C C   . PRO A 1 164 ? 5.864   8.069   12.438  1.00 21.59 ? 291 PRO A C   1 
ATOM   1299 O O   . PRO A 1 164 ? 6.071   8.182   11.231  1.00 19.00 ? 291 PRO A O   1 
ATOM   1300 C CB  . PRO A 1 164 ? 7.679   9.163   13.827  1.00 21.56 ? 291 PRO A CB  1 
ATOM   1301 C CG  . PRO A 1 164 ? 8.630   9.400   12.703  1.00 22.74 ? 291 PRO A CG  1 
ATOM   1302 C CD  . PRO A 1 164 ? 9.249   8.028   12.488  1.00 21.81 ? 291 PRO A CD  1 
ATOM   1303 N N   . PRO A 1 165 ? 4.628   8.145   12.952  1.00 23.26 ? 292 PRO A N   1 
ATOM   1304 C CA  . PRO A 1 165 ? 3.458   8.348   12.092  1.00 25.09 ? 292 PRO A CA  1 
ATOM   1305 C C   . PRO A 1 165 ? 3.530   9.604   11.225  1.00 26.91 ? 292 PRO A C   1 
ATOM   1306 O O   . PRO A 1 165 ? 3.107   9.596   10.069  1.00 25.93 ? 292 PRO A O   1 
ATOM   1307 C CB  . PRO A 1 165 ? 2.300   8.389   13.089  1.00 25.79 ? 292 PRO A CB  1 
ATOM   1308 C CG  . PRO A 1 165 ? 2.942   8.944   14.324  1.00 25.75 ? 292 PRO A CG  1 
ATOM   1309 C CD  . PRO A 1 165 ? 4.245   8.186   14.373  1.00 24.66 ? 292 PRO A CD  1 
ATOM   1310 N N   . ARG A 1 166 ? 4.075   10.679  11.782  1.00 28.97 ? 293 ARG A N   1 
ATOM   1311 C CA  . ARG A 1 166 ? 4.191   11.932  11.052  1.00 31.63 ? 293 ARG A CA  1 
ATOM   1312 C C   . ARG A 1 166 ? 4.879   11.765  9.698   1.00 29.63 ? 293 ARG A C   1 
ATOM   1313 O O   . ARG A 1 166 ? 4.611   12.517  8.763   1.00 29.68 ? 293 ARG A O   1 
ATOM   1314 C CB  . ARG A 1 166 ? 4.959   12.963  11.889  0.00 37.26 ? 293 ARG A CB  1 
ATOM   1315 C CG  . ARG A 1 166 ? 4.311   13.299  13.227  1.00 44.19 ? 293 ARG A CG  1 
ATOM   1316 C CD  . ARG A 1 166 ? 4.459   12.174  14.247  0.00 50.89 ? 293 ARG A CD  1 
ATOM   1317 N NE  . ARG A 1 166 ? 5.605   12.362  15.138  0.00 58.02 ? 293 ARG A NE  1 
ATOM   1318 C CZ  . ARG A 1 166 ? 6.878   12.355  14.753  0.00 61.98 ? 293 ARG A CZ  1 
ATOM   1319 N NH1 . ARG A 1 166 ? 7.194   12.167  13.480  0.00 64.66 ? 293 ARG A NH1 1 
ATOM   1320 N NH2 . ARG A 1 166 ? 7.840   12.535  15.647  0.00 64.62 ? 293 ARG A NH2 1 
ATOM   1321 N N   . ASP A 1 167 ? 5.759   10.775  9.590   1.00 27.04 ? 294 ASP A N   1 
ATOM   1322 C CA  . ASP A 1 167 ? 6.483   10.543  8.345   1.00 25.21 ? 294 ASP A CA  1 
ATOM   1323 C C   . ASP A 1 167 ? 5.972   9.361   7.527   1.00 21.43 ? 294 ASP A C   1 
ATOM   1324 O O   . ASP A 1 167 ? 6.514   9.066   6.465   1.00 21.07 ? 294 ASP A O   1 
ATOM   1325 C CB  . ASP A 1 167 ? 7.971   10.333  8.632   1.00 28.80 ? 294 ASP A CB  1 
ATOM   1326 C CG  . ASP A 1 167 ? 8.636   11.571  9.191   1.00 30.99 ? 294 ASP A CG  1 
ATOM   1327 O OD1 . ASP A 1 167 ? 8.593   12.621  8.516   1.00 32.26 ? 294 ASP A OD1 1 
ATOM   1328 O OD2 . ASP A 1 167 ? 9.201   11.494  10.302  1.00 32.39 ? 294 ASP A OD2 1 
ATOM   1329 N N   . HIS A 1 168 ? 4.931   8.692   8.008   1.00 16.88 ? 295 HIS A N   1 
ATOM   1330 C CA  . HIS A 1 168 ? 4.407   7.530   7.296   1.00 14.55 ? 295 HIS A CA  1 
ATOM   1331 C C   . HIS A 1 168 ? 2.898   7.542   7.079   1.00 13.46 ? 295 HIS A C   1 
ATOM   1332 O O   . HIS A 1 168 ? 2.374   6.711   6.340   1.00 14.09 ? 295 HIS A O   1 
ATOM   1333 C CB  . HIS A 1 168 ? 4.800   6.257   8.049   1.00 13.63 ? 295 HIS A CB  1 
ATOM   1334 C CG  . HIS A 1 168 ? 6.276   6.107   8.240   1.00 12.69 ? 295 HIS A CG  1 
ATOM   1335 N ND1 . HIS A 1 168 ? 7.102   5.567   7.277   1.00 15.57 ? 295 HIS A ND1 1 
ATOM   1336 C CD2 . HIS A 1 168 ? 7.081   6.477   9.263   1.00 12.96 ? 295 HIS A CD2 1 
ATOM   1337 C CE1 . HIS A 1 168 ? 8.354   5.614   7.699   1.00 12.90 ? 295 HIS A CE1 1 
ATOM   1338 N NE2 . HIS A 1 168 ? 8.368   6.162   8.900   1.00 15.34 ? 295 HIS A NE2 1 
ATOM   1339 N N   . VAL A 1 169 ? 2.202   8.475   7.721   1.00 13.26 ? 296 VAL A N   1 
ATOM   1340 C CA  . VAL A 1 169 ? 0.751   8.563   7.595   1.00 12.00 ? 296 VAL A CA  1 
ATOM   1341 C C   . VAL A 1 169 ? 0.303   9.750   6.753   1.00 13.12 ? 296 VAL A C   1 
ATOM   1342 O O   . VAL A 1 169 ? 0.772   10.873  6.944   1.00 13.32 ? 296 VAL A O   1 
ATOM   1343 C CB  . VAL A 1 169 ? 0.073   8.681   8.986   1.00 11.13 ? 296 VAL A CB  1 
ATOM   1344 C CG1 . VAL A 1 169 ? -1.431  8.865   8.826   1.00 13.81 ? 296 VAL A CG1 1 
ATOM   1345 C CG2 . VAL A 1 169 ? 0.363   7.447   9.812   1.00 11.82 ? 296 VAL A CG2 1 
ATOM   1346 N N   . PHE A 1 170 ? -0.605  9.488   5.819   1.00 14.16 ? 297 PHE A N   1 
ATOM   1347 C CA  . PHE A 1 170 ? -1.163  10.525  4.956   1.00 13.93 ? 297 PHE A CA  1 
ATOM   1348 C C   . PHE A 1 170 ? -2.676  10.472  5.082   1.00 14.75 ? 297 PHE A C   1 
ATOM   1349 O O   . PHE A 1 170 ? -3.264  9.392   5.152   1.00 13.26 ? 297 PHE A O   1 
ATOM   1350 C CB  . PHE A 1 170 ? -0.801  10.301  3.484   1.00 16.41 ? 297 PHE A CB  1 
ATOM   1351 C CG  . PHE A 1 170 ? 0.663   10.420  3.184   1.00 18.91 ? 297 PHE A CG  1 
ATOM   1352 C CD1 . PHE A 1 170 ? 1.523   9.355   3.417   1.00 20.33 ? 297 PHE A CD1 1 
ATOM   1353 C CD2 . PHE A 1 170 ? 1.181   11.597  2.652   1.00 21.78 ? 297 PHE A CD2 1 
ATOM   1354 C CE1 . PHE A 1 170 ? 2.881   9.458   3.122   1.00 21.91 ? 297 PHE A CE1 1 
ATOM   1355 C CE2 . PHE A 1 170 ? 2.535   11.712  2.355   1.00 21.85 ? 297 PHE A CE2 1 
ATOM   1356 C CZ  . PHE A 1 170 ? 3.388   10.640  2.590   1.00 22.41 ? 297 PHE A CZ  1 
ATOM   1357 N N   . GLN A 1 171 ? -3.308  11.637  5.113   1.00 15.46 ? 298 GLN A N   1 
ATOM   1358 C CA  . GLN A 1 171 ? -4.753  11.702  5.207   1.00 17.28 ? 298 GLN A CA  1 
ATOM   1359 C C   . GLN A 1 171 ? -5.268  12.670  4.148   1.00 17.78 ? 298 GLN A C   1 
ATOM   1360 O O   . GLN A 1 171 ? -4.810  13.807  4.061   1.00 17.21 ? 298 GLN A O   1 
ATOM   1361 C CB  . GLN A 1 171 ? -5.175  12.160  6.610   1.00 19.67 ? 298 GLN A CB  1 
ATOM   1362 C CG  . GLN A 1 171 ? -6.681  12.165  6.846   1.00 24.90 ? 298 GLN A CG  1 
ATOM   1363 C CD  . GLN A 1 171 ? -7.367  13.394  6.276   1.00 25.99 ? 298 GLN A CD  1 
ATOM   1364 O OE1 . GLN A 1 171 ? -8.570  13.381  6.012   1.00 28.54 ? 298 GLN A OE1 1 
ATOM   1365 N NE2 . GLN A 1 171 ? -6.608  14.470  6.099   1.00 28.37 ? 298 GLN A NE2 1 
ATOM   1366 N N   . VAL A 1 172 ? -6.198  12.195  3.323   1.00 17.13 ? 299 VAL A N   1 
ATOM   1367 C CA  . VAL A 1 172 ? -6.803  13.014  2.278   1.00 17.55 ? 299 VAL A CA  1 
ATOM   1368 C C   . VAL A 1 172 ? -8.317  12.930  2.455   1.00 17.19 ? 299 VAL A C   1 
ATOM   1369 O O   . VAL A 1 172 ? -8.850  11.879  2.802   1.00 15.87 ? 299 VAL A O   1 
ATOM   1370 C CB  . VAL A 1 172 ? -6.404  12.526  0.862   1.00 19.24 ? 299 VAL A CB  1 
ATOM   1371 C CG1 . VAL A 1 172 ? -4.911  12.720  0.654   1.00 21.77 ? 299 VAL A CG1 1 
ATOM   1372 C CG2 . VAL A 1 172 ? -6.777  11.067  0.683   1.00 19.45 ? 299 VAL A CG2 1 
ATOM   1373 N N   . ASN A 1 173 ? -9.007  14.040  2.219   1.00 18.21 ? 300 ASN A N   1 
ATOM   1374 C CA  . ASN A 1 173 ? -10.450 14.092  2.407   1.00 19.73 ? 300 ASN A CA  1 
ATOM   1375 C C   . ASN A 1 173 ? -11.305 13.297  1.430   1.00 18.04 ? 300 ASN A C   1 
ATOM   1376 O O   . ASN A 1 173 ? -12.458 12.987  1.726   1.00 18.70 ? 300 ASN A O   1 
ATOM   1377 C CB  . ASN A 1 173 ? -10.908 15.548  2.422   1.00 23.00 ? 300 ASN A CB  1 
ATOM   1378 C CG  . ASN A 1 173 ? -10.178 16.369  3.462   1.00 26.58 ? 300 ASN A CG  1 
ATOM   1379 O OD1 . ASN A 1 173 ? -9.994  15.926  4.598   1.00 28.48 ? 300 ASN A OD1 1 
ATOM   1380 N ND2 . ASN A 1 173 ? -9.763  17.573  3.086   1.00 29.01 ? 300 ASN A ND2 1 
ATOM   1381 N N   . ASN A 1 174 ? -10.752 12.972  0.269   1.00 17.37 ? 301 ASN A N   1 
ATOM   1382 C CA  . ASN A 1 174 ? -11.487 12.208  -0.730  1.00 16.60 ? 301 ASN A CA  1 
ATOM   1383 C C   . ASN A 1 174 ? -10.522 11.658  -1.769  1.00 16.43 ? 301 ASN A C   1 
ATOM   1384 O O   . ASN A 1 174 ? -9.338  11.996  -1.763  1.00 14.48 ? 301 ASN A O   1 
ATOM   1385 C CB  . ASN A 1 174 ? -12.548 13.089  -1.398  1.00 18.13 ? 301 ASN A CB  1 
ATOM   1386 C CG  . ASN A 1 174 ? -11.981 14.392  -1.914  1.00 17.78 ? 301 ASN A CG  1 
ATOM   1387 O OD1 . ASN A 1 174 ? -11.128 14.404  -2.798  1.00 19.68 ? 301 ASN A OD1 1 
ATOM   1388 N ND2 . ASN A 1 174 ? -12.454 15.502  -1.360  1.00 23.00 ? 301 ASN A ND2 1 
ATOM   1389 N N   . PHE A 1 175 ? -11.023 10.812  -2.661  1.00 15.95 ? 302 PHE A N   1 
ATOM   1390 C CA  . PHE A 1 175 ? -10.170 10.216  -3.676  1.00 16.24 ? 302 PHE A CA  1 
ATOM   1391 C C   . PHE A 1 175 ? -9.623  11.187  -4.711  1.00 16.82 ? 302 PHE A C   1 
ATOM   1392 O O   . PHE A 1 175 ? -8.531  10.978  -5.238  1.00 17.31 ? 302 PHE A O   1 
ATOM   1393 C CB  . PHE A 1 175 ? -10.895 9.051   -4.351  1.00 15.58 ? 302 PHE A CB  1 
ATOM   1394 C CG  . PHE A 1 175 ? -10.971 7.821   -3.493  1.00 15.20 ? 302 PHE A CG  1 
ATOM   1395 C CD1 . PHE A 1 175 ? -11.979 7.673   -2.545  1.00 15.79 ? 302 PHE A CD1 1 
ATOM   1396 C CD2 . PHE A 1 175 ? -9.992  6.840   -3.587  1.00 16.61 ? 302 PHE A CD2 1 
ATOM   1397 C CE1 . PHE A 1 175 ? -12.006 6.564   -1.702  1.00 15.48 ? 302 PHE A CE1 1 
ATOM   1398 C CE2 . PHE A 1 175 ? -10.011 5.726   -2.747  1.00 16.74 ? 302 PHE A CE2 1 
ATOM   1399 C CZ  . PHE A 1 175 ? -11.021 5.591   -1.803  1.00 16.39 ? 302 PHE A CZ  1 
ATOM   1400 N N   . GLU A 1 176 ? -10.366 12.251  -4.997  1.00 18.68 ? 303 GLU A N   1 
ATOM   1401 C CA  . GLU A 1 176 ? -9.904  13.239  -5.965  1.00 20.57 ? 303 GLU A CA  1 
ATOM   1402 C C   . GLU A 1 176 ? -8.671  13.965  -5.429  1.00 20.42 ? 303 GLU A C   1 
ATOM   1403 O O   . GLU A 1 176 ? -7.866  14.490  -6.199  1.00 21.30 ? 303 GLU A O   1 
ATOM   1404 C CB  . GLU A 1 176 ? -11.007 14.258  -6.263  1.00 23.92 ? 303 GLU A CB  1 
ATOM   1405 C CG  . GLU A 1 176 ? -12.239 13.671  -6.930  1.00 28.20 ? 303 GLU A CG  1 
ATOM   1406 C CD  . GLU A 1 176 ? -13.272 14.724  -7.279  0.00 29.88 ? 303 GLU A CD  1 
ATOM   1407 O OE1 . GLU A 1 176 ? -13.748 15.421  -6.357  0.00 31.36 ? 303 GLU A OE1 1 
ATOM   1408 O OE2 . GLU A 1 176 ? -13.609 14.855  -8.474  0.00 31.19 ? 303 GLU A OE2 1 
ATOM   1409 N N   . ALA A 1 177 ? -8.519  13.978  -4.107  1.00 19.16 ? 304 ALA A N   1 
ATOM   1410 C CA  . ALA A 1 177 ? -7.389  14.653  -3.475  1.00 18.14 ? 304 ALA A CA  1 
ATOM   1411 C C   . ALA A 1 177 ? -6.142  13.783  -3.342  1.00 18.06 ? 304 ALA A C   1 
ATOM   1412 O O   . ALA A 1 177 ? -5.110  14.256  -2.874  1.00 18.15 ? 304 ALA A O   1 
ATOM   1413 C CB  . ALA A 1 177 ? -7.798  15.179  -2.106  1.00 17.58 ? 304 ALA A CB  1 
ATOM   1414 N N   . LEU A 1 178 ? -6.230  12.517  -3.739  1.00 17.37 ? 305 LEU A N   1 
ATOM   1415 C CA  . LEU A 1 178 ? -5.073  11.630  -3.645  1.00 16.96 ? 305 LEU A CA  1 
ATOM   1416 C C   . LEU A 1 178 ? -3.865  12.203  -4.376  1.00 18.86 ? 305 LEU A C   1 
ATOM   1417 O O   . LEU A 1 178 ? -2.744  12.142  -3.878  1.00 18.55 ? 305 LEU A O   1 
ATOM   1418 C CB  . LEU A 1 178 ? -5.399  10.249  -4.222  1.00 16.17 ? 305 LEU A CB  1 
ATOM   1419 C CG  . LEU A 1 178 ? -6.082  9.245   -3.293  1.00 14.92 ? 305 LEU A CG  1 
ATOM   1420 C CD1 . LEU A 1 178 ? -6.453  8.003   -4.080  1.00 14.86 ? 305 LEU A CD1 1 
ATOM   1421 C CD2 . LEU A 1 178 ? -5.150  8.887   -2.140  1.00 15.74 ? 305 LEU A CD2 1 
ATOM   1422 N N   . LYS A 1 179 ? -4.099  12.765  -5.555  1.00 18.97 ? 306 LYS A N   1 
ATOM   1423 C CA  . LYS A 1 179 ? -3.019  13.329  -6.352  1.00 20.45 ? 306 LYS A CA  1 
ATOM   1424 C C   . LYS A 1 179 ? -2.236  14.419  -5.625  1.00 20.42 ? 306 LYS A C   1 
ATOM   1425 O O   . LYS A 1 179 ? -1.073  14.668  -5.943  1.00 20.94 ? 306 LYS A O   1 
ATOM   1426 C CB  . LYS A 1 179 ? -3.574  13.881  -7.667  1.00 22.58 ? 306 LYS A CB  1 
ATOM   1427 C CG  . LYS A 1 179 ? -4.653  14.936  -7.497  1.00 25.58 ? 306 LYS A CG  1 
ATOM   1428 C CD  . LYS A 1 179 ? -5.149  15.438  -8.844  1.00 27.86 ? 306 LYS A CD  1 
ATOM   1429 C CE  . LYS A 1 179 ? -5.854  14.343  -9.633  1.00 29.59 ? 306 LYS A CE  1 
ATOM   1430 N NZ  . LYS A 1 179 ? -7.107  13.895  -8.966  1.00 30.45 ? 306 LYS A NZ  1 
ATOM   1431 N N   . THR A 1 180 ? -2.865  15.060  -4.645  1.00 20.38 ? 307 THR A N   1 
ATOM   1432 C CA  . THR A 1 180 ? -2.210  16.131  -3.901  1.00 20.41 ? 307 THR A CA  1 
ATOM   1433 C C   . THR A 1 180 ? -1.064  15.667  -3.002  1.00 20.81 ? 307 THR A C   1 
ATOM   1434 O O   . THR A 1 180 ? -0.254  16.482  -2.560  1.00 21.57 ? 307 THR A O   1 
ATOM   1435 C CB  . THR A 1 180 ? -3.218  16.911  -3.027  1.00 19.22 ? 307 THR A CB  1 
ATOM   1436 O OG1 . THR A 1 180 ? -3.702  16.066  -1.977  1.00 21.75 ? 307 THR A OG1 1 
ATOM   1437 C CG2 . THR A 1 180 ? -4.396  17.398  -3.871  1.00 20.00 ? 307 THR A CG2 1 
ATOM   1438 N N   . ILE A 1 181 ? -0.988  14.366  -2.725  1.00 19.05 ? 308 ILE A N   1 
ATOM   1439 C CA  . ILE A 1 181 ? 0.081   13.853  -1.870  1.00 19.28 ? 308 ILE A CA  1 
ATOM   1440 C C   . ILE A 1 181 ? 1.116   13.029  -2.627  1.00 18.97 ? 308 ILE A C   1 
ATOM   1441 O O   . ILE A 1 181 ? 1.996   12.424  -2.016  1.00 19.77 ? 308 ILE A O   1 
ATOM   1442 C CB  . ILE A 1 181 ? -0.467  12.967  -0.728  1.00 18.78 ? 308 ILE A CB  1 
ATOM   1443 C CG1 . ILE A 1 181 ? -1.163  11.734  -1.307  1.00 20.34 ? 308 ILE A CG1 1 
ATOM   1444 C CG2 . ILE A 1 181 ? -1.416  13.771  0.145   1.00 21.16 ? 308 ILE A CG2 1 
ATOM   1445 C CD1 . ILE A 1 181 ? -1.535  10.695  -0.267  1.00 20.51 ? 308 ILE A CD1 1 
ATOM   1446 N N   . GLN A 1 182 ? 1.022   13.011  -3.953  1.00 18.36 ? 309 GLN A N   1 
ATOM   1447 C CA  . GLN A 1 182 ? 1.957   12.236  -4.761  1.00 18.63 ? 309 GLN A CA  1 
ATOM   1448 C C   . GLN A 1 182 ? 3.412   12.657  -4.574  1.00 19.99 ? 309 GLN A C   1 
ATOM   1449 O O   . GLN A 1 182 ? 4.292   11.810  -4.416  1.00 18.19 ? 309 GLN A O   1 
ATOM   1450 C CB  . GLN A 1 182 ? 1.546   12.309  -6.236  1.00 18.93 ? 309 GLN A CB  1 
ATOM   1451 C CG  . GLN A 1 182 ? 0.277   11.507  -6.516  1.00 19.61 ? 309 GLN A CG  1 
ATOM   1452 C CD  . GLN A 1 182 ? -0.289  11.711  -7.907  1.00 20.06 ? 309 GLN A CD  1 
ATOM   1453 O OE1 . GLN A 1 182 ? -1.244  11.040  -8.298  1.00 20.56 ? 309 GLN A OE1 1 
ATOM   1454 N NE2 . GLN A 1 182 ? 0.289   12.644  -8.658  1.00 20.48 ? 309 GLN A NE2 1 
ATOM   1455 N N   . ASN A 1 183 ? 3.667   13.962  -4.574  1.00 20.48 ? 310 ASN A N   1 
ATOM   1456 C CA  . ASN A 1 183 ? 5.027   14.460  -4.396  1.00 21.32 ? 310 ASN A CA  1 
ATOM   1457 C C   . ASN A 1 183 ? 5.545   14.142  -2.995  1.00 20.32 ? 310 ASN A C   1 
ATOM   1458 O O   . ASN A 1 183 ? 6.692   13.723  -2.831  1.00 20.22 ? 310 ASN A O   1 
ATOM   1459 C CB  . ASN A 1 183 ? 5.073   15.972  -4.628  1.00 22.71 ? 310 ASN A CB  1 
ATOM   1460 C CG  . ASN A 1 183 ? 6.470   16.542  -4.474  1.00 25.58 ? 310 ASN A CG  1 
ATOM   1461 O OD1 . ASN A 1 183 ? 7.385   16.182  -5.214  1.00 26.66 ? 310 ASN A OD1 1 
ATOM   1462 N ND2 . ASN A 1 183 ? 6.641   17.434  -3.505  1.00 27.57 ? 310 ASN A ND2 1 
ATOM   1463 N N   . GLN A 1 184 ? 4.696   14.341  -1.991  1.00 20.09 ? 311 GLN A N   1 
ATOM   1464 C CA  . GLN A 1 184 ? 5.069   14.080  -0.604  1.00 21.06 ? 311 GLN A CA  1 
ATOM   1465 C C   . GLN A 1 184 ? 5.416   12.610  -0.377  1.00 20.71 ? 311 GLN A C   1 
ATOM   1466 O O   . GLN A 1 184 ? 6.393   12.292  0.303   1.00 20.51 ? 311 GLN A O   1 
ATOM   1467 C CB  . GLN A 1 184 ? 3.928   14.486  0.335   1.00 23.51 ? 311 GLN A CB  1 
ATOM   1468 C CG  . GLN A 1 184 ? 3.581   15.965  0.293   0.00 26.10 ? 311 GLN A CG  1 
ATOM   1469 C CD  . GLN A 1 184 ? 2.417   16.315  1.199   0.00 27.64 ? 311 GLN A CD  1 
ATOM   1470 O OE1 . GLN A 1 184 ? 2.473   16.105  2.410   0.00 28.67 ? 311 GLN A OE1 1 
ATOM   1471 N NE2 . GLN A 1 184 ? 1.353   16.853  0.613   0.00 28.76 ? 311 GLN A NE2 1 
ATOM   1472 N N   . LEU A 1 185 ? 4.613   11.717  -0.947  1.00 19.16 ? 312 LEU A N   1 
ATOM   1473 C CA  . LEU A 1 185 ? 4.840   10.282  -0.800  1.00 19.61 ? 312 LEU A CA  1 
ATOM   1474 C C   . LEU A 1 185 ? 6.150   9.867   -1.461  1.00 20.58 ? 312 LEU A C   1 
ATOM   1475 O O   . LEU A 1 185 ? 6.895   9.042   -0.926  1.00 19.43 ? 312 LEU A O   1 
ATOM   1476 C CB  . LEU A 1 185 ? 3.679   9.498   -1.421  1.00 18.36 ? 312 LEU A CB  1 
ATOM   1477 C CG  . LEU A 1 185 ? 3.763   7.969   -1.332  1.00 17.25 ? 312 LEU A CG  1 
ATOM   1478 C CD1 . LEU A 1 185 ? 3.837   7.541   0.126   1.00 17.50 ? 312 LEU A CD1 1 
ATOM   1479 C CD2 . LEU A 1 185 ? 2.549   7.352   -2.002  1.00 17.72 ? 312 LEU A CD2 1 
ATOM   1480 N N   . ARG A 1 186 ? 6.426   10.439  -2.628  1.00 21.65 ? 313 ARG A N   1 
ATOM   1481 C CA  . ARG A 1 186 ? 7.648   10.130  -3.359  1.00 23.12 ? 313 ARG A CA  1 
ATOM   1482 C C   . ARG A 1 186 ? 8.873   10.590  -2.579  1.00 24.39 ? 313 ARG A C   1 
ATOM   1483 O O   . ARG A 1 186 ? 9.860   9.860   -2.469  1.00 23.10 ? 313 ARG A O   1 
ATOM   1484 C CB  . ARG A 1 186 ? 7.629   10.807  -4.733  1.00 24.56 ? 313 ARG A CB  1 
ATOM   1485 C CG  . ARG A 1 186 ? 8.891   10.594  -5.556  1.00 26.67 ? 313 ARG A CG  1 
ATOM   1486 C CD  . ARG A 1 186 ? 8.777   11.278  -6.909  1.00 28.92 ? 313 ARG A CD  1 
ATOM   1487 N NE  . ARG A 1 186 ? 8.503   12.707  -6.771  1.00 31.92 ? 313 ARG A NE  1 
ATOM   1488 C CZ  . ARG A 1 186 ? 8.247   13.522  -7.790  1.00 33.55 ? 313 ARG A CZ  1 
ATOM   1489 N NH1 . ARG A 1 186 ? 8.229   13.053  -9.031  1.00 34.69 ? 313 ARG A NH1 1 
ATOM   1490 N NH2 . ARG A 1 186 ? 8.002   14.807  -7.567  1.00 34.94 ? 313 ARG A NH2 1 
ATOM   1491 N N   . GLU A 1 187 ? 8.807   11.799  -2.034  1.00 26.25 ? 314 GLU A N   1 
ATOM   1492 C CA  . GLU A 1 187 ? 9.922   12.346  -1.272  1.00 28.47 ? 314 GLU A CA  1 
ATOM   1493 C C   . GLU A 1 187 ? 10.261  11.485  -0.061  1.00 27.95 ? 314 GLU A C   1 
ATOM   1494 O O   . GLU A 1 187 ? 11.432  11.217  0.208   1.00 27.72 ? 314 GLU A O   1 
ATOM   1495 C CB  . GLU A 1 187 ? 9.607   13.773  -0.813  1.00 31.66 ? 314 GLU A CB  1 
ATOM   1496 C CG  . GLU A 1 187 ? 9.266   14.725  -1.947  1.00 36.80 ? 314 GLU A CG  1 
ATOM   1497 C CD  . GLU A 1 187 ? 10.234  14.613  -3.108  1.00 39.20 ? 314 GLU A CD  1 
ATOM   1498 O OE1 . GLU A 1 187 ? 11.445  14.846  -2.902  1.00 41.75 ? 314 GLU A OE1 1 
ATOM   1499 O OE2 . GLU A 1 187 ? 9.782   14.289  -4.228  1.00 41.61 ? 314 GLU A OE2 1 
ATOM   1500 N N   . LYS A 1 188 ? 9.237   11.050  0.666   1.00 26.89 ? 315 LYS A N   1 
ATOM   1501 C CA  . LYS A 1 188 ? 9.454   10.227  1.848   1.00 26.61 ? 315 LYS A CA  1 
ATOM   1502 C C   . LYS A 1 188 ? 10.053  8.868   1.504   1.00 26.40 ? 315 LYS A C   1 
ATOM   1503 O O   . LYS A 1 188 ? 10.992  8.415   2.158   1.00 25.99 ? 315 LYS A O   1 
ATOM   1504 C CB  . LYS A 1 188 ? 8.144   10.047  2.619   1.00 28.22 ? 315 LYS A CB  1 
ATOM   1505 C CG  . LYS A 1 188 ? 7.625   11.339  3.225   1.00 30.69 ? 315 LYS A CG  1 
ATOM   1506 C CD  . LYS A 1 188 ? 6.481   11.093  4.191   1.00 33.56 ? 315 LYS A CD  1 
ATOM   1507 C CE  . LYS A 1 188 ? 6.013   12.394  4.825   1.00 35.92 ? 315 LYS A CE  1 
ATOM   1508 N NZ  . LYS A 1 188 ? 7.113   13.091  5.547   1.00 37.58 ? 315 LYS A NZ  1 
ATOM   1509 N N   . ILE A 1 189 ? 9.516   8.217   0.481   1.00 24.88 ? 316 ILE A N   1 
ATOM   1510 C CA  . ILE A 1 189 ? 10.033  6.916   0.078   1.00 23.94 ? 316 ILE A CA  1 
ATOM   1511 C C   . ILE A 1 189 ? 11.460  7.056   -0.449  1.00 24.06 ? 316 ILE A C   1 
ATOM   1512 O O   . ILE A 1 189 ? 12.303  6.186   -0.223  1.00 24.01 ? 316 ILE A O   1 
ATOM   1513 C CB  . ILE A 1 189 ? 9.126   6.270   -0.997  1.00 22.57 ? 316 ILE A CB  1 
ATOM   1514 C CG1 . ILE A 1 189 ? 7.802   5.850   -0.350  1.00 21.02 ? 316 ILE A CG1 1 
ATOM   1515 C CG2 . ILE A 1 189 ? 9.820   5.073   -1.630  1.00 23.63 ? 316 ILE A CG2 1 
ATOM   1516 C CD1 . ILE A 1 189 ? 6.782   5.286   -1.319  1.00 19.73 ? 316 ILE A CD1 1 
ATOM   1517 N N   . PHE A 1 190 ? 11.731  8.159   -1.139  1.00 24.42 ? 317 PHE A N   1 
ATOM   1518 C CA  . PHE A 1 190 ? 13.061  8.413   -1.688  1.00 24.63 ? 317 PHE A CA  1 
ATOM   1519 C C   . PHE A 1 190 ? 14.076  8.752   -0.595  1.00 23.91 ? 317 PHE A C   1 
ATOM   1520 O O   . PHE A 1 190 ? 15.281  8.732   -0.835  1.00 25.24 ? 317 PHE A O   1 
ATOM   1521 C CB  . PHE A 1 190 ? 13.003  9.558   -2.704  1.00 27.07 ? 317 PHE A CB  1 
ATOM   1522 C CG  . PHE A 1 190 ? 12.669  9.117   -4.104  1.00 29.26 ? 317 PHE A CG  1 
ATOM   1523 C CD1 . PHE A 1 190 ? 11.788  8.066   -4.329  1.00 30.56 ? 317 PHE A CD1 1 
ATOM   1524 C CD2 . PHE A 1 190 ? 13.220  9.773   -5.200  0.00 30.50 ? 317 PHE A CD2 1 
ATOM   1525 C CE1 . PHE A 1 190 ? 11.458  7.676   -5.625  1.00 31.45 ? 317 PHE A CE1 1 
ATOM   1526 C CE2 . PHE A 1 190 ? 12.895  9.390   -6.499  1.00 32.63 ? 317 PHE A CE2 1 
ATOM   1527 C CZ  . PHE A 1 190 ? 12.012  8.340   -6.711  1.00 31.96 ? 317 PHE A CZ  1 
ATOM   1528 N N   . ALA A 1 191 ? 13.584  9.058   0.600   1.00 22.87 ? 318 ALA A N   1 
ATOM   1529 C CA  . ALA A 1 191 ? 14.458  9.396   1.718   1.00 21.55 ? 318 ALA A CA  1 
ATOM   1530 C C   . ALA A 1 191 ? 14.885  8.151   2.497   1.00 20.39 ? 318 ALA A C   1 
ATOM   1531 O O   . ALA A 1 191 ? 15.729  8.230   3.388   1.00 18.84 ? 318 ALA A O   1 
ATOM   1532 C CB  . ALA A 1 191 ? 13.759  10.380  2.647   1.00 22.71 ? 318 ALA A CB  1 
ATOM   1533 N N   . ILE A 1 192 ? 14.297  7.004   2.163   1.00 19.11 ? 319 ILE A N   1 
ATOM   1534 C CA  . ILE A 1 192 ? 14.639  5.755   2.837   1.00 17.90 ? 319 ILE A CA  1 
ATOM   1535 C C   . ILE A 1 192 ? 16.108  5.416   2.590   1.00 17.94 ? 319 ILE A C   1 
ATOM   1536 O O   . ILE A 1 192 ? 16.549  5.304   1.445   1.00 18.66 ? 319 ILE A O   1 
ATOM   1537 C CB  . ILE A 1 192 ? 13.740  4.595   2.345   1.00 17.82 ? 319 ILE A CB  1 
ATOM   1538 C CG1 . ILE A 1 192 ? 12.300  4.835   2.812   1.00 17.08 ? 319 ILE A CG1 1 
ATOM   1539 C CG2 . ILE A 1 192 ? 14.258  3.261   2.875   1.00 16.84 ? 319 ILE A CG2 1 
ATOM   1540 C CD1 . ILE A 1 192 ? 11.301  3.804   2.316   1.00 17.55 ? 319 ILE A CD1 1 
ATOM   1541 N N   . GLY A 1 193 ? 16.863  5.264   3.674   1.00 17.94 ? 320 GLY A N   1 
ATOM   1542 C CA  . GLY A 1 193 ? 18.279  4.961   3.552   1.00 18.38 ? 320 GLY A CA  1 
ATOM   1543 C C   . GLY A 1 193 ? 19.079  6.186   3.140   1.00 18.50 ? 320 GLY A C   1 
ATOM   1544 O O   . GLY A 1 193 ? 20.278  6.098   2.883   1.00 17.31 ? 320 GLY A O   1 
ATOM   1545 N N   . SER A 1 194 ? 18.414  7.335   3.078   1.00 18.87 ? 321 SER A N   1 
ATOM   1546 C CA  . SER A 1 194 ? 19.066  8.581   2.683   1.00 19.52 ? 321 SER A CA  1 
ATOM   1547 C C   . SER A 1 194 ? 18.363  9.766   3.341   1.00 19.24 ? 321 SER A C   1 
ATOM   1548 O O   . SER A 1 194 ? 17.842  10.648  2.656   1.00 18.28 ? 321 SER A O   1 
ATOM   1549 C CB  . SER A 1 194 ? 19.016  8.729   1.158   1.00 20.75 ? 321 SER A CB  1 
ATOM   1550 O OG  . SER A 1 194 ? 19.615  9.940   0.738   1.00 22.68 ? 321 SER A OG  1 
ATOM   1551 N N   . PRO A 1 195 ? 18.348  9.804   4.682   1.00 19.07 ? 322 PRO A N   1 
ATOM   1552 C CA  . PRO A 1 195 ? 17.690  10.901  5.398   1.00 20.12 ? 322 PRO A CA  1 
ATOM   1553 C C   . PRO A 1 195 ? 18.260  12.277  5.068   1.00 21.62 ? 322 PRO A C   1 
ATOM   1554 O O   . PRO A 1 195 ? 19.475  12.484  5.082   1.00 22.41 ? 322 PRO A O   1 
ATOM   1555 C CB  . PRO A 1 195 ? 17.875  10.517  6.865   1.00 20.02 ? 322 PRO A CB  1 
ATOM   1556 C CG  . PRO A 1 195 ? 19.169  9.758   6.854   1.00 20.76 ? 322 PRO A CG  1 
ATOM   1557 C CD  . PRO A 1 195 ? 19.030  8.895   5.621   1.00 19.04 ? 322 PRO A CD  1 
ATOM   1558 N N   . GLY A 1 196 ? 17.365  13.211  4.760   1.00 22.91 ? 323 GLY A N   1 
ATOM   1559 C CA  . GLY A 1 196 ? 17.779  14.562  4.433   1.00 25.66 ? 323 GLY A CA  1 
ATOM   1560 C C   . GLY A 1 196 ? 18.437  14.684  3.072   1.00 28.17 ? 323 GLY A C   1 
ATOM   1561 O O   . GLY A 1 196 ? 18.512  15.780  2.514   1.00 25.99 ? 323 GLY A O   1 
ATOM   1562 N N   . ILE A 1 197 ? 18.910  13.555  2.545   1.00 29.06 ? 324 ILE A N   1 
ATOM   1563 C CA  . ILE A 1 197 ? 19.585  13.497  1.251   1.00 32.06 ? 324 ILE A CA  1 
ATOM   1564 C C   . ILE A 1 197 ? 20.649  14.577  1.112   1.00 33.68 ? 324 ILE A C   1 
ATOM   1565 O O   . ILE A 1 197 ? 21.810  14.372  1.483   1.00 34.10 ? 324 ILE A O   1 
ATOM   1566 C CB  . ILE A 1 197 ? 18.577  13.616  0.087   1.00 34.23 ? 324 ILE A CB  1 
ATOM   1567 C CG1 . ILE A 1 197 ? 17.637  12.406  0.090   1.00 34.26 ? 324 ILE A CG1 1 
ATOM   1568 C CG2 . ILE A 1 197 ? 19.318  13.711  -1.241  0.00 33.50 ? 324 ILE A CG2 1 
ATOM   1569 C CD1 . ILE A 1 197 ? 16.488  12.521  -0.888  1.00 37.16 ? 324 ILE A CD1 1 
HETATM 1570 O O   . HOH B 2 .   ? -7.018  5.660   -17.994 1.00 0.80  ? 325 HOH A O   1 
HETATM 1571 O O   . HOH B 2 .   ? 2.278   -9.276  8.901   1.00 10.98 ? 326 HOH A O   1 
HETATM 1572 O O   . HOH B 2 .   ? -8.497  -0.140  7.759   1.00 10.54 ? 327 HOH A O   1 
HETATM 1573 O O   . HOH B 2 .   ? 0.292   -17.282 12.027  1.00 10.35 ? 328 HOH A O   1 
HETATM 1574 O O   . HOH B 2 .   ? -13.230 0.096   3.565   1.00 11.00 ? 329 HOH A O   1 
HETATM 1575 O O   . HOH B 2 .   ? 1.227   -11.526 10.256  1.00 10.74 ? 330 HOH A O   1 
HETATM 1576 O O   . HOH B 2 .   ? 2.801   -10.407 14.117  1.00 11.91 ? 331 HOH A O   1 
HETATM 1577 O O   . HOH B 2 .   ? -12.080 -6.432  12.691  1.00 12.26 ? 332 HOH A O   1 
HETATM 1578 O O   . HOH B 2 .   ? 5.131   -10.198 -5.114  1.00 11.39 ? 333 HOH A O   1 
HETATM 1579 O O   . HOH B 2 .   ? -19.348 5.747   -9.065  1.00 17.24 ? 334 HOH A O   1 
HETATM 1580 O O   . HOH B 2 .   ? 8.435   -0.374  10.873  1.00 15.65 ? 335 HOH A O   1 
HETATM 1581 O O   . HOH B 2 .   ? 2.855   0.151   13.012  1.00 12.68 ? 336 HOH A O   1 
HETATM 1582 O O   . HOH B 2 .   ? -14.244 -2.568  -10.950 1.00 14.30 ? 337 HOH A O   1 
HETATM 1583 O O   . HOH B 2 .   ? -9.878  3.054   -14.885 1.00 15.74 ? 338 HOH A O   1 
HETATM 1584 O O   . HOH B 2 .   ? -8.223  4.298   -13.309 1.00 14.86 ? 339 HOH A O   1 
HETATM 1585 O O   . HOH B 2 .   ? -13.685 7.373   4.430   1.00 19.25 ? 340 HOH A O   1 
HETATM 1586 O O   . HOH B 2 .   ? -6.292  5.376   -14.895 1.00 13.95 ? 341 HOH A O   1 
HETATM 1587 O O   . HOH B 2 .   ? -10.099 -0.684  -16.977 1.00 13.37 ? 342 HOH A O   1 
HETATM 1588 O O   . HOH B 2 .   ? 12.107  -8.136  -0.551  1.00 16.03 ? 343 HOH A O   1 
HETATM 1589 O O   . HOH B 2 .   ? 13.278  -2.732  4.368   1.00 14.77 ? 344 HOH A O   1 
HETATM 1590 O O   . HOH B 2 .   ? 6.779   -13.928 7.414   1.00 17.56 ? 345 HOH A O   1 
HETATM 1591 O O   . HOH B 2 .   ? -15.653 -0.673  -9.383  1.00 15.78 ? 346 HOH A O   1 
HETATM 1592 O O   . HOH B 2 .   ? -16.050 6.162   -2.242  1.00 17.07 ? 347 HOH A O   1 
HETATM 1593 O O   . HOH B 2 .   ? -20.000 -4.717  -1.044  1.00 17.95 ? 348 HOH A O   1 
HETATM 1594 O O   . HOH B 2 .   ? -9.448  -12.392 6.682   1.00 19.22 ? 349 HOH A O   1 
HETATM 1595 O O   . HOH B 2 .   ? -9.006  -7.836  -11.521 1.00 19.29 ? 350 HOH A O   1 
HETATM 1596 O O   . HOH B 2 .   ? -9.095  10.825  5.673   1.00 21.56 ? 351 HOH A O   1 
HETATM 1597 O O   . HOH B 2 .   ? -6.613  -4.504  16.081  1.00 19.17 ? 352 HOH A O   1 
HETATM 1598 O O   . HOH B 2 .   ? -6.761  11.855  -7.179  1.00 19.06 ? 353 HOH A O   1 
HETATM 1599 O O   . HOH B 2 .   ? 7.744   1.242   13.111  1.00 18.33 ? 354 HOH A O   1 
HETATM 1600 O O   . HOH B 2 .   ? 11.543  -10.374 0.722   1.00 21.52 ? 355 HOH A O   1 
HETATM 1601 O O   . HOH B 2 .   ? -3.903  -2.878  -19.445 1.00 21.59 ? 356 HOH A O   1 
HETATM 1602 O O   . HOH B 2 .   ? 4.326   -11.898 16.583  1.00 20.34 ? 357 HOH A O   1 
HETATM 1603 O O   . HOH B 2 .   ? -3.465  10.576  -9.618  1.00 20.01 ? 358 HOH A O   1 
HETATM 1604 O O   . HOH B 2 .   ? 0.953   -1.046  15.841  1.00 19.40 ? 359 HOH A O   1 
HETATM 1605 O O   . HOH B 2 .   ? 11.173  -15.521 1.087   1.00 21.32 ? 360 HOH A O   1 
HETATM 1606 O O   . HOH B 2 .   ? -11.585 -1.346  13.514  1.00 21.13 ? 361 HOH A O   1 
HETATM 1607 O O   . HOH B 2 .   ? -2.354  -16.772 13.336  1.00 19.25 ? 362 HOH A O   1 
HETATM 1608 O O   . HOH B 2 .   ? -5.998  9.953   -8.839  1.00 18.99 ? 363 HOH A O   1 
HETATM 1609 O O   . HOH B 2 .   ? 2.900   3.053   -16.942 1.00 24.06 ? 364 HOH A O   1 
HETATM 1610 O O   . HOH B 2 .   ? -16.708 -5.043  -9.185  1.00 21.85 ? 365 HOH A O   1 
HETATM 1611 O O   . HOH B 2 .   ? -23.279 -8.441  7.506   1.00 22.14 ? 366 HOH A O   1 
HETATM 1612 O O   . HOH B 2 .   ? -7.125  16.309  1.589   1.00 25.19 ? 367 HOH A O   1 
HETATM 1613 O O   . HOH B 2 .   ? -14.093 8.340   -14.586 1.00 21.73 ? 368 HOH A O   1 
HETATM 1614 O O   . HOH B 2 .   ? 14.948  -1.179  6.041   1.00 20.59 ? 369 HOH A O   1 
HETATM 1615 O O   . HOH B 2 .   ? 5.105   -14.517 -10.119 1.00 26.57 ? 370 HOH A O   1 
HETATM 1616 O O   . HOH B 2 .   ? 2.079   0.752   -18.824 1.00 23.58 ? 371 HOH A O   1 
HETATM 1617 O O   . HOH B 2 .   ? 6.251   -0.451  14.703  1.00 24.53 ? 372 HOH A O   1 
HETATM 1618 O O   . HOH B 2 .   ? -12.513 -0.977  -12.170 1.00 22.18 ? 373 HOH A O   1 
HETATM 1619 O O   . HOH B 2 .   ? 2.625   16.328  -2.493  1.00 26.20 ? 374 HOH A O   1 
HETATM 1620 O O   . HOH B 2 .   ? -10.397 4.242   12.367  1.00 23.41 ? 375 HOH A O   1 
HETATM 1621 O O   . HOH B 2 .   ? -7.653  11.168  -10.682 1.00 23.70 ? 376 HOH A O   1 
HETATM 1622 O O   . HOH B 2 .   ? 13.987  -9.249  12.592  1.00 27.01 ? 377 HOH A O   1 
HETATM 1623 O O   . HOH B 2 .   ? -13.125 10.599  11.334  1.00 26.45 ? 378 HOH A O   1 
HETATM 1624 O O   . HOH B 2 .   ? -14.966 0.974   -11.673 1.00 22.37 ? 379 HOH A O   1 
HETATM 1625 O O   . HOH B 2 .   ? -3.773  -14.332 -1.586  1.00 25.13 ? 380 HOH A O   1 
HETATM 1626 O O   . HOH B 2 .   ? -0.485  -3.364  16.511  1.00 25.50 ? 381 HOH A O   1 
HETATM 1627 O O   . HOH B 2 .   ? 2.893   5.304   12.880  1.00 27.24 ? 382 HOH A O   1 
HETATM 1628 O O   . HOH B 2 .   ? -20.799 -9.282  8.917   1.00 26.09 ? 383 HOH A O   1 
HETATM 1629 O O   . HOH B 2 .   ? 14.328  -7.316  8.946   1.00 30.09 ? 384 HOH A O   1 
HETATM 1630 O O   . HOH B 2 .   ? 20.010  -7.671  4.428   1.00 25.32 ? 385 HOH A O   1 
HETATM 1631 O O   . HOH B 2 .   ? -17.891 0.002   -6.171  1.00 23.83 ? 386 HOH A O   1 
HETATM 1632 O O   . HOH B 2 .   ? 15.831  1.352   -6.856  1.00 31.63 ? 387 HOH A O   1 
HETATM 1633 O O   . HOH B 2 .   ? 18.936  5.180   0.092   1.00 24.77 ? 388 HOH A O   1 
HETATM 1634 O O   . HOH B 2 .   ? 12.414  -5.273  -15.764 1.00 24.31 ? 389 HOH A O   1 
HETATM 1635 O O   . HOH B 2 .   ? 17.548  2.309   -9.244  1.00 30.00 ? 390 HOH A O   1 
HETATM 1636 O O   . HOH B 2 .   ? -13.331 11.832  -4.802  1.00 26.41 ? 391 HOH A O   1 
HETATM 1637 O O   . HOH B 2 .   ? 1.979   -10.948 16.771  1.00 23.76 ? 392 HOH A O   1 
HETATM 1638 O O   . HOH B 2 .   ? 8.700   -8.369  17.499  1.00 24.84 ? 393 HOH A O   1 
HETATM 1639 O O   . HOH B 2 .   ? 2.527   14.621  -8.931  1.00 25.00 ? 394 HOH A O   1 
HETATM 1640 O O   . HOH B 2 .   ? -11.310 -2.576  -15.107 1.00 24.53 ? 395 HOH A O   1 
HETATM 1641 O O   . HOH B 2 .   ? 11.658  -3.111  11.544  1.00 28.31 ? 396 HOH A O   1 
HETATM 1642 O O   . HOH B 2 .   ? -1.589  13.960  5.548   1.00 32.69 ? 397 HOH A O   1 
HETATM 1643 O O   . HOH B 2 .   ? 8.445   -10.963 4.492   1.00 25.66 ? 398 HOH A O   1 
HETATM 1644 O O   . HOH B 2 .   ? -10.044 -8.783  15.099  1.00 27.16 ? 399 HOH A O   1 
HETATM 1645 O O   . HOH B 2 .   ? -6.559  -2.796  -19.260 1.00 26.18 ? 400 HOH A O   1 
HETATM 1646 O O   . HOH B 2 .   ? 7.416   -14.732 3.283   1.00 26.46 ? 401 HOH A O   1 
HETATM 1647 O O   . HOH B 2 .   ? 20.890  9.375   -1.643  1.00 31.38 ? 402 HOH A O   1 
HETATM 1648 O O   . HOH B 2 .   ? 18.150  -5.888  4.229   1.00 21.39 ? 403 HOH A O   1 
HETATM 1649 O O   . HOH B 2 .   ? -14.958 7.049   0.478   1.00 25.11 ? 404 HOH A O   1 
HETATM 1650 O O   . HOH B 2 .   ? 9.036   7.996   5.757   1.00 28.66 ? 405 HOH A O   1 
HETATM 1651 O O   . HOH B 2 .   ? 9.791   10.870  -10.110 1.00 32.98 ? 406 HOH A O   1 
HETATM 1652 O O   . HOH B 2 .   ? 4.455   -10.201 -16.329 1.00 29.73 ? 407 HOH A O   1 
HETATM 1653 O O   . HOH B 2 .   ? -9.948  12.686  -9.948  1.00 24.51 ? 408 HOH A O   1 
HETATM 1654 O O   . HOH B 2 .   ? 1.403   -4.672  17.827  1.00 28.10 ? 409 HOH A O   1 
HETATM 1655 O O   . HOH B 2 .   ? -16.552 10.511  10.035  1.00 36.68 ? 410 HOH A O   1 
HETATM 1656 O O   . HOH B 2 .   ? -4.267  2.627   -15.075 1.00 29.95 ? 411 HOH A O   1 
HETATM 1657 O O   . HOH B 2 .   ? 21.499  -9.818  -2.213  1.00 28.19 ? 412 HOH A O   1 
HETATM 1658 O O   . HOH B 2 .   ? 15.953  1.376   6.660   1.00 27.46 ? 413 HOH A O   1 
HETATM 1659 O O   . HOH B 2 .   ? 17.329  -7.133  -9.196  1.00 28.20 ? 414 HOH A O   1 
HETATM 1660 O O   . HOH B 2 .   ? -0.693  -13.407 16.817  1.00 29.06 ? 415 HOH A O   1 
HETATM 1661 O O   . HOH B 2 .   ? -14.119 10.481  -2.381  1.00 32.51 ? 416 HOH A O   1 
HETATM 1662 O O   . HOH B 2 .   ? 14.142  -5.594  4.986   1.00 29.75 ? 417 HOH A O   1 
HETATM 1663 O O   . HOH B 2 .   ? 1.647   15.946  -5.631  1.00 26.93 ? 418 HOH A O   1 
HETATM 1664 O O   . HOH B 2 .   ? -2.715  -2.930  18.015  1.00 30.58 ? 419 HOH A O   1 
HETATM 1665 O O   . HOH B 2 .   ? 14.075  -6.662  13.535  1.00 29.26 ? 420 HOH A O   1 
HETATM 1666 O O   . HOH B 2 .   ? -4.201  3.817   -17.457 1.00 24.46 ? 421 HOH A O   1 
HETATM 1667 O O   . HOH B 2 .   ? -12.580 10.441  -14.170 1.00 29.31 ? 422 HOH A O   1 
HETATM 1668 O O   . HOH B 2 .   ? 0.862   12.483  9.188   1.00 31.63 ? 423 HOH A O   1 
HETATM 1669 O O   . HOH B 2 .   ? 12.882  -10.749 -8.928  1.00 30.84 ? 424 HOH A O   1 
HETATM 1670 O O   . HOH B 2 .   ? -16.048 -9.556  -2.267  1.00 31.45 ? 425 HOH A O   1 
HETATM 1671 O O   . HOH B 2 .   ? -3.200  -6.941  -14.134 1.00 32.13 ? 426 HOH A O   1 
HETATM 1672 O O   . HOH B 2 .   ? 17.873  -5.753  6.905   1.00 24.85 ? 427 HOH A O   1 
HETATM 1673 O O   . HOH B 2 .   ? 2.156   -8.986  -17.220 1.00 27.87 ? 428 HOH A O   1 
HETATM 1674 O O   . HOH B 2 .   ? 11.609  -5.569  14.811  1.00 31.59 ? 429 HOH A O   1 
HETATM 1675 O O   . HOH B 2 .   ? 3.992   -3.824  17.634  1.00 33.29 ? 430 HOH A O   1 
HETATM 1676 O O   . HOH B 2 .   ? -4.033  -18.663 12.360  1.00 28.18 ? 431 HOH A O   1 
HETATM 1677 O O   . HOH B 2 .   ? 0.232   11.595  11.764  1.00 34.19 ? 432 HOH A O   1 
HETATM 1678 O O   . HOH B 2 .   ? -0.155  10.812  -14.299 1.00 26.15 ? 433 HOH A O   1 
HETATM 1679 O O   . HOH B 2 .   ? 14.925  8.224   6.055   1.00 28.91 ? 434 HOH A O   1 
HETATM 1680 O O   . HOH B 2 .   ? -16.778 10.531  -4.771  1.00 30.64 ? 435 HOH A O   1 
HETATM 1681 O O   . HOH B 2 .   ? 17.759  16.697  -0.027  1.00 33.41 ? 436 HOH A O   1 
HETATM 1682 O O   . HOH B 2 .   ? 6.390   -4.390  16.476  1.00 30.83 ? 437 HOH A O   1 
HETATM 1683 O O   . HOH B 2 .   ? -2.491  4.160   17.498  1.00 34.17 ? 438 HOH A O   1 
HETATM 1684 O O   . HOH B 2 .   ? 12.980  -12.581 -0.774  1.00 35.26 ? 439 HOH A O   1 
HETATM 1685 O O   . HOH B 2 .   ? -5.808  1.017   16.137  1.00 33.38 ? 440 HOH A O   1 
HETATM 1686 O O   . HOH B 2 .   ? -1.849  -6.086  -17.874 1.00 33.47 ? 441 HOH A O   1 
HETATM 1687 O O   . HOH B 2 .   ? 4.485   9.708   -6.461  1.00 30.91 ? 442 HOH A O   1 
HETATM 1688 O O   . HOH B 2 .   ? -1.274  -8.811  -13.963 1.00 36.63 ? 443 HOH A O   1 
HETATM 1689 O O   . HOH B 2 .   ? -16.318 -10.259 6.926   1.00 21.84 ? 444 HOH A O   1 
HETATM 1690 O O   . HOH B 2 .   ? 12.173  3.678   -6.352  1.00 25.17 ? 445 HOH A O   1 
HETATM 1691 O O   . HOH B 2 .   ? -8.822  4.265   15.570  1.00 27.56 ? 446 HOH A O   1 
HETATM 1692 O O   . HOH B 2 .   ? -20.451 -0.666  -6.035  1.00 31.71 ? 447 HOH A O   1 
HETATM 1693 O O   . HOH B 2 .   ? -25.153 -10.216 6.423   1.00 30.17 ? 448 HOH A O   1 
HETATM 1694 O O   . HOH B 2 .   ? -14.203 12.333  -15.183 1.00 33.66 ? 449 HOH A O   1 
HETATM 1695 O O   . HOH B 2 .   ? 10.698  0.568   -11.586 1.00 30.20 ? 450 HOH A O   1 
HETATM 1696 O O   . HOH B 2 .   ? -2.084  10.416  12.164  1.00 36.92 ? 451 HOH A O   1 
HETATM 1697 O O   . HOH B 2 .   ? 2.474   5.345   15.576  1.00 31.10 ? 452 HOH A O   1 
HETATM 1698 O O   . HOH B 2 .   ? 3.592   11.804  -13.194 1.00 36.15 ? 453 HOH A O   1 
HETATM 1699 O O   . HOH B 2 .   ? -1.635  -14.651 14.759  1.00 42.23 ? 454 HOH A O   1 
HETATM 1700 O O   . HOH B 2 .   ? -9.038  -6.034  16.049  1.00 32.49 ? 455 HOH A O   1 
HETATM 1701 O O   . HOH B 2 .   ? -13.294 13.648  4.087   1.00 33.64 ? 456 HOH A O   1 
HETATM 1702 O O   . HOH B 2 .   ? -16.346 -4.881  -11.910 1.00 35.60 ? 457 HOH A O   1 
HETATM 1703 O O   . HOH B 2 .   ? 9.504   -5.855  16.703  1.00 36.10 ? 458 HOH A O   1 
HETATM 1704 O O   . HOH B 2 .   ? 5.659   -15.090 -12.802 1.00 33.93 ? 459 HOH A O   1 
HETATM 1705 O O   . HOH B 2 .   ? -6.407  -10.413 18.053  1.00 36.27 ? 460 HOH A O   1 
HETATM 1706 O O   . HOH B 2 .   ? -10.397 -12.567 -6.362  1.00 38.89 ? 461 HOH A O   1 
HETATM 1707 O O   . HOH B 2 .   ? 0.334   -5.583  -19.915 1.00 34.44 ? 462 HOH A O   1 
HETATM 1708 O O   . HOH B 2 .   ? 3.936   0.524   15.527  1.00 33.00 ? 463 HOH A O   1 
HETATM 1709 O O   . HOH B 2 .   ? -19.246 0.404   -3.925  1.00 36.43 ? 464 HOH A O   1 
HETATM 1710 O O   . HOH B 2 .   ? -20.007 -9.222  1.581   1.00 37.40 ? 465 HOH A O   1 
HETATM 1711 O O   . HOH B 2 .   ? 17.035  -12.710 -3.975  1.00 30.60 ? 466 HOH A O   1 
HETATM 1712 O O   . HOH B 2 .   ? 15.731  -7.110  3.003   1.00 33.40 ? 467 HOH A O   1 
HETATM 1713 O O   . HOH B 2 .   ? 14.589  -12.796 -5.774  1.00 37.81 ? 468 HOH A O   1 
HETATM 1714 O O   . HOH B 2 .   ? -10.082 13.819  17.651  1.00 35.77 ? 469 HOH A O   1 
HETATM 1715 O O   . HOH B 2 .   ? 17.262  4.291   -12.790 1.00 36.76 ? 470 HOH A O   1 
HETATM 1716 O O   . HOH B 2 .   ? -12.770 4.524   13.623  1.00 38.62 ? 471 HOH A O   1 
HETATM 1717 O O   . HOH B 2 .   ? 15.286  -5.215  7.400   1.00 31.73 ? 472 HOH A O   1 
HETATM 1718 O O   . HOH B 2 .   ? 15.978  -4.304  3.693   1.00 39.97 ? 473 HOH A O   1 
HETATM 1719 O O   . HOH B 2 .   ? 6.733   0.844   -22.235 1.00 40.72 ? 474 HOH A O   1 
HETATM 1720 O O   . HOH B 2 .   ? 13.551  -2.846  -11.871 1.00 33.26 ? 475 HOH A O   1 
HETATM 1721 O O   . HOH B 2 .   ? 7.998   0.003   17.390  1.00 31.99 ? 476 HOH A O   1 
HETATM 1722 O O   . HOH B 2 .   ? 14.927  -5.928  -12.177 1.00 37.91 ? 477 HOH A O   1 
HETATM 1723 O O   . HOH B 2 .   ? -18.072 -9.683  9.039   1.00 31.88 ? 478 HOH A O   1 
HETATM 1724 O O   . HOH B 2 .   ? 11.505  0.033   -14.112 1.00 31.82 ? 479 HOH A O   1 
HETATM 1725 O O   . HOH B 2 .   ? 10.514  -15.478 7.654   1.00 38.23 ? 480 HOH A O   1 
HETATM 1726 O O   . HOH B 2 .   ? -19.242 5.838   -11.941 1.00 39.74 ? 481 HOH A O   1 
HETATM 1727 O O   . HOH B 2 .   ? 9.789   -2.172  9.427   1.00 36.26 ? 482 HOH A O   1 
HETATM 1728 O O   . HOH B 2 .   ? 4.353   -12.878 -16.395 1.00 41.73 ? 483 HOH A O   1 
HETATM 1729 O O   . HOH B 2 .   ? -12.006 -13.603 4.649   1.00 35.54 ? 484 HOH A O   1 
HETATM 1730 O O   . HOH B 2 .   ? -10.582 1.078   14.114  1.00 36.72 ? 485 HOH A O   1 
HETATM 1731 O O   . HOH B 2 .   ? 13.129  -4.460  -18.297 1.00 36.72 ? 486 HOH A O   1 
HETATM 1732 O O   . HOH B 2 .   ? -10.539 -14.100 15.490  1.00 35.52 ? 487 HOH A O   1 
HETATM 1733 O O   . HOH B 2 .   ? 11.431  9.232   4.641   1.00 36.32 ? 488 HOH A O   1 
HETATM 1734 O O   . HOH B 2 .   ? -19.308 2.858   -13.003 1.00 33.79 ? 489 HOH A O   1 
HETATM 1735 O O   . HOH B 2 .   ? 14.196  -7.773  1.012   1.00 32.52 ? 490 HOH A O   1 
HETATM 1736 O O   . HOH B 2 .   ? 6.242   -13.612 -14.824 1.00 46.65 ? 491 HOH A O   1 
HETATM 1737 O O   . HOH B 2 .   ? -21.472 -2.976  -2.479  1.00 43.03 ? 492 HOH A O   1 
HETATM 1738 O O   . HOH B 2 .   ? -1.190  -13.633 -12.386 1.00 44.09 ? 493 HOH A O   1 
HETATM 1739 O O   . HOH B 2 .   ? 14.478  13.095  4.101   1.00 38.25 ? 494 HOH A O   1 
HETATM 1740 O O   . HOH B 2 .   ? -0.886  -12.146 -10.115 1.00 38.49 ? 495 HOH A O   1 
HETATM 1741 O O   . HOH B 2 .   ? 14.615  -3.111  8.888   1.00 38.11 ? 496 HOH A O   1 
HETATM 1742 O O   . HOH B 2 .   ? 0.258   0.779   17.676  1.00 40.50 ? 497 HOH A O   1 
HETATM 1743 O O   . HOH B 2 .   ? 12.671  -1.462  8.228   1.00 37.37 ? 498 HOH A O   1 
HETATM 1744 O O   . HOH B 2 .   ? 15.494  4.774   -1.056  1.00 36.75 ? 499 HOH A O   1 
HETATM 1745 O O   . HOH B 2 .   ? -9.367  -15.087 6.690   1.00 37.11 ? 500 HOH A O   1 
HETATM 1746 O O   . HOH B 2 .   ? -5.297  -1.668  17.228  1.00 43.40 ? 501 HOH A O   1 
HETATM 1747 O O   . HOH B 2 .   ? 11.415  -7.570  -18.522 1.00 40.45 ? 502 HOH A O   1 
# 
loop_
_pdbx_poly_seq_scheme.asym_id 
_pdbx_poly_seq_scheme.entity_id 
_pdbx_poly_seq_scheme.seq_id 
_pdbx_poly_seq_scheme.mon_id 
_pdbx_poly_seq_scheme.ndb_seq_num 
_pdbx_poly_seq_scheme.pdb_seq_num 
_pdbx_poly_seq_scheme.auth_seq_num 
_pdbx_poly_seq_scheme.pdb_mon_id 
_pdbx_poly_seq_scheme.auth_mon_id 
_pdbx_poly_seq_scheme.pdb_strand_id 
_pdbx_poly_seq_scheme.pdb_ins_code 
_pdbx_poly_seq_scheme.hetero 
A 1 1   CYS 1   128 ?   ?   ?   A . n 
A 1 2   PRO 2   129 ?   ?   ?   A . n 
A 1 3   GLN 3   130 130 GLN GLN A . n 
A 1 4   GLU 4   131 131 GLU GLU A . n 
A 1 5   ASP 5   132 132 ASP ASP A . n 
A 1 6   SER 6   133 133 SER SER A . n 
A 1 7   ASP 7   134 134 ASP ASP A . n 
A 1 8   ILE 8   135 135 ILE ILE A . n 
A 1 9   ALA 9   136 136 ALA ALA A . n 
A 1 10  PHE 10  137 137 PHE PHE A . n 
A 1 11  LEU 11  138 138 LEU LEU A . n 
A 1 12  ILE 12  139 139 ILE ILE A . n 
A 1 13  ASP 13  140 140 ASP ASP A . n 
A 1 14  GLY 14  141 141 GLY GLY A . n 
A 1 15  SER 15  142 142 SER SER A . n 
A 1 16  GLY 16  143 143 GLY GLY A . n 
A 1 17  SER 17  144 144 SER SER A . n 
A 1 18  ILE 18  145 145 ILE ILE A . n 
A 1 19  ILE 19  146 146 ILE ILE A . n 
A 1 20  PRO 20  147 147 PRO PRO A . n 
A 1 21  HIS 21  148 148 HIS HIS A . n 
A 1 22  ASP 22  149 149 ASP ASP A . n 
A 1 23  PHE 23  150 150 PHE PHE A . n 
A 1 24  ARG 24  151 151 ARG ARG A . n 
A 1 25  ARG 25  152 152 ARG ARG A . n 
A 1 26  MET 26  153 153 MET MET A . n 
A 1 27  LYS 27  154 154 LYS LYS A . n 
A 1 28  GLU 28  155 155 GLU GLU A . n 
A 1 29  PHE 29  156 156 PHE PHE A . n 
A 1 30  VAL 30  157 157 VAL VAL A . n 
A 1 31  SER 31  158 158 SER SER A . n 
A 1 32  THR 32  159 159 THR THR A . n 
A 1 33  VAL 33  160 160 VAL VAL A . n 
A 1 34  MET 34  161 161 MET MET A . n 
A 1 35  GLU 35  162 162 GLU GLU A . n 
A 1 36  GLN 36  163 163 GLN GLN A . n 
A 1 37  LEU 37  164 164 LEU LEU A . n 
A 1 38  LYS 38  165 165 LYS LYS A . n 
A 1 39  LYS 39  166 166 LYS LYS A . n 
A 1 40  SER 40  167 167 SER SER A . n 
A 1 41  LYS 41  168 168 LYS LYS A . n 
A 1 42  THR 42  169 169 THR THR A . n 
A 1 43  LEU 43  170 170 LEU LEU A . n 
A 1 44  PHE 44  171 171 PHE PHE A . n 
A 1 45  SER 45  172 172 SER SER A . n 
A 1 46  LEU 46  173 173 LEU LEU A . n 
A 1 47  MET 47  174 174 MET MET A . n 
A 1 48  GLN 48  175 175 GLN GLN A . n 
A 1 49  TYR 49  176 176 TYR TYR A . n 
A 1 50  SER 50  177 177 SER SER A . n 
A 1 51  GLU 51  178 178 GLU GLU A . n 
A 1 52  GLU 52  179 179 GLU GLU A . n 
A 1 53  PHE 53  180 180 PHE PHE A . n 
A 1 54  ARG 54  181 181 ARG ARG A . n 
A 1 55  ILE 55  182 182 ILE ILE A . n 
A 1 56  HIS 56  183 183 HIS HIS A . n 
A 1 57  PHE 57  184 184 PHE PHE A . n 
A 1 58  THR 58  185 185 THR THR A . n 
A 1 59  PHE 59  186 186 PHE PHE A . n 
A 1 60  LYS 60  187 187 LYS LYS A . n 
A 1 61  GLU 61  188 188 GLU GLU A . n 
A 1 62  PHE 62  189 189 PHE PHE A . n 
A 1 63  GLN 63  190 190 GLN GLN A . n 
A 1 64  ASN 64  191 191 ASN ASN A . n 
A 1 65  ASN 65  192 192 ASN ASN A . n 
A 1 66  PRO 66  193 193 PRO PRO A . n 
A 1 67  ASN 67  194 194 ASN ASN A . n 
A 1 68  PRO 68  195 195 PRO PRO A . n 
A 1 69  ARG 69  196 196 ARG ARG A . n 
A 1 70  SER 70  197 197 SER SER A . n 
A 1 71  LEU 71  198 198 LEU LEU A . n 
A 1 72  VAL 72  199 199 VAL VAL A . n 
A 1 73  LYS 73  200 200 LYS LYS A . n 
A 1 74  PRO 74  201 201 PRO PRO A . n 
A 1 75  ILE 75  202 202 ILE ILE A . n 
A 1 76  THR 76  203 203 THR THR A . n 
A 1 77  GLN 77  204 204 GLN GLN A . n 
A 1 78  LEU 78  205 205 LEU LEU A . n 
A 1 79  LEU 79  206 206 LEU LEU A . n 
A 1 80  GLY 80  207 207 GLY GLY A . n 
A 1 81  ARG 81  208 208 ARG ARG A . n 
A 1 82  THR 82  209 209 THR THR A . n 
A 1 83  HIS 83  210 210 HIS HIS A . n 
A 1 84  THR 84  211 211 THR THR A . n 
A 1 85  ALA 85  212 212 ALA ALA A . n 
A 1 86  THR 86  213 213 THR THR A . n 
A 1 87  GLY 87  214 214 GLY GLY A . n 
A 1 88  ILE 88  215 215 ILE ILE A . n 
A 1 89  ARG 89  216 216 ARG ARG A . n 
A 1 90  LYS 90  217 217 LYS LYS A . n 
A 1 91  VAL 91  218 218 VAL VAL A . n 
A 1 92  VAL 92  219 219 VAL VAL A . n 
A 1 93  ARG 93  220 220 ARG ARG A . n 
A 1 94  GLU 94  221 221 GLU GLU A . n 
A 1 95  LEU 95  222 222 LEU LEU A . n 
A 1 96  PHE 96  223 223 PHE PHE A . n 
A 1 97  ASN 97  224 224 ASN ASN A . n 
A 1 98  ILE 98  225 225 ILE ILE A . n 
A 1 99  THR 99  226 226 THR THR A . n 
A 1 100 ASN 100 227 227 ASN ASN A . n 
A 1 101 GLY 101 228 228 GLY GLY A . n 
A 1 102 ALA 102 229 229 ALA ALA A . n 
A 1 103 ARG 103 230 230 ARG ARG A . n 
A 1 104 LYS 104 231 231 LYS LYS A . n 
A 1 105 ASN 105 232 232 ASN ASN A . n 
A 1 106 ALA 106 233 233 ALA ALA A . n 
A 1 107 PHE 107 234 234 PHE PHE A . n 
A 1 108 LYS 108 235 235 LYS LYS A . n 
A 1 109 ILE 109 236 236 ILE ILE A . n 
A 1 110 LEU 110 237 237 LEU LEU A . n 
A 1 111 VAL 111 238 238 VAL VAL A . n 
A 1 112 VAL 112 239 239 VAL VAL A . n 
A 1 113 ILE 113 240 240 ILE ILE A . n 
A 1 114 THR 114 241 241 THR THR A . n 
A 1 115 ASP 115 242 242 ASP ASP A . n 
A 1 116 GLY 116 243 243 GLY GLY A . n 
A 1 117 GLU 117 244 244 GLU GLU A . n 
A 1 118 LYS 118 245 245 LYS LYS A . n 
A 1 119 PHE 119 246 246 PHE PHE A . n 
A 1 120 GLY 120 247 247 GLY GLY A . n 
A 1 121 ASP 121 248 248 ASP ASP A . n 
A 1 122 PRO 122 249 249 PRO PRO A . n 
A 1 123 LEU 123 250 250 LEU LEU A . n 
A 1 124 GLY 124 251 251 GLY GLY A . n 
A 1 125 TYR 125 252 252 TYR TYR A . n 
A 1 126 GLU 126 253 253 GLU GLU A . n 
A 1 127 ASP 127 254 254 ASP ASP A . n 
A 1 128 VAL 128 255 255 VAL VAL A . n 
A 1 129 ILE 129 256 256 ILE ILE A . n 
A 1 130 PRO 130 257 257 PRO PRO A . n 
A 1 131 GLU 131 258 258 GLU GLU A . n 
A 1 132 ALA 132 259 259 ALA ALA A . n 
A 1 133 ASP 133 260 260 ASP ASP A . n 
A 1 134 ARG 134 261 261 ARG ARG A . n 
A 1 135 GLU 135 262 262 GLU GLU A . n 
A 1 136 GLY 136 263 263 GLY GLY A . n 
A 1 137 VAL 137 264 264 VAL VAL A . n 
A 1 138 ILE 138 265 265 ILE ILE A . n 
A 1 139 ARG 139 266 266 ARG ARG A . n 
A 1 140 TYR 140 267 267 TYR TYR A . n 
A 1 141 VAL 141 268 268 VAL VAL A . n 
A 1 142 ILE 142 269 269 ILE ILE A . n 
A 1 143 GLY 143 270 270 GLY GLY A . n 
A 1 144 VAL 144 271 271 VAL VAL A . n 
A 1 145 GLY 145 272 272 GLY GLY A . n 
A 1 146 ASP 146 273 273 ASP ASP A . n 
A 1 147 ALA 147 274 274 ALA ALA A . n 
A 1 148 PHE 148 275 275 PHE PHE A . n 
A 1 149 ARG 149 276 276 ARG ARG A . n 
A 1 150 SER 150 277 277 SER SER A . n 
A 1 151 GLU 151 278 278 GLU GLU A . n 
A 1 152 LYS 152 279 279 LYS LYS A . n 
A 1 153 SER 153 280 280 SER SER A . n 
A 1 154 ARG 154 281 281 ARG ARG A . n 
A 1 155 GLN 155 282 282 GLN GLN A . n 
A 1 156 GLU 156 283 283 GLU GLU A . n 
A 1 157 LEU 157 284 284 LEU LEU A . n 
A 1 158 ASN 158 285 285 ASN ASN A . n 
A 1 159 THR 159 286 286 THR THR A . n 
A 1 160 ILE 160 287 287 ILE ILE A . n 
A 1 161 ALA 161 288 288 ALA ALA A . n 
A 1 162 SER 162 289 289 SER SER A . n 
A 1 163 LYS 163 290 290 LYS LYS A . n 
A 1 164 PRO 164 291 291 PRO PRO A . n 
A 1 165 PRO 165 292 292 PRO PRO A . n 
A 1 166 ARG 166 293 293 ARG ARG A . n 
A 1 167 ASP 167 294 294 ASP ASP A . n 
A 1 168 HIS 168 295 295 HIS HIS A . n 
A 1 169 VAL 169 296 296 VAL VAL A . n 
A 1 170 PHE 170 297 297 PHE PHE A . n 
A 1 171 GLN 171 298 298 GLN GLN A . n 
A 1 172 VAL 172 299 299 VAL VAL A . n 
A 1 173 ASN 173 300 300 ASN ASN A . n 
A 1 174 ASN 174 301 301 ASN ASN A . n 
A 1 175 PHE 175 302 302 PHE PHE A . n 
A 1 176 GLU 176 303 303 GLU GLU A . n 
A 1 177 ALA 177 304 304 ALA ALA A . n 
A 1 178 LEU 178 305 305 LEU LEU A . n 
A 1 179 LYS 179 306 306 LYS LYS A . n 
A 1 180 THR 180 307 307 THR THR A . n 
A 1 181 ILE 181 308 308 ILE ILE A . n 
A 1 182 GLN 182 309 309 GLN GLN A . n 
A 1 183 ASN 183 310 310 ASN ASN A . n 
A 1 184 GLN 184 311 311 GLN GLN A . n 
A 1 185 LEU 185 312 312 LEU LEU A . n 
A 1 186 ARG 186 313 313 ARG ARG A . n 
A 1 187 GLU 187 314 314 GLU GLU A . n 
A 1 188 LYS 188 315 315 LYS LYS A . n 
A 1 189 ILE 189 316 316 ILE ILE A . n 
A 1 190 PHE 190 317 317 PHE PHE A . n 
A 1 191 ALA 191 318 318 ALA ALA A . n 
A 1 192 ILE 192 319 319 ILE ILE A . n 
A 1 193 GLY 193 320 320 GLY GLY A . n 
A 1 194 SER 194 321 321 SER SER A . n 
A 1 195 PRO 195 322 322 PRO PRO A . n 
A 1 196 GLY 196 323 323 GLY GLY A . n 
A 1 197 ILE 197 324 324 ILE ILE A . n 
# 
loop_
_pdbx_nonpoly_scheme.asym_id 
_pdbx_nonpoly_scheme.entity_id 
_pdbx_nonpoly_scheme.mon_id 
_pdbx_nonpoly_scheme.ndb_seq_num 
_pdbx_nonpoly_scheme.pdb_seq_num 
_pdbx_nonpoly_scheme.auth_seq_num 
_pdbx_nonpoly_scheme.pdb_mon_id 
_pdbx_nonpoly_scheme.auth_mon_id 
_pdbx_nonpoly_scheme.pdb_strand_id 
_pdbx_nonpoly_scheme.pdb_ins_code 
B 2 HOH 1   325 1   HOH TIP A . 
B 2 HOH 2   326 2   HOH TIP A . 
B 2 HOH 3   327 3   HOH TIP A . 
B 2 HOH 4   328 4   HOH TIP A . 
B 2 HOH 5   329 5   HOH TIP A . 
B 2 HOH 6   330 6   HOH TIP A . 
B 2 HOH 7   331 7   HOH TIP A . 
B 2 HOH 8   332 8   HOH TIP A . 
B 2 HOH 9   333 9   HOH TIP A . 
B 2 HOH 10  334 10  HOH TIP A . 
B 2 HOH 11  335 11  HOH TIP A . 
B 2 HOH 12  336 12  HOH TIP A . 
B 2 HOH 13  337 13  HOH TIP A . 
B 2 HOH 14  338 14  HOH TIP A . 
B 2 HOH 15  339 15  HOH TIP A . 
B 2 HOH 16  340 16  HOH TIP A . 
B 2 HOH 17  341 17  HOH TIP A . 
B 2 HOH 18  342 18  HOH TIP A . 
B 2 HOH 19  343 19  HOH TIP A . 
B 2 HOH 20  344 20  HOH TIP A . 
B 2 HOH 21  345 21  HOH TIP A . 
B 2 HOH 22  346 22  HOH TIP A . 
B 2 HOH 23  347 23  HOH TIP A . 
B 2 HOH 24  348 24  HOH TIP A . 
B 2 HOH 25  349 25  HOH TIP A . 
B 2 HOH 26  350 26  HOH TIP A . 
B 2 HOH 27  351 27  HOH TIP A . 
B 2 HOH 28  352 28  HOH TIP A . 
B 2 HOH 29  353 29  HOH TIP A . 
B 2 HOH 30  354 30  HOH TIP A . 
B 2 HOH 31  355 31  HOH TIP A . 
B 2 HOH 32  356 32  HOH TIP A . 
B 2 HOH 33  357 33  HOH TIP A . 
B 2 HOH 34  358 34  HOH TIP A . 
B 2 HOH 35  359 35  HOH TIP A . 
B 2 HOH 36  360 36  HOH TIP A . 
B 2 HOH 37  361 37  HOH TIP A . 
B 2 HOH 38  362 38  HOH TIP A . 
B 2 HOH 39  363 39  HOH TIP A . 
B 2 HOH 40  364 40  HOH TIP A . 
B 2 HOH 41  365 41  HOH TIP A . 
B 2 HOH 42  366 43  HOH TIP A . 
B 2 HOH 43  367 44  HOH TIP A . 
B 2 HOH 44  368 45  HOH TIP A . 
B 2 HOH 45  369 46  HOH TIP A . 
B 2 HOH 46  370 48  HOH TIP A . 
B 2 HOH 47  371 49  HOH TIP A . 
B 2 HOH 48  372 50  HOH TIP A . 
B 2 HOH 49  373 51  HOH TIP A . 
B 2 HOH 50  374 52  HOH TIP A . 
B 2 HOH 51  375 53  HOH TIP A . 
B 2 HOH 52  376 54  HOH TIP A . 
B 2 HOH 53  377 55  HOH TIP A . 
B 2 HOH 54  378 56  HOH TIP A . 
B 2 HOH 55  379 57  HOH TIP A . 
B 2 HOH 56  380 58  HOH TIP A . 
B 2 HOH 57  381 59  HOH TIP A . 
B 2 HOH 58  382 60  HOH TIP A . 
B 2 HOH 59  383 61  HOH TIP A . 
B 2 HOH 60  384 62  HOH TIP A . 
B 2 HOH 61  385 63  HOH TIP A . 
B 2 HOH 62  386 64  HOH TIP A . 
B 2 HOH 63  387 65  HOH TIP A . 
B 2 HOH 64  388 66  HOH TIP A . 
B 2 HOH 65  389 67  HOH TIP A . 
B 2 HOH 66  390 68  HOH TIP A . 
B 2 HOH 67  391 69  HOH TIP A . 
B 2 HOH 68  392 70  HOH TIP A . 
B 2 HOH 69  393 71  HOH TIP A . 
B 2 HOH 70  394 72  HOH TIP A . 
B 2 HOH 71  395 73  HOH TIP A . 
B 2 HOH 72  396 74  HOH TIP A . 
B 2 HOH 73  397 75  HOH TIP A . 
B 2 HOH 74  398 76  HOH TIP A . 
B 2 HOH 75  399 77  HOH TIP A . 
B 2 HOH 76  400 78  HOH TIP A . 
B 2 HOH 77  401 79  HOH TIP A . 
B 2 HOH 78  402 80  HOH TIP A . 
B 2 HOH 79  403 81  HOH TIP A . 
B 2 HOH 80  404 82  HOH TIP A . 
B 2 HOH 81  405 83  HOH TIP A . 
B 2 HOH 82  406 84  HOH TIP A . 
B 2 HOH 83  407 85  HOH TIP A . 
B 2 HOH 84  408 86  HOH TIP A . 
B 2 HOH 85  409 87  HOH TIP A . 
B 2 HOH 86  410 88  HOH TIP A . 
B 2 HOH 87  411 89  HOH TIP A . 
B 2 HOH 88  412 90  HOH TIP A . 
B 2 HOH 89  413 91  HOH TIP A . 
B 2 HOH 90  414 92  HOH TIP A . 
B 2 HOH 91  415 93  HOH TIP A . 
B 2 HOH 92  416 94  HOH TIP A . 
B 2 HOH 93  417 95  HOH TIP A . 
B 2 HOH 94  418 96  HOH TIP A . 
B 2 HOH 95  419 97  HOH TIP A . 
B 2 HOH 96  420 98  HOH TIP A . 
B 2 HOH 97  421 99  HOH TIP A . 
B 2 HOH 98  422 100 HOH TIP A . 
B 2 HOH 99  423 101 HOH TIP A . 
B 2 HOH 100 424 102 HOH TIP A . 
B 2 HOH 101 425 103 HOH TIP A . 
B 2 HOH 102 426 104 HOH TIP A . 
B 2 HOH 103 427 105 HOH TIP A . 
B 2 HOH 104 428 106 HOH TIP A . 
B 2 HOH 105 429 107 HOH TIP A . 
B 2 HOH 106 430 108 HOH TIP A . 
B 2 HOH 107 431 109 HOH TIP A . 
B 2 HOH 108 432 110 HOH TIP A . 
B 2 HOH 109 433 111 HOH TIP A . 
B 2 HOH 110 434 112 HOH TIP A . 
B 2 HOH 111 435 113 HOH TIP A . 
B 2 HOH 112 436 114 HOH TIP A . 
B 2 HOH 113 437 115 HOH TIP A . 
B 2 HOH 114 438 116 HOH TIP A . 
B 2 HOH 115 439 117 HOH TIP A . 
B 2 HOH 116 440 118 HOH TIP A . 
B 2 HOH 117 441 119 HOH TIP A . 
B 2 HOH 118 442 120 HOH TIP A . 
B 2 HOH 119 443 121 HOH TIP A . 
B 2 HOH 120 444 122 HOH TIP A . 
B 2 HOH 121 445 123 HOH TIP A . 
B 2 HOH 122 446 124 HOH TIP A . 
B 2 HOH 123 447 125 HOH TIP A . 
B 2 HOH 124 448 126 HOH TIP A . 
B 2 HOH 125 449 127 HOH TIP A . 
B 2 HOH 126 450 128 HOH TIP A . 
B 2 HOH 127 451 129 HOH TIP A . 
B 2 HOH 128 452 130 HOH TIP A . 
B 2 HOH 129 453 131 HOH TIP A . 
B 2 HOH 130 454 132 HOH TIP A . 
B 2 HOH 131 455 133 HOH TIP A . 
B 2 HOH 132 456 134 HOH TIP A . 
B 2 HOH 133 457 135 HOH TIP A . 
B 2 HOH 134 458 136 HOH TIP A . 
B 2 HOH 135 459 137 HOH TIP A . 
B 2 HOH 136 460 138 HOH TIP A . 
B 2 HOH 137 461 139 HOH TIP A . 
B 2 HOH 138 462 140 HOH TIP A . 
B 2 HOH 139 463 141 HOH TIP A . 
B 2 HOH 140 464 142 HOH TIP A . 
B 2 HOH 141 465 143 HOH TIP A . 
B 2 HOH 142 466 144 HOH TIP A . 
B 2 HOH 143 467 145 HOH TIP A . 
B 2 HOH 144 468 146 HOH TIP A . 
B 2 HOH 145 469 147 HOH TIP A . 
B 2 HOH 146 470 148 HOH TIP A . 
B 2 HOH 147 471 149 HOH TIP A . 
B 2 HOH 148 472 150 HOH TIP A . 
B 2 HOH 149 473 151 HOH TIP A . 
B 2 HOH 150 474 152 HOH TIP A . 
B 2 HOH 151 475 153 HOH TIP A . 
B 2 HOH 152 476 154 HOH TIP A . 
B 2 HOH 153 477 155 HOH TIP A . 
B 2 HOH 154 478 156 HOH TIP A . 
B 2 HOH 155 479 157 HOH TIP A . 
B 2 HOH 156 480 158 HOH TIP A . 
B 2 HOH 157 481 159 HOH TIP A . 
B 2 HOH 158 482 160 HOH TIP A . 
B 2 HOH 159 483 161 HOH TIP A . 
B 2 HOH 160 484 162 HOH TIP A . 
B 2 HOH 161 485 163 HOH TIP A . 
B 2 HOH 162 486 164 HOH TIP A . 
B 2 HOH 163 487 165 HOH TIP A . 
B 2 HOH 164 488 166 HOH TIP A . 
B 2 HOH 165 489 167 HOH TIP A . 
B 2 HOH 166 490 168 HOH TIP A . 
B 2 HOH 167 491 169 HOH TIP A . 
B 2 HOH 168 492 170 HOH TIP A . 
B 2 HOH 169 493 171 HOH TIP A . 
B 2 HOH 170 494 172 HOH TIP A . 
B 2 HOH 171 495 173 HOH TIP A . 
B 2 HOH 172 496 174 HOH TIP A . 
B 2 HOH 173 497 175 HOH TIP A . 
B 2 HOH 174 498 176 HOH TIP A . 
B 2 HOH 175 499 177 HOH TIP A . 
B 2 HOH 176 500 178 HOH TIP A . 
B 2 HOH 177 501 179 HOH TIP A . 
B 2 HOH 178 502 180 HOH TIP A . 
# 
_pdbx_struct_assembly.id                   1 
_pdbx_struct_assembly.details              author_defined_assembly 
_pdbx_struct_assembly.method_details       ? 
_pdbx_struct_assembly.oligomeric_details   monomeric 
_pdbx_struct_assembly.oligomeric_count     1 
# 
_pdbx_struct_assembly_gen.assembly_id       1 
_pdbx_struct_assembly_gen.oper_expression   1 
_pdbx_struct_assembly_gen.asym_id_list      A,B 
# 
_pdbx_struct_oper_list.id                   1 
_pdbx_struct_oper_list.type                 'identity operation' 
_pdbx_struct_oper_list.name                 1_555 
_pdbx_struct_oper_list.symmetry_operation   x,y,z 
_pdbx_struct_oper_list.matrix[1][1]         1.0000000000 
_pdbx_struct_oper_list.matrix[1][2]         0.0000000000 
_pdbx_struct_oper_list.matrix[1][3]         0.0000000000 
_pdbx_struct_oper_list.vector[1]            0.0000000000 
_pdbx_struct_oper_list.matrix[2][1]         0.0000000000 
_pdbx_struct_oper_list.matrix[2][2]         1.0000000000 
_pdbx_struct_oper_list.matrix[2][3]         0.0000000000 
_pdbx_struct_oper_list.vector[2]            0.0000000000 
_pdbx_struct_oper_list.matrix[3][1]         0.0000000000 
_pdbx_struct_oper_list.matrix[3][2]         0.0000000000 
_pdbx_struct_oper_list.matrix[3][3]         1.0000000000 
_pdbx_struct_oper_list.vector[3]            0.0000000000 
# 
loop_
_pdbx_audit_revision_history.ordinal 
_pdbx_audit_revision_history.data_content_type 
_pdbx_audit_revision_history.major_revision 
_pdbx_audit_revision_history.minor_revision 
_pdbx_audit_revision_history.revision_date 
1 'Structure model' 1 0 2003-05-20 
2 'Structure model' 1 1 2008-04-28 
3 'Structure model' 1 2 2011-07-13 
4 'Structure model' 1 3 2023-08-16 
# 
_pdbx_audit_revision_details.ordinal             1 
_pdbx_audit_revision_details.revision_ordinal    1 
_pdbx_audit_revision_details.data_content_type   'Structure model' 
_pdbx_audit_revision_details.provider            repository 
_pdbx_audit_revision_details.type                'Initial release' 
_pdbx_audit_revision_details.description         ? 
_pdbx_audit_revision_details.details             ? 
# 
loop_
_pdbx_audit_revision_group.ordinal 
_pdbx_audit_revision_group.revision_ordinal 
_pdbx_audit_revision_group.data_content_type 
_pdbx_audit_revision_group.group 
1 2 'Structure model' 'Version format compliance' 
2 3 'Structure model' 'Version format compliance' 
3 4 'Structure model' 'Data collection'           
4 4 'Structure model' 'Database references'       
5 4 'Structure model' 'Refinement description'    
# 
loop_
_pdbx_audit_revision_category.ordinal 
_pdbx_audit_revision_category.revision_ordinal 
_pdbx_audit_revision_category.data_content_type 
_pdbx_audit_revision_category.category 
1 4 'Structure model' chem_comp_atom                
2 4 'Structure model' chem_comp_bond                
3 4 'Structure model' database_2                    
4 4 'Structure model' pdbx_initial_refinement_model 
5 4 'Structure model' struct_ref_seq_dif            
# 
loop_
_pdbx_audit_revision_item.ordinal 
_pdbx_audit_revision_item.revision_ordinal 
_pdbx_audit_revision_item.data_content_type 
_pdbx_audit_revision_item.item 
1 4 'Structure model' '_database_2.pdbx_DOI'                
2 4 'Structure model' '_database_2.pdbx_database_accession' 
3 4 'Structure model' '_struct_ref_seq_dif.details'         
# 
loop_
_software.name 
_software.classification 
_software.version 
_software.citation_id 
_software.pdbx_ordinal 
DENZO     'data reduction' .   ? 1 
SCALEPACK 'data scaling'   .   ? 2 
AMoRE     phasing          .   ? 3 
CNS       refinement       1.1 ? 4 
# 
loop_
_pdbx_validate_rmsd_bond.id 
_pdbx_validate_rmsd_bond.PDB_model_num 
_pdbx_validate_rmsd_bond.auth_atom_id_1 
_pdbx_validate_rmsd_bond.auth_asym_id_1 
_pdbx_validate_rmsd_bond.auth_comp_id_1 
_pdbx_validate_rmsd_bond.auth_seq_id_1 
_pdbx_validate_rmsd_bond.PDB_ins_code_1 
_pdbx_validate_rmsd_bond.label_alt_id_1 
_pdbx_validate_rmsd_bond.auth_atom_id_2 
_pdbx_validate_rmsd_bond.auth_asym_id_2 
_pdbx_validate_rmsd_bond.auth_comp_id_2 
_pdbx_validate_rmsd_bond.auth_seq_id_2 
_pdbx_validate_rmsd_bond.PDB_ins_code_2 
_pdbx_validate_rmsd_bond.label_alt_id_2 
_pdbx_validate_rmsd_bond.bond_value 
_pdbx_validate_rmsd_bond.bond_target_value 
_pdbx_validate_rmsd_bond.bond_deviation 
_pdbx_validate_rmsd_bond.bond_standard_deviation 
_pdbx_validate_rmsd_bond.linker_flag 
1 1 C A GLN 175 ? ? N A TYR 176 ? ? 1.504 1.336 0.168 0.023 Y 
2 1 C A GLU 178 ? ? N A GLU 179 ? ? 1.621 1.336 0.285 0.023 Y 
# 
loop_
_pdbx_validate_rmsd_angle.id 
_pdbx_validate_rmsd_angle.PDB_model_num 
_pdbx_validate_rmsd_angle.auth_atom_id_1 
_pdbx_validate_rmsd_angle.auth_asym_id_1 
_pdbx_validate_rmsd_angle.auth_comp_id_1 
_pdbx_validate_rmsd_angle.auth_seq_id_1 
_pdbx_validate_rmsd_angle.PDB_ins_code_1 
_pdbx_validate_rmsd_angle.label_alt_id_1 
_pdbx_validate_rmsd_angle.auth_atom_id_2 
_pdbx_validate_rmsd_angle.auth_asym_id_2 
_pdbx_validate_rmsd_angle.auth_comp_id_2 
_pdbx_validate_rmsd_angle.auth_seq_id_2 
_pdbx_validate_rmsd_angle.PDB_ins_code_2 
_pdbx_validate_rmsd_angle.label_alt_id_2 
_pdbx_validate_rmsd_angle.auth_atom_id_3 
_pdbx_validate_rmsd_angle.auth_asym_id_3 
_pdbx_validate_rmsd_angle.auth_comp_id_3 
_pdbx_validate_rmsd_angle.auth_seq_id_3 
_pdbx_validate_rmsd_angle.PDB_ins_code_3 
_pdbx_validate_rmsd_angle.label_alt_id_3 
_pdbx_validate_rmsd_angle.angle_value 
_pdbx_validate_rmsd_angle.angle_target_value 
_pdbx_validate_rmsd_angle.angle_deviation 
_pdbx_validate_rmsd_angle.angle_standard_deviation 
_pdbx_validate_rmsd_angle.linker_flag 
1 1 O  A GLN 175 ? ? C A GLN 175 ? ? N  A TYR 176 ? ? 132.49 122.70 9.79   1.60 Y 
2 1 C  A GLN 175 ? ? N A TYR 176 ? ? CA A TYR 176 ? ? 103.71 121.70 -17.99 2.50 Y 
3 1 CA A GLU 178 ? ? C A GLU 178 ? ? N  A GLU 179 ? ? 97.63  117.20 -19.57 2.20 Y 
# 
loop_
_pdbx_validate_torsion.id 
_pdbx_validate_torsion.PDB_model_num 
_pdbx_validate_torsion.auth_comp_id 
_pdbx_validate_torsion.auth_asym_id 
_pdbx_validate_torsion.auth_seq_id 
_pdbx_validate_torsion.PDB_ins_code 
_pdbx_validate_torsion.label_alt_id 
_pdbx_validate_torsion.phi 
_pdbx_validate_torsion.psi 
1 1 SER A 177 ? ? -155.53 -95.41 
2 1 LEU A 206 ? ? 72.55   178.34 
3 1 PHE A 223 ? ? -91.21  44.12  
4 1 ASN A 232 ? ? 81.37   -1.48  
5 1 SER A 321 ? ? -151.48 60.88  
# 
_pdbx_validate_main_chain_plane.id                       1 
_pdbx_validate_main_chain_plane.PDB_model_num            1 
_pdbx_validate_main_chain_plane.auth_comp_id             GLU 
_pdbx_validate_main_chain_plane.auth_asym_id             A 
_pdbx_validate_main_chain_plane.auth_seq_id              178 
_pdbx_validate_main_chain_plane.PDB_ins_code             ? 
_pdbx_validate_main_chain_plane.label_alt_id             ? 
_pdbx_validate_main_chain_plane.improper_torsion_angle   -23.49 
# 
_pdbx_validate_polymer_linkage.id               1 
_pdbx_validate_polymer_linkage.PDB_model_num    1 
_pdbx_validate_polymer_linkage.auth_atom_id_1   C 
_pdbx_validate_polymer_linkage.auth_asym_id_1   A 
_pdbx_validate_polymer_linkage.auth_comp_id_1   GLU 
_pdbx_validate_polymer_linkage.auth_seq_id_1    178 
_pdbx_validate_polymer_linkage.PDB_ins_code_1   ? 
_pdbx_validate_polymer_linkage.label_alt_id_1   ? 
_pdbx_validate_polymer_linkage.auth_atom_id_2   N 
_pdbx_validate_polymer_linkage.auth_asym_id_2   A 
_pdbx_validate_polymer_linkage.auth_comp_id_2   GLU 
_pdbx_validate_polymer_linkage.auth_seq_id_2    179 
_pdbx_validate_polymer_linkage.PDB_ins_code_2   ? 
_pdbx_validate_polymer_linkage.label_alt_id_2   ? 
_pdbx_validate_polymer_linkage.dist             1.62 
# 
loop_
_pdbx_unobs_or_zero_occ_atoms.id 
_pdbx_unobs_or_zero_occ_atoms.PDB_model_num 
_pdbx_unobs_or_zero_occ_atoms.polymer_flag 
_pdbx_unobs_or_zero_occ_atoms.occupancy_flag 
_pdbx_unobs_or_zero_occ_atoms.auth_asym_id 
_pdbx_unobs_or_zero_occ_atoms.auth_comp_id 
_pdbx_unobs_or_zero_occ_atoms.auth_seq_id 
_pdbx_unobs_or_zero_occ_atoms.PDB_ins_code 
_pdbx_unobs_or_zero_occ_atoms.auth_atom_id 
_pdbx_unobs_or_zero_occ_atoms.label_alt_id 
_pdbx_unobs_or_zero_occ_atoms.label_asym_id 
_pdbx_unobs_or_zero_occ_atoms.label_comp_id 
_pdbx_unobs_or_zero_occ_atoms.label_seq_id 
_pdbx_unobs_or_zero_occ_atoms.label_atom_id 
1  1 Y 0 A LYS 165 ? CD  ? A LYS 38  CD  
2  1 Y 0 A LYS 165 ? CE  ? A LYS 38  CE  
3  1 Y 0 A LYS 165 ? NZ  ? A LYS 38  NZ  
4  1 Y 0 A LYS 168 ? CG  ? A LYS 41  CG  
5  1 Y 0 A LYS 168 ? CD  ? A LYS 41  CD  
6  1 Y 0 A LYS 168 ? CE  ? A LYS 41  CE  
7  1 Y 0 A LYS 168 ? NZ  ? A LYS 41  NZ  
8  1 Y 0 A GLU 178 ? OE1 ? A GLU 51  OE1 
9  1 Y 0 A GLU 179 ? OE2 ? A GLU 52  OE2 
10 1 Y 0 A ARG 181 ? CD  ? A ARG 54  CD  
11 1 Y 0 A ARG 181 ? NE  ? A ARG 54  NE  
12 1 Y 0 A ARG 181 ? CZ  ? A ARG 54  CZ  
13 1 Y 0 A ARG 181 ? NH1 ? A ARG 54  NH1 
14 1 Y 0 A ARG 181 ? NH2 ? A ARG 54  NH2 
15 1 Y 0 A LYS 187 ? NZ  ? A LYS 60  NZ  
16 1 Y 0 A ILE 225 ? CD1 ? A ILE 98  CD1 
17 1 Y 0 A LYS 231 ? CG  ? A LYS 104 CG  
18 1 Y 0 A LYS 231 ? CD  ? A LYS 104 CD  
19 1 Y 0 A LYS 231 ? CE  ? A LYS 104 CE  
20 1 Y 0 A LYS 231 ? NZ  ? A LYS 104 NZ  
21 1 Y 0 A GLU 253 ? OE2 ? A GLU 126 OE2 
22 1 Y 0 A ARG 276 ? CD  ? A ARG 149 CD  
23 1 Y 0 A ARG 276 ? NE  ? A ARG 149 NE  
24 1 Y 0 A ARG 276 ? CZ  ? A ARG 149 CZ  
25 1 Y 0 A ARG 276 ? NH1 ? A ARG 149 NH1 
26 1 Y 0 A ARG 276 ? NH2 ? A ARG 149 NH2 
27 1 Y 0 A GLU 278 ? CD  ? A GLU 151 CD  
28 1 Y 0 A GLU 278 ? OE1 ? A GLU 151 OE1 
29 1 Y 0 A GLU 278 ? OE2 ? A GLU 151 OE2 
30 1 Y 0 A ARG 281 ? NE  ? A ARG 154 NE  
31 1 Y 0 A ARG 281 ? CZ  ? A ARG 154 CZ  
32 1 Y 0 A ARG 281 ? NH1 ? A ARG 154 NH1 
33 1 Y 0 A ARG 281 ? NH2 ? A ARG 154 NH2 
34 1 Y 0 A GLN 282 ? OE1 ? A GLN 155 OE1 
35 1 Y 0 A GLN 282 ? NE2 ? A GLN 155 NE2 
36 1 Y 0 A ARG 293 ? CB  ? A ARG 166 CB  
37 1 Y 0 A ARG 293 ? CD  ? A ARG 166 CD  
38 1 Y 0 A ARG 293 ? NE  ? A ARG 166 NE  
39 1 Y 0 A ARG 293 ? CZ  ? A ARG 166 CZ  
40 1 Y 0 A ARG 293 ? NH1 ? A ARG 166 NH1 
41 1 Y 0 A ARG 293 ? NH2 ? A ARG 166 NH2 
42 1 Y 0 A GLU 303 ? CD  ? A GLU 176 CD  
43 1 Y 0 A GLU 303 ? OE1 ? A GLU 176 OE1 
44 1 Y 0 A GLU 303 ? OE2 ? A GLU 176 OE2 
45 1 Y 0 A GLN 311 ? CG  ? A GLN 184 CG  
46 1 Y 0 A GLN 311 ? CD  ? A GLN 184 CD  
47 1 Y 0 A GLN 311 ? OE1 ? A GLN 184 OE1 
48 1 Y 0 A GLN 311 ? NE2 ? A GLN 184 NE2 
49 1 Y 0 A PHE 317 ? CD2 ? A PHE 190 CD2 
50 1 Y 0 A ILE 324 ? CG2 ? A ILE 197 CG2 
# 
loop_
_pdbx_unobs_or_zero_occ_residues.id 
_pdbx_unobs_or_zero_occ_residues.PDB_model_num 
_pdbx_unobs_or_zero_occ_residues.polymer_flag 
_pdbx_unobs_or_zero_occ_residues.occupancy_flag 
_pdbx_unobs_or_zero_occ_residues.auth_asym_id 
_pdbx_unobs_or_zero_occ_residues.auth_comp_id 
_pdbx_unobs_or_zero_occ_residues.auth_seq_id 
_pdbx_unobs_or_zero_occ_residues.PDB_ins_code 
_pdbx_unobs_or_zero_occ_residues.label_asym_id 
_pdbx_unobs_or_zero_occ_residues.label_comp_id 
_pdbx_unobs_or_zero_occ_residues.label_seq_id 
1 1 Y 1 A CYS 128 ? A CYS 1 
2 1 Y 1 A PRO 129 ? A PRO 2 
# 
loop_
_chem_comp_atom.comp_id 
_chem_comp_atom.atom_id 
_chem_comp_atom.type_symbol 
_chem_comp_atom.pdbx_aromatic_flag 
_chem_comp_atom.pdbx_stereo_config 
_chem_comp_atom.pdbx_ordinal 
ALA N    N N N 1   
ALA CA   C N S 2   
ALA C    C N N 3   
ALA O    O N N 4   
ALA CB   C N N 5   
ALA OXT  O N N 6   
ALA H    H N N 7   
ALA H2   H N N 8   
ALA HA   H N N 9   
ALA HB1  H N N 10  
ALA HB2  H N N 11  
ALA HB3  H N N 12  
ALA HXT  H N N 13  
ARG N    N N N 14  
ARG CA   C N S 15  
ARG C    C N N 16  
ARG O    O N N 17  
ARG CB   C N N 18  
ARG CG   C N N 19  
ARG CD   C N N 20  
ARG NE   N N N 21  
ARG CZ   C N N 22  
ARG NH1  N N N 23  
ARG NH2  N N N 24  
ARG OXT  O N N 25  
ARG H    H N N 26  
ARG H2   H N N 27  
ARG HA   H N N 28  
ARG HB2  H N N 29  
ARG HB3  H N N 30  
ARG HG2  H N N 31  
ARG HG3  H N N 32  
ARG HD2  H N N 33  
ARG HD3  H N N 34  
ARG HE   H N N 35  
ARG HH11 H N N 36  
ARG HH12 H N N 37  
ARG HH21 H N N 38  
ARG HH22 H N N 39  
ARG HXT  H N N 40  
ASN N    N N N 41  
ASN CA   C N S 42  
ASN C    C N N 43  
ASN O    O N N 44  
ASN CB   C N N 45  
ASN CG   C N N 46  
ASN OD1  O N N 47  
ASN ND2  N N N 48  
ASN OXT  O N N 49  
ASN H    H N N 50  
ASN H2   H N N 51  
ASN HA   H N N 52  
ASN HB2  H N N 53  
ASN HB3  H N N 54  
ASN HD21 H N N 55  
ASN HD22 H N N 56  
ASN HXT  H N N 57  
ASP N    N N N 58  
ASP CA   C N S 59  
ASP C    C N N 60  
ASP O    O N N 61  
ASP CB   C N N 62  
ASP CG   C N N 63  
ASP OD1  O N N 64  
ASP OD2  O N N 65  
ASP OXT  O N N 66  
ASP H    H N N 67  
ASP H2   H N N 68  
ASP HA   H N N 69  
ASP HB2  H N N 70  
ASP HB3  H N N 71  
ASP HD2  H N N 72  
ASP HXT  H N N 73  
CYS N    N N N 74  
CYS CA   C N R 75  
CYS C    C N N 76  
CYS O    O N N 77  
CYS CB   C N N 78  
CYS SG   S N N 79  
CYS OXT  O N N 80  
CYS H    H N N 81  
CYS H2   H N N 82  
CYS HA   H N N 83  
CYS HB2  H N N 84  
CYS HB3  H N N 85  
CYS HG   H N N 86  
CYS HXT  H N N 87  
GLN N    N N N 88  
GLN CA   C N S 89  
GLN C    C N N 90  
GLN O    O N N 91  
GLN CB   C N N 92  
GLN CG   C N N 93  
GLN CD   C N N 94  
GLN OE1  O N N 95  
GLN NE2  N N N 96  
GLN OXT  O N N 97  
GLN H    H N N 98  
GLN H2   H N N 99  
GLN HA   H N N 100 
GLN HB2  H N N 101 
GLN HB3  H N N 102 
GLN HG2  H N N 103 
GLN HG3  H N N 104 
GLN HE21 H N N 105 
GLN HE22 H N N 106 
GLN HXT  H N N 107 
GLU N    N N N 108 
GLU CA   C N S 109 
GLU C    C N N 110 
GLU O    O N N 111 
GLU CB   C N N 112 
GLU CG   C N N 113 
GLU CD   C N N 114 
GLU OE1  O N N 115 
GLU OE2  O N N 116 
GLU OXT  O N N 117 
GLU H    H N N 118 
GLU H2   H N N 119 
GLU HA   H N N 120 
GLU HB2  H N N 121 
GLU HB3  H N N 122 
GLU HG2  H N N 123 
GLU HG3  H N N 124 
GLU HE2  H N N 125 
GLU HXT  H N N 126 
GLY N    N N N 127 
GLY CA   C N N 128 
GLY C    C N N 129 
GLY O    O N N 130 
GLY OXT  O N N 131 
GLY H    H N N 132 
GLY H2   H N N 133 
GLY HA2  H N N 134 
GLY HA3  H N N 135 
GLY HXT  H N N 136 
HIS N    N N N 137 
HIS CA   C N S 138 
HIS C    C N N 139 
HIS O    O N N 140 
HIS CB   C N N 141 
HIS CG   C Y N 142 
HIS ND1  N Y N 143 
HIS CD2  C Y N 144 
HIS CE1  C Y N 145 
HIS NE2  N Y N 146 
HIS OXT  O N N 147 
HIS H    H N N 148 
HIS H2   H N N 149 
HIS HA   H N N 150 
HIS HB2  H N N 151 
HIS HB3  H N N 152 
HIS HD1  H N N 153 
HIS HD2  H N N 154 
HIS HE1  H N N 155 
HIS HE2  H N N 156 
HIS HXT  H N N 157 
HOH O    O N N 158 
HOH H1   H N N 159 
HOH H2   H N N 160 
ILE N    N N N 161 
ILE CA   C N S 162 
ILE C    C N N 163 
ILE O    O N N 164 
ILE CB   C N S 165 
ILE CG1  C N N 166 
ILE CG2  C N N 167 
ILE CD1  C N N 168 
ILE OXT  O N N 169 
ILE H    H N N 170 
ILE H2   H N N 171 
ILE HA   H N N 172 
ILE HB   H N N 173 
ILE HG12 H N N 174 
ILE HG13 H N N 175 
ILE HG21 H N N 176 
ILE HG22 H N N 177 
ILE HG23 H N N 178 
ILE HD11 H N N 179 
ILE HD12 H N N 180 
ILE HD13 H N N 181 
ILE HXT  H N N 182 
LEU N    N N N 183 
LEU CA   C N S 184 
LEU C    C N N 185 
LEU O    O N N 186 
LEU CB   C N N 187 
LEU CG   C N N 188 
LEU CD1  C N N 189 
LEU CD2  C N N 190 
LEU OXT  O N N 191 
LEU H    H N N 192 
LEU H2   H N N 193 
LEU HA   H N N 194 
LEU HB2  H N N 195 
LEU HB3  H N N 196 
LEU HG   H N N 197 
LEU HD11 H N N 198 
LEU HD12 H N N 199 
LEU HD13 H N N 200 
LEU HD21 H N N 201 
LEU HD22 H N N 202 
LEU HD23 H N N 203 
LEU HXT  H N N 204 
LYS N    N N N 205 
LYS CA   C N S 206 
LYS C    C N N 207 
LYS O    O N N 208 
LYS CB   C N N 209 
LYS CG   C N N 210 
LYS CD   C N N 211 
LYS CE   C N N 212 
LYS NZ   N N N 213 
LYS OXT  O N N 214 
LYS H    H N N 215 
LYS H2   H N N 216 
LYS HA   H N N 217 
LYS HB2  H N N 218 
LYS HB3  H N N 219 
LYS HG2  H N N 220 
LYS HG3  H N N 221 
LYS HD2  H N N 222 
LYS HD3  H N N 223 
LYS HE2  H N N 224 
LYS HE3  H N N 225 
LYS HZ1  H N N 226 
LYS HZ2  H N N 227 
LYS HZ3  H N N 228 
LYS HXT  H N N 229 
MET N    N N N 230 
MET CA   C N S 231 
MET C    C N N 232 
MET O    O N N 233 
MET CB   C N N 234 
MET CG   C N N 235 
MET SD   S N N 236 
MET CE   C N N 237 
MET OXT  O N N 238 
MET H    H N N 239 
MET H2   H N N 240 
MET HA   H N N 241 
MET HB2  H N N 242 
MET HB3  H N N 243 
MET HG2  H N N 244 
MET HG3  H N N 245 
MET HE1  H N N 246 
MET HE2  H N N 247 
MET HE3  H N N 248 
MET HXT  H N N 249 
PHE N    N N N 250 
PHE CA   C N S 251 
PHE C    C N N 252 
PHE O    O N N 253 
PHE CB   C N N 254 
PHE CG   C Y N 255 
PHE CD1  C Y N 256 
PHE CD2  C Y N 257 
PHE CE1  C Y N 258 
PHE CE2  C Y N 259 
PHE CZ   C Y N 260 
PHE OXT  O N N 261 
PHE H    H N N 262 
PHE H2   H N N 263 
PHE HA   H N N 264 
PHE HB2  H N N 265 
PHE HB3  H N N 266 
PHE HD1  H N N 267 
PHE HD2  H N N 268 
PHE HE1  H N N 269 
PHE HE2  H N N 270 
PHE HZ   H N N 271 
PHE HXT  H N N 272 
PRO N    N N N 273 
PRO CA   C N S 274 
PRO C    C N N 275 
PRO O    O N N 276 
PRO CB   C N N 277 
PRO CG   C N N 278 
PRO CD   C N N 279 
PRO OXT  O N N 280 
PRO H    H N N 281 
PRO HA   H N N 282 
PRO HB2  H N N 283 
PRO HB3  H N N 284 
PRO HG2  H N N 285 
PRO HG3  H N N 286 
PRO HD2  H N N 287 
PRO HD3  H N N 288 
PRO HXT  H N N 289 
SER N    N N N 290 
SER CA   C N S 291 
SER C    C N N 292 
SER O    O N N 293 
SER CB   C N N 294 
SER OG   O N N 295 
SER OXT  O N N 296 
SER H    H N N 297 
SER H2   H N N 298 
SER HA   H N N 299 
SER HB2  H N N 300 
SER HB3  H N N 301 
SER HG   H N N 302 
SER HXT  H N N 303 
THR N    N N N 304 
THR CA   C N S 305 
THR C    C N N 306 
THR O    O N N 307 
THR CB   C N R 308 
THR OG1  O N N 309 
THR CG2  C N N 310 
THR OXT  O N N 311 
THR H    H N N 312 
THR H2   H N N 313 
THR HA   H N N 314 
THR HB   H N N 315 
THR HG1  H N N 316 
THR HG21 H N N 317 
THR HG22 H N N 318 
THR HG23 H N N 319 
THR HXT  H N N 320 
TYR N    N N N 321 
TYR CA   C N S 322 
TYR C    C N N 323 
TYR O    O N N 324 
TYR CB   C N N 325 
TYR CG   C Y N 326 
TYR CD1  C Y N 327 
TYR CD2  C Y N 328 
TYR CE1  C Y N 329 
TYR CE2  C Y N 330 
TYR CZ   C Y N 331 
TYR OH   O N N 332 
TYR OXT  O N N 333 
TYR H    H N N 334 
TYR H2   H N N 335 
TYR HA   H N N 336 
TYR HB2  H N N 337 
TYR HB3  H N N 338 
TYR HD1  H N N 339 
TYR HD2  H N N 340 
TYR HE1  H N N 341 
TYR HE2  H N N 342 
TYR HH   H N N 343 
TYR HXT  H N N 344 
VAL N    N N N 345 
VAL CA   C N S 346 
VAL C    C N N 347 
VAL O    O N N 348 
VAL CB   C N N 349 
VAL CG1  C N N 350 
VAL CG2  C N N 351 
VAL OXT  O N N 352 
VAL H    H N N 353 
VAL H2   H N N 354 
VAL HA   H N N 355 
VAL HB   H N N 356 
VAL HG11 H N N 357 
VAL HG12 H N N 358 
VAL HG13 H N N 359 
VAL HG21 H N N 360 
VAL HG22 H N N 361 
VAL HG23 H N N 362 
VAL HXT  H N N 363 
# 
loop_
_chem_comp_bond.comp_id 
_chem_comp_bond.atom_id_1 
_chem_comp_bond.atom_id_2 
_chem_comp_bond.value_order 
_chem_comp_bond.pdbx_aromatic_flag 
_chem_comp_bond.pdbx_stereo_config 
_chem_comp_bond.pdbx_ordinal 
ALA N   CA   sing N N 1   
ALA N   H    sing N N 2   
ALA N   H2   sing N N 3   
ALA CA  C    sing N N 4   
ALA CA  CB   sing N N 5   
ALA CA  HA   sing N N 6   
ALA C   O    doub N N 7   
ALA C   OXT  sing N N 8   
ALA CB  HB1  sing N N 9   
ALA CB  HB2  sing N N 10  
ALA CB  HB3  sing N N 11  
ALA OXT HXT  sing N N 12  
ARG N   CA   sing N N 13  
ARG N   H    sing N N 14  
ARG N   H2   sing N N 15  
ARG CA  C    sing N N 16  
ARG CA  CB   sing N N 17  
ARG CA  HA   sing N N 18  
ARG C   O    doub N N 19  
ARG C   OXT  sing N N 20  
ARG CB  CG   sing N N 21  
ARG CB  HB2  sing N N 22  
ARG CB  HB3  sing N N 23  
ARG CG  CD   sing N N 24  
ARG CG  HG2  sing N N 25  
ARG CG  HG3  sing N N 26  
ARG CD  NE   sing N N 27  
ARG CD  HD2  sing N N 28  
ARG CD  HD3  sing N N 29  
ARG NE  CZ   sing N N 30  
ARG NE  HE   sing N N 31  
ARG CZ  NH1  sing N N 32  
ARG CZ  NH2  doub N N 33  
ARG NH1 HH11 sing N N 34  
ARG NH1 HH12 sing N N 35  
ARG NH2 HH21 sing N N 36  
ARG NH2 HH22 sing N N 37  
ARG OXT HXT  sing N N 38  
ASN N   CA   sing N N 39  
ASN N   H    sing N N 40  
ASN N   H2   sing N N 41  
ASN CA  C    sing N N 42  
ASN CA  CB   sing N N 43  
ASN CA  HA   sing N N 44  
ASN C   O    doub N N 45  
ASN C   OXT  sing N N 46  
ASN CB  CG   sing N N 47  
ASN CB  HB2  sing N N 48  
ASN CB  HB3  sing N N 49  
ASN CG  OD1  doub N N 50  
ASN CG  ND2  sing N N 51  
ASN ND2 HD21 sing N N 52  
ASN ND2 HD22 sing N N 53  
ASN OXT HXT  sing N N 54  
ASP N   CA   sing N N 55  
ASP N   H    sing N N 56  
ASP N   H2   sing N N 57  
ASP CA  C    sing N N 58  
ASP CA  CB   sing N N 59  
ASP CA  HA   sing N N 60  
ASP C   O    doub N N 61  
ASP C   OXT  sing N N 62  
ASP CB  CG   sing N N 63  
ASP CB  HB2  sing N N 64  
ASP CB  HB3  sing N N 65  
ASP CG  OD1  doub N N 66  
ASP CG  OD2  sing N N 67  
ASP OD2 HD2  sing N N 68  
ASP OXT HXT  sing N N 69  
CYS N   CA   sing N N 70  
CYS N   H    sing N N 71  
CYS N   H2   sing N N 72  
CYS CA  C    sing N N 73  
CYS CA  CB   sing N N 74  
CYS CA  HA   sing N N 75  
CYS C   O    doub N N 76  
CYS C   OXT  sing N N 77  
CYS CB  SG   sing N N 78  
CYS CB  HB2  sing N N 79  
CYS CB  HB3  sing N N 80  
CYS SG  HG   sing N N 81  
CYS OXT HXT  sing N N 82  
GLN N   CA   sing N N 83  
GLN N   H    sing N N 84  
GLN N   H2   sing N N 85  
GLN CA  C    sing N N 86  
GLN CA  CB   sing N N 87  
GLN CA  HA   sing N N 88  
GLN C   O    doub N N 89  
GLN C   OXT  sing N N 90  
GLN CB  CG   sing N N 91  
GLN CB  HB2  sing N N 92  
GLN CB  HB3  sing N N 93  
GLN CG  CD   sing N N 94  
GLN CG  HG2  sing N N 95  
GLN CG  HG3  sing N N 96  
GLN CD  OE1  doub N N 97  
GLN CD  NE2  sing N N 98  
GLN NE2 HE21 sing N N 99  
GLN NE2 HE22 sing N N 100 
GLN OXT HXT  sing N N 101 
GLU N   CA   sing N N 102 
GLU N   H    sing N N 103 
GLU N   H2   sing N N 104 
GLU CA  C    sing N N 105 
GLU CA  CB   sing N N 106 
GLU CA  HA   sing N N 107 
GLU C   O    doub N N 108 
GLU C   OXT  sing N N 109 
GLU CB  CG   sing N N 110 
GLU CB  HB2  sing N N 111 
GLU CB  HB3  sing N N 112 
GLU CG  CD   sing N N 113 
GLU CG  HG2  sing N N 114 
GLU CG  HG3  sing N N 115 
GLU CD  OE1  doub N N 116 
GLU CD  OE2  sing N N 117 
GLU OE2 HE2  sing N N 118 
GLU OXT HXT  sing N N 119 
GLY N   CA   sing N N 120 
GLY N   H    sing N N 121 
GLY N   H2   sing N N 122 
GLY CA  C    sing N N 123 
GLY CA  HA2  sing N N 124 
GLY CA  HA3  sing N N 125 
GLY C   O    doub N N 126 
GLY C   OXT  sing N N 127 
GLY OXT HXT  sing N N 128 
HIS N   CA   sing N N 129 
HIS N   H    sing N N 130 
HIS N   H2   sing N N 131 
HIS CA  C    sing N N 132 
HIS CA  CB   sing N N 133 
HIS CA  HA   sing N N 134 
HIS C   O    doub N N 135 
HIS C   OXT  sing N N 136 
HIS CB  CG   sing N N 137 
HIS CB  HB2  sing N N 138 
HIS CB  HB3  sing N N 139 
HIS CG  ND1  sing Y N 140 
HIS CG  CD2  doub Y N 141 
HIS ND1 CE1  doub Y N 142 
HIS ND1 HD1  sing N N 143 
HIS CD2 NE2  sing Y N 144 
HIS CD2 HD2  sing N N 145 
HIS CE1 NE2  sing Y N 146 
HIS CE1 HE1  sing N N 147 
HIS NE2 HE2  sing N N 148 
HIS OXT HXT  sing N N 149 
HOH O   H1   sing N N 150 
HOH O   H2   sing N N 151 
ILE N   CA   sing N N 152 
ILE N   H    sing N N 153 
ILE N   H2   sing N N 154 
ILE CA  C    sing N N 155 
ILE CA  CB   sing N N 156 
ILE CA  HA   sing N N 157 
ILE C   O    doub N N 158 
ILE C   OXT  sing N N 159 
ILE CB  CG1  sing N N 160 
ILE CB  CG2  sing N N 161 
ILE CB  HB   sing N N 162 
ILE CG1 CD1  sing N N 163 
ILE CG1 HG12 sing N N 164 
ILE CG1 HG13 sing N N 165 
ILE CG2 HG21 sing N N 166 
ILE CG2 HG22 sing N N 167 
ILE CG2 HG23 sing N N 168 
ILE CD1 HD11 sing N N 169 
ILE CD1 HD12 sing N N 170 
ILE CD1 HD13 sing N N 171 
ILE OXT HXT  sing N N 172 
LEU N   CA   sing N N 173 
LEU N   H    sing N N 174 
LEU N   H2   sing N N 175 
LEU CA  C    sing N N 176 
LEU CA  CB   sing N N 177 
LEU CA  HA   sing N N 178 
LEU C   O    doub N N 179 
LEU C   OXT  sing N N 180 
LEU CB  CG   sing N N 181 
LEU CB  HB2  sing N N 182 
LEU CB  HB3  sing N N 183 
LEU CG  CD1  sing N N 184 
LEU CG  CD2  sing N N 185 
LEU CG  HG   sing N N 186 
LEU CD1 HD11 sing N N 187 
LEU CD1 HD12 sing N N 188 
LEU CD1 HD13 sing N N 189 
LEU CD2 HD21 sing N N 190 
LEU CD2 HD22 sing N N 191 
LEU CD2 HD23 sing N N 192 
LEU OXT HXT  sing N N 193 
LYS N   CA   sing N N 194 
LYS N   H    sing N N 195 
LYS N   H2   sing N N 196 
LYS CA  C    sing N N 197 
LYS CA  CB   sing N N 198 
LYS CA  HA   sing N N 199 
LYS C   O    doub N N 200 
LYS C   OXT  sing N N 201 
LYS CB  CG   sing N N 202 
LYS CB  HB2  sing N N 203 
LYS CB  HB3  sing N N 204 
LYS CG  CD   sing N N 205 
LYS CG  HG2  sing N N 206 
LYS CG  HG3  sing N N 207 
LYS CD  CE   sing N N 208 
LYS CD  HD2  sing N N 209 
LYS CD  HD3  sing N N 210 
LYS CE  NZ   sing N N 211 
LYS CE  HE2  sing N N 212 
LYS CE  HE3  sing N N 213 
LYS NZ  HZ1  sing N N 214 
LYS NZ  HZ2  sing N N 215 
LYS NZ  HZ3  sing N N 216 
LYS OXT HXT  sing N N 217 
MET N   CA   sing N N 218 
MET N   H    sing N N 219 
MET N   H2   sing N N 220 
MET CA  C    sing N N 221 
MET CA  CB   sing N N 222 
MET CA  HA   sing N N 223 
MET C   O    doub N N 224 
MET C   OXT  sing N N 225 
MET CB  CG   sing N N 226 
MET CB  HB2  sing N N 227 
MET CB  HB3  sing N N 228 
MET CG  SD   sing N N 229 
MET CG  HG2  sing N N 230 
MET CG  HG3  sing N N 231 
MET SD  CE   sing N N 232 
MET CE  HE1  sing N N 233 
MET CE  HE2  sing N N 234 
MET CE  HE3  sing N N 235 
MET OXT HXT  sing N N 236 
PHE N   CA   sing N N 237 
PHE N   H    sing N N 238 
PHE N   H2   sing N N 239 
PHE CA  C    sing N N 240 
PHE CA  CB   sing N N 241 
PHE CA  HA   sing N N 242 
PHE C   O    doub N N 243 
PHE C   OXT  sing N N 244 
PHE CB  CG   sing N N 245 
PHE CB  HB2  sing N N 246 
PHE CB  HB3  sing N N 247 
PHE CG  CD1  doub Y N 248 
PHE CG  CD2  sing Y N 249 
PHE CD1 CE1  sing Y N 250 
PHE CD1 HD1  sing N N 251 
PHE CD2 CE2  doub Y N 252 
PHE CD2 HD2  sing N N 253 
PHE CE1 CZ   doub Y N 254 
PHE CE1 HE1  sing N N 255 
PHE CE2 CZ   sing Y N 256 
PHE CE2 HE2  sing N N 257 
PHE CZ  HZ   sing N N 258 
PHE OXT HXT  sing N N 259 
PRO N   CA   sing N N 260 
PRO N   CD   sing N N 261 
PRO N   H    sing N N 262 
PRO CA  C    sing N N 263 
PRO CA  CB   sing N N 264 
PRO CA  HA   sing N N 265 
PRO C   O    doub N N 266 
PRO C   OXT  sing N N 267 
PRO CB  CG   sing N N 268 
PRO CB  HB2  sing N N 269 
PRO CB  HB3  sing N N 270 
PRO CG  CD   sing N N 271 
PRO CG  HG2  sing N N 272 
PRO CG  HG3  sing N N 273 
PRO CD  HD2  sing N N 274 
PRO CD  HD3  sing N N 275 
PRO OXT HXT  sing N N 276 
SER N   CA   sing N N 277 
SER N   H    sing N N 278 
SER N   H2   sing N N 279 
SER CA  C    sing N N 280 
SER CA  CB   sing N N 281 
SER CA  HA   sing N N 282 
SER C   O    doub N N 283 
SER C   OXT  sing N N 284 
SER CB  OG   sing N N 285 
SER CB  HB2  sing N N 286 
SER CB  HB3  sing N N 287 
SER OG  HG   sing N N 288 
SER OXT HXT  sing N N 289 
THR N   CA   sing N N 290 
THR N   H    sing N N 291 
THR N   H2   sing N N 292 
THR CA  C    sing N N 293 
THR CA  CB   sing N N 294 
THR CA  HA   sing N N 295 
THR C   O    doub N N 296 
THR C   OXT  sing N N 297 
THR CB  OG1  sing N N 298 
THR CB  CG2  sing N N 299 
THR CB  HB   sing N N 300 
THR OG1 HG1  sing N N 301 
THR CG2 HG21 sing N N 302 
THR CG2 HG22 sing N N 303 
THR CG2 HG23 sing N N 304 
THR OXT HXT  sing N N 305 
TYR N   CA   sing N N 306 
TYR N   H    sing N N 307 
TYR N   H2   sing N N 308 
TYR CA  C    sing N N 309 
TYR CA  CB   sing N N 310 
TYR CA  HA   sing N N 311 
TYR C   O    doub N N 312 
TYR C   OXT  sing N N 313 
TYR CB  CG   sing N N 314 
TYR CB  HB2  sing N N 315 
TYR CB  HB3  sing N N 316 
TYR CG  CD1  doub Y N 317 
TYR CG  CD2  sing Y N 318 
TYR CD1 CE1  sing Y N 319 
TYR CD1 HD1  sing N N 320 
TYR CD2 CE2  doub Y N 321 
TYR CD2 HD2  sing N N 322 
TYR CE1 CZ   doub Y N 323 
TYR CE1 HE1  sing N N 324 
TYR CE2 CZ   sing Y N 325 
TYR CE2 HE2  sing N N 326 
TYR CZ  OH   sing N N 327 
TYR OH  HH   sing N N 328 
TYR OXT HXT  sing N N 329 
VAL N   CA   sing N N 330 
VAL N   H    sing N N 331 
VAL N   H2   sing N N 332 
VAL CA  C    sing N N 333 
VAL CA  CB   sing N N 334 
VAL CA  HA   sing N N 335 
VAL C   O    doub N N 336 
VAL C   OXT  sing N N 337 
VAL CB  CG1  sing N N 338 
VAL CB  CG2  sing N N 339 
VAL CB  HB   sing N N 340 
VAL CG1 HG11 sing N N 341 
VAL CG1 HG12 sing N N 342 
VAL CG1 HG13 sing N N 343 
VAL CG2 HG21 sing N N 344 
VAL CG2 HG22 sing N N 345 
VAL CG2 HG23 sing N N 346 
VAL OXT HXT  sing N N 347 
# 
_pdbx_entity_nonpoly.entity_id   2 
_pdbx_entity_nonpoly.name        water 
_pdbx_entity_nonpoly.comp_id     HOH 
# 
_pdbx_initial_refinement_model.id               1 
_pdbx_initial_refinement_model.entity_id_list   ? 
_pdbx_initial_refinement_model.type             'experimental model' 
_pdbx_initial_refinement_model.source_name      PDB 
_pdbx_initial_refinement_model.accession_code   1JLM 
_pdbx_initial_refinement_model.details          'PDB ENTRY 1JLM' 
# 
